data_5ZM9
# 
_entry.id   5ZM9 
# 
_audit_conform.dict_name       mmcif_pdbx.dic 
_audit_conform.dict_version    5.387 
_audit_conform.dict_location   http://mmcif.pdb.org/dictionaries/ascii/mmcif_pdbx.dic 
# 
loop_
_database_2.database_id 
_database_2.database_code 
_database_2.pdbx_database_accession 
_database_2.pdbx_DOI 
PDB   5ZM9         pdb_00005zm9 10.2210/pdb5zm9/pdb 
WWPDB D_1300007319 ?            ?                   
# 
loop_
_pdbx_audit_revision_history.ordinal 
_pdbx_audit_revision_history.data_content_type 
_pdbx_audit_revision_history.major_revision 
_pdbx_audit_revision_history.minor_revision 
_pdbx_audit_revision_history.revision_date 
1 'Structure model' 1 0 2019-01-02 
2 'Structure model' 1 1 2019-04-24 
3 'Structure model' 1 2 2024-03-27 
# 
_pdbx_audit_revision_details.ordinal             1 
_pdbx_audit_revision_details.revision_ordinal    1 
_pdbx_audit_revision_details.data_content_type   'Structure model' 
_pdbx_audit_revision_details.provider            repository 
_pdbx_audit_revision_details.type                'Initial release' 
_pdbx_audit_revision_details.description         ? 
_pdbx_audit_revision_details.details             ? 
# 
loop_
_pdbx_audit_revision_group.ordinal 
_pdbx_audit_revision_group.revision_ordinal 
_pdbx_audit_revision_group.data_content_type 
_pdbx_audit_revision_group.group 
1 2 'Structure model' 'Data collection'     
2 2 'Structure model' 'Database references' 
3 3 'Structure model' 'Data collection'     
4 3 'Structure model' 'Database references' 
# 
loop_
_pdbx_audit_revision_category.ordinal 
_pdbx_audit_revision_category.revision_ordinal 
_pdbx_audit_revision_category.data_content_type 
_pdbx_audit_revision_category.category 
1 2 'Structure model' citation       
2 3 'Structure model' chem_comp_atom 
3 3 'Structure model' chem_comp_bond 
4 3 'Structure model' database_2     
# 
loop_
_pdbx_audit_revision_item.ordinal 
_pdbx_audit_revision_item.revision_ordinal 
_pdbx_audit_revision_item.data_content_type 
_pdbx_audit_revision_item.item 
1 2 'Structure model' '_citation.journal_volume'            
2 2 'Structure model' '_citation.page_first'                
3 2 'Structure model' '_citation.page_last'                 
4 2 'Structure model' '_citation.year'                      
5 3 'Structure model' '_database_2.pdbx_DOI'                
6 3 'Structure model' '_database_2.pdbx_database_accession' 
# 
_pdbx_database_status.status_code                     REL 
_pdbx_database_status.status_code_sf                  REL 
_pdbx_database_status.status_code_mr                  ? 
_pdbx_database_status.entry_id                        5ZM9 
_pdbx_database_status.recvd_initial_deposition_date   2018-04-02 
_pdbx_database_status.SG_entry                        N 
_pdbx_database_status.deposit_site                    PDBJ 
_pdbx_database_status.process_site                    PDBJ 
_pdbx_database_status.status_code_cs                  ? 
_pdbx_database_status.methods_development_category    ? 
_pdbx_database_status.pdb_format_compatible           Y 
_pdbx_database_status.status_code_nmr_data            ? 
# 
loop_
_audit_author.name 
_audit_author.pdbx_ordinal 
_audit_author.identifier_ORCID 
'Kim, J.'    1 ? 
'Fukuda, Y.' 2 ? 
'Inoue, T.'  3 ? 
# 
_citation.abstract                  ? 
_citation.abstract_id_CAS           ? 
_citation.book_id_ISBN              ? 
_citation.book_publisher            ? 
_citation.book_publisher_city       ? 
_citation.book_title                ? 
_citation.coordinate_linkage        ? 
_citation.country                   UK 
_citation.database_id_Medline       ? 
_citation.details                   ? 
_citation.id                        primary 
_citation.journal_abbrev            'FEBS J.' 
_citation.journal_id_ASTM           ? 
_citation.journal_id_CSD            ? 
_citation.journal_id_ISSN           1742-4658 
_citation.journal_full              ? 
_citation.journal_issue             ? 
_citation.journal_volume            286 
_citation.language                  ? 
_citation.page_first                1287 
_citation.page_last                 1304 
_citation.title                     
'Crystal structure of Kumaglobin: a hexacoordinated heme protein from an anhydrobiotic tardigrade, Ramazzottius varieornatus.' 
_citation.year                      2019 
_citation.database_id_CSD           ? 
_citation.pdbx_database_id_DOI      10.1111/febs.14713 
_citation.pdbx_database_id_PubMed   30506636 
_citation.unpublished_flag          ? 
# 
loop_
_citation_author.citation_id 
_citation_author.name 
_citation_author.ordinal 
_citation_author.identifier_ORCID 
primary 'Kim, J.'    1 ? 
primary 'Fukuda, Y.' 2 ? 
primary 'Inoue, T.'  3 ? 
# 
loop_
_entity.id 
_entity.type 
_entity.src_method 
_entity.pdbx_description 
_entity.formula_weight 
_entity.pdbx_number_of_molecules 
_entity.pdbx_ec 
_entity.pdbx_mutation 
_entity.pdbx_fragment 
_entity.details 
1 polymer     man 'Globin Protein'                  20268.951 1  ? ? ? ? 
2 non-polymer syn 'PROTOPORPHYRIN IX CONTAINING FE' 616.487   1  ? ? ? ? 
3 non-polymer syn 'CHLORIDE ION'                    35.453    1  ? ? ? ? 
4 water       nat water                             18.015    33 ? ? ? ? 
# 
_entity_poly.entity_id                      1 
_entity_poly.type                           'polypeptide(L)' 
_entity_poly.nstd_linkage                   no 
_entity_poly.nstd_monomer                   no 
_entity_poly.pdbx_seq_one_letter_code       
;MGSSHHHHHHENLYFQSDPRFPLTARDKFSLVKSWKTFSRNLESAGKEMLLKLFIEHPDMKDLFPKFKAKTPDQLRNDES
FEEAALAHITPYDQAVQDSDNVDILLTNLKRVGRQHKTVPGFQESYFERMEKCLVFALQTTLADAYTENMERIYKIWISW
TTEKIREGFRE
;
_entity_poly.pdbx_seq_one_letter_code_can   
;MGSSHHHHHHENLYFQSDPRFPLTARDKFSLVKSWKTFSRNLESAGKEMLLKLFIEHPDMKDLFPKFKAKTPDQLRNDES
FEEAALAHITPYDQAVQDSDNVDILLTNLKRVGRQHKTVPGFQESYFERMEKCLVFALQTTLADAYTENMERIYKIWISW
TTEKIREGFRE
;
_entity_poly.pdbx_strand_id                 D 
_entity_poly.pdbx_target_identifier         ? 
# 
loop_
_pdbx_entity_nonpoly.entity_id 
_pdbx_entity_nonpoly.name 
_pdbx_entity_nonpoly.comp_id 
2 'PROTOPORPHYRIN IX CONTAINING FE' HEM 
3 'CHLORIDE ION'                    CL  
4 water                             HOH 
# 
loop_
_entity_poly_seq.entity_id 
_entity_poly_seq.num 
_entity_poly_seq.mon_id 
_entity_poly_seq.hetero 
1 1   MET n 
1 2   GLY n 
1 3   SER n 
1 4   SER n 
1 5   HIS n 
1 6   HIS n 
1 7   HIS n 
1 8   HIS n 
1 9   HIS n 
1 10  HIS n 
1 11  GLU n 
1 12  ASN n 
1 13  LEU n 
1 14  TYR n 
1 15  PHE n 
1 16  GLN n 
1 17  SER n 
1 18  ASP n 
1 19  PRO n 
1 20  ARG n 
1 21  PHE n 
1 22  PRO n 
1 23  LEU n 
1 24  THR n 
1 25  ALA n 
1 26  ARG n 
1 27  ASP n 
1 28  LYS n 
1 29  PHE n 
1 30  SER n 
1 31  LEU n 
1 32  VAL n 
1 33  LYS n 
1 34  SER n 
1 35  TRP n 
1 36  LYS n 
1 37  THR n 
1 38  PHE n 
1 39  SER n 
1 40  ARG n 
1 41  ASN n 
1 42  LEU n 
1 43  GLU n 
1 44  SER n 
1 45  ALA n 
1 46  GLY n 
1 47  LYS n 
1 48  GLU n 
1 49  MET n 
1 50  LEU n 
1 51  LEU n 
1 52  LYS n 
1 53  LEU n 
1 54  PHE n 
1 55  ILE n 
1 56  GLU n 
1 57  HIS n 
1 58  PRO n 
1 59  ASP n 
1 60  MET n 
1 61  LYS n 
1 62  ASP n 
1 63  LEU n 
1 64  PHE n 
1 65  PRO n 
1 66  LYS n 
1 67  PHE n 
1 68  LYS n 
1 69  ALA n 
1 70  LYS n 
1 71  THR n 
1 72  PRO n 
1 73  ASP n 
1 74  GLN n 
1 75  LEU n 
1 76  ARG n 
1 77  ASN n 
1 78  ASP n 
1 79  GLU n 
1 80  SER n 
1 81  PHE n 
1 82  GLU n 
1 83  GLU n 
1 84  ALA n 
1 85  ALA n 
1 86  LEU n 
1 87  ALA n 
1 88  HIS n 
1 89  ILE n 
1 90  THR n 
1 91  PRO n 
1 92  TYR n 
1 93  ASP n 
1 94  GLN n 
1 95  ALA n 
1 96  VAL n 
1 97  GLN n 
1 98  ASP n 
1 99  SER n 
1 100 ASP n 
1 101 ASN n 
1 102 VAL n 
1 103 ASP n 
1 104 ILE n 
1 105 LEU n 
1 106 LEU n 
1 107 THR n 
1 108 ASN n 
1 109 LEU n 
1 110 LYS n 
1 111 ARG n 
1 112 VAL n 
1 113 GLY n 
1 114 ARG n 
1 115 GLN n 
1 116 HIS n 
1 117 LYS n 
1 118 THR n 
1 119 VAL n 
1 120 PRO n 
1 121 GLY n 
1 122 PHE n 
1 123 GLN n 
1 124 GLU n 
1 125 SER n 
1 126 TYR n 
1 127 PHE n 
1 128 GLU n 
1 129 ARG n 
1 130 MET n 
1 131 GLU n 
1 132 LYS n 
1 133 CYS n 
1 134 LEU n 
1 135 VAL n 
1 136 PHE n 
1 137 ALA n 
1 138 LEU n 
1 139 GLN n 
1 140 THR n 
1 141 THR n 
1 142 LEU n 
1 143 ALA n 
1 144 ASP n 
1 145 ALA n 
1 146 TYR n 
1 147 THR n 
1 148 GLU n 
1 149 ASN n 
1 150 MET n 
1 151 GLU n 
1 152 ARG n 
1 153 ILE n 
1 154 TYR n 
1 155 LYS n 
1 156 ILE n 
1 157 TRP n 
1 158 ILE n 
1 159 SER n 
1 160 TRP n 
1 161 THR n 
1 162 THR n 
1 163 GLU n 
1 164 LYS n 
1 165 ILE n 
1 166 ARG n 
1 167 GLU n 
1 168 GLY n 
1 169 PHE n 
1 170 ARG n 
1 171 GLU n 
# 
_entity_src_gen.entity_id                          1 
_entity_src_gen.pdbx_src_id                        1 
_entity_src_gen.pdbx_alt_source_flag               sample 
_entity_src_gen.pdbx_seq_type                      'Biological sequence' 
_entity_src_gen.pdbx_beg_seq_num                   1 
_entity_src_gen.pdbx_end_seq_num                   171 
_entity_src_gen.gene_src_common_name               'Water bear' 
_entity_src_gen.gene_src_genus                     ? 
_entity_src_gen.pdbx_gene_src_gene                 'RvY_09119-1, RvY_09119.1, RvY_09119' 
_entity_src_gen.gene_src_species                   ? 
_entity_src_gen.gene_src_strain                    ? 
_entity_src_gen.gene_src_tissue                    ? 
_entity_src_gen.gene_src_tissue_fraction           ? 
_entity_src_gen.gene_src_details                   ? 
_entity_src_gen.pdbx_gene_src_fragment             ? 
_entity_src_gen.pdbx_gene_src_scientific_name      'Ramazzottius varieornatus' 
_entity_src_gen.pdbx_gene_src_ncbi_taxonomy_id     947166 
_entity_src_gen.pdbx_gene_src_variant              ? 
_entity_src_gen.pdbx_gene_src_cell_line            ? 
_entity_src_gen.pdbx_gene_src_atcc                 ? 
_entity_src_gen.pdbx_gene_src_organ                ? 
_entity_src_gen.pdbx_gene_src_organelle            ? 
_entity_src_gen.pdbx_gene_src_cell                 ? 
_entity_src_gen.pdbx_gene_src_cellular_location    ? 
_entity_src_gen.host_org_common_name               ? 
_entity_src_gen.pdbx_host_org_scientific_name      'Escherichia coli BL21' 
_entity_src_gen.pdbx_host_org_ncbi_taxonomy_id     511693 
_entity_src_gen.host_org_genus                     ? 
_entity_src_gen.pdbx_host_org_gene                 ? 
_entity_src_gen.pdbx_host_org_organ                ? 
_entity_src_gen.host_org_species                   ? 
_entity_src_gen.pdbx_host_org_tissue               ? 
_entity_src_gen.pdbx_host_org_tissue_fraction      ? 
_entity_src_gen.pdbx_host_org_strain               BL21 
_entity_src_gen.pdbx_host_org_variant              ? 
_entity_src_gen.pdbx_host_org_cell_line            ? 
_entity_src_gen.pdbx_host_org_atcc                 ? 
_entity_src_gen.pdbx_host_org_culture_collection   ? 
_entity_src_gen.pdbx_host_org_cell                 ? 
_entity_src_gen.pdbx_host_org_organelle            ? 
_entity_src_gen.pdbx_host_org_cellular_location    ? 
_entity_src_gen.pdbx_host_org_vector_type          Plasmid 
_entity_src_gen.pdbx_host_org_vector               ? 
_entity_src_gen.host_org_details                   ? 
_entity_src_gen.expression_system_id               ? 
_entity_src_gen.plasmid_name                       pET28a 
_entity_src_gen.plasmid_details                    ? 
_entity_src_gen.pdbx_description                   ? 
# 
loop_
_chem_comp.id 
_chem_comp.type 
_chem_comp.mon_nstd_flag 
_chem_comp.name 
_chem_comp.pdbx_synonyms 
_chem_comp.formula 
_chem_comp.formula_weight 
ALA 'L-peptide linking' y ALANINE                           ?    'C3 H7 N O2'       89.093  
ARG 'L-peptide linking' y ARGININE                          ?    'C6 H15 N4 O2 1'   175.209 
ASN 'L-peptide linking' y ASPARAGINE                        ?    'C4 H8 N2 O3'      132.118 
ASP 'L-peptide linking' y 'ASPARTIC ACID'                   ?    'C4 H7 N O4'       133.103 
CL  non-polymer         . 'CHLORIDE ION'                    ?    'Cl -1'            35.453  
CYS 'L-peptide linking' y CYSTEINE                          ?    'C3 H7 N O2 S'     121.158 
GLN 'L-peptide linking' y GLUTAMINE                         ?    'C5 H10 N2 O3'     146.144 
GLU 'L-peptide linking' y 'GLUTAMIC ACID'                   ?    'C5 H9 N O4'       147.129 
GLY 'peptide linking'   y GLYCINE                           ?    'C2 H5 N O2'       75.067  
HEM non-polymer         . 'PROTOPORPHYRIN IX CONTAINING FE' HEME 'C34 H32 Fe N4 O4' 616.487 
HIS 'L-peptide linking' y HISTIDINE                         ?    'C6 H10 N3 O2 1'   156.162 
HOH non-polymer         . WATER                             ?    'H2 O'             18.015  
ILE 'L-peptide linking' y ISOLEUCINE                        ?    'C6 H13 N O2'      131.173 
LEU 'L-peptide linking' y LEUCINE                           ?    'C6 H13 N O2'      131.173 
LYS 'L-peptide linking' y LYSINE                            ?    'C6 H15 N2 O2 1'   147.195 
MET 'L-peptide linking' y METHIONINE                        ?    'C5 H11 N O2 S'    149.211 
PHE 'L-peptide linking' y PHENYLALANINE                     ?    'C9 H11 N O2'      165.189 
PRO 'L-peptide linking' y PROLINE                           ?    'C5 H9 N O2'       115.130 
SER 'L-peptide linking' y SERINE                            ?    'C3 H7 N O3'       105.093 
THR 'L-peptide linking' y THREONINE                         ?    'C4 H9 N O3'       119.119 
TRP 'L-peptide linking' y TRYPTOPHAN                        ?    'C11 H12 N2 O2'    204.225 
TYR 'L-peptide linking' y TYROSINE                          ?    'C9 H11 N O3'      181.189 
VAL 'L-peptide linking' y VALINE                            ?    'C5 H11 N O2'      117.146 
# 
loop_
_pdbx_poly_seq_scheme.asym_id 
_pdbx_poly_seq_scheme.entity_id 
_pdbx_poly_seq_scheme.seq_id 
_pdbx_poly_seq_scheme.mon_id 
_pdbx_poly_seq_scheme.ndb_seq_num 
_pdbx_poly_seq_scheme.pdb_seq_num 
_pdbx_poly_seq_scheme.auth_seq_num 
_pdbx_poly_seq_scheme.pdb_mon_id 
_pdbx_poly_seq_scheme.auth_mon_id 
_pdbx_poly_seq_scheme.pdb_strand_id 
_pdbx_poly_seq_scheme.pdb_ins_code 
_pdbx_poly_seq_scheme.hetero 
A 1 1   MET 1   20  ?   ?   ?   D . n 
A 1 2   GLY 2   21  ?   ?   ?   D . n 
A 1 3   SER 3   22  ?   ?   ?   D . n 
A 1 4   SER 4   23  ?   ?   ?   D . n 
A 1 5   HIS 5   24  ?   ?   ?   D . n 
A 1 6   HIS 6   25  ?   ?   ?   D . n 
A 1 7   HIS 7   26  ?   ?   ?   D . n 
A 1 8   HIS 8   27  ?   ?   ?   D . n 
A 1 9   HIS 9   28  ?   ?   ?   D . n 
A 1 10  HIS 10  29  ?   ?   ?   D . n 
A 1 11  GLU 11  30  ?   ?   ?   D . n 
A 1 12  ASN 12  31  ?   ?   ?   D . n 
A 1 13  LEU 13  32  ?   ?   ?   D . n 
A 1 14  TYR 14  33  ?   ?   ?   D . n 
A 1 15  PHE 15  34  ?   ?   ?   D . n 
A 1 16  GLN 16  35  ?   ?   ?   D . n 
A 1 17  SER 17  36  ?   ?   ?   D . n 
A 1 18  ASP 18  37  37  ASP ASP D . n 
A 1 19  PRO 19  38  38  PRO PRO D . n 
A 1 20  ARG 20  39  39  ARG ARG D . n 
A 1 21  PHE 21  40  40  PHE PHE D . n 
A 1 22  PRO 22  41  41  PRO PRO D . n 
A 1 23  LEU 23  42  42  LEU LEU D . n 
A 1 24  THR 24  43  43  THR THR D . n 
A 1 25  ALA 25  44  44  ALA ALA D . n 
A 1 26  ARG 26  45  45  ARG ARG D . n 
A 1 27  ASP 27  46  46  ASP ASP D . n 
A 1 28  LYS 28  47  47  LYS LYS D . n 
A 1 29  PHE 29  48  48  PHE PHE D . n 
A 1 30  SER 30  49  49  SER SER D . n 
A 1 31  LEU 31  50  50  LEU LEU D . n 
A 1 32  VAL 32  51  51  VAL VAL D . n 
A 1 33  LYS 33  52  52  LYS LYS D . n 
A 1 34  SER 34  53  53  SER SER D . n 
A 1 35  TRP 35  54  54  TRP TRP D . n 
A 1 36  LYS 36  55  55  LYS LYS D . n 
A 1 37  THR 37  56  56  THR THR D . n 
A 1 38  PHE 38  57  57  PHE PHE D . n 
A 1 39  SER 39  58  58  SER SER D . n 
A 1 40  ARG 40  59  59  ARG ARG D . n 
A 1 41  ASN 41  60  60  ASN ASN D . n 
A 1 42  LEU 42  61  61  LEU LEU D . n 
A 1 43  GLU 43  62  62  GLU GLU D . n 
A 1 44  SER 44  63  63  SER SER D . n 
A 1 45  ALA 45  64  64  ALA ALA D . n 
A 1 46  GLY 46  65  65  GLY GLY D . n 
A 1 47  LYS 47  66  66  LYS LYS D . n 
A 1 48  GLU 48  67  67  GLU GLU D . n 
A 1 49  MET 49  68  68  MET MET D . n 
A 1 50  LEU 50  69  69  LEU LEU D . n 
A 1 51  LEU 51  70  70  LEU LEU D . n 
A 1 52  LYS 52  71  71  LYS LYS D . n 
A 1 53  LEU 53  72  72  LEU LEU D . n 
A 1 54  PHE 54  73  73  PHE PHE D . n 
A 1 55  ILE 55  74  74  ILE ILE D . n 
A 1 56  GLU 56  75  75  GLU GLU D . n 
A 1 57  HIS 57  76  76  HIS HIS D . n 
A 1 58  PRO 58  77  77  PRO PRO D . n 
A 1 59  ASP 59  78  78  ASP ASP D . n 
A 1 60  MET 60  79  79  MET MET D . n 
A 1 61  LYS 61  80  80  LYS LYS D . n 
A 1 62  ASP 62  81  81  ASP ASP D . n 
A 1 63  LEU 63  82  82  LEU LEU D . n 
A 1 64  PHE 64  83  83  PHE PHE D . n 
A 1 65  PRO 65  84  84  PRO PRO D . n 
A 1 66  LYS 66  85  85  LYS LYS D . n 
A 1 67  PHE 67  86  86  PHE PHE D . n 
A 1 68  LYS 68  87  87  LYS LYS D . n 
A 1 69  ALA 69  88  88  ALA ALA D . n 
A 1 70  LYS 70  89  89  LYS LYS D . n 
A 1 71  THR 71  90  90  THR THR D . n 
A 1 72  PRO 72  91  91  PRO PRO D . n 
A 1 73  ASP 73  92  92  ASP ASP D . n 
A 1 74  GLN 74  93  93  GLN GLN D . n 
A 1 75  LEU 75  94  94  LEU LEU D . n 
A 1 76  ARG 76  95  95  ARG ARG D . n 
A 1 77  ASN 77  96  96  ASN ASN D . n 
A 1 78  ASP 78  97  97  ASP ASP D . n 
A 1 79  GLU 79  98  98  GLU GLU D . n 
A 1 80  SER 80  99  99  SER SER D . n 
A 1 81  PHE 81  100 100 PHE PHE D . n 
A 1 82  GLU 82  101 101 GLU GLU D . n 
A 1 83  GLU 83  102 102 GLU GLU D . n 
A 1 84  ALA 84  103 103 ALA ALA D . n 
A 1 85  ALA 85  104 104 ALA ALA D . n 
A 1 86  LEU 86  105 105 LEU LEU D . n 
A 1 87  ALA 87  106 106 ALA ALA D . n 
A 1 88  HIS 88  107 107 HIS HIS D . n 
A 1 89  ILE 89  108 108 ILE ILE D . n 
A 1 90  THR 90  109 109 THR THR D . n 
A 1 91  PRO 91  110 110 PRO PRO D . n 
A 1 92  TYR 92  111 111 TYR TYR D . n 
A 1 93  ASP 93  112 112 ASP ASP D . n 
A 1 94  GLN 94  113 113 GLN GLN D . n 
A 1 95  ALA 95  114 114 ALA ALA D . n 
A 1 96  VAL 96  115 115 VAL VAL D . n 
A 1 97  GLN 97  116 116 GLN GLN D . n 
A 1 98  ASP 98  117 117 ASP ASP D . n 
A 1 99  SER 99  118 118 SER SER D . n 
A 1 100 ASP 100 119 119 ASP ASP D . n 
A 1 101 ASN 101 120 120 ASN ASN D . n 
A 1 102 VAL 102 121 121 VAL VAL D . n 
A 1 103 ASP 103 122 122 ASP ASP D . n 
A 1 104 ILE 104 123 123 ILE ILE D . n 
A 1 105 LEU 105 124 124 LEU LEU D . n 
A 1 106 LEU 106 125 125 LEU LEU D . n 
A 1 107 THR 107 126 126 THR THR D . n 
A 1 108 ASN 108 127 127 ASN ASN D . n 
A 1 109 LEU 109 128 128 LEU LEU D . n 
A 1 110 LYS 110 129 129 LYS LYS D . n 
A 1 111 ARG 111 130 130 ARG ARG D . n 
A 1 112 VAL 112 131 131 VAL VAL D . n 
A 1 113 GLY 113 132 132 GLY GLY D . n 
A 1 114 ARG 114 133 133 ARG ARG D . n 
A 1 115 GLN 115 134 134 GLN GLN D . n 
A 1 116 HIS 116 135 135 HIS HIS D . n 
A 1 117 LYS 117 136 136 LYS LYS D . n 
A 1 118 THR 118 137 137 THR THR D . n 
A 1 119 VAL 119 138 138 VAL VAL D . n 
A 1 120 PRO 120 139 139 PRO PRO D . n 
A 1 121 GLY 121 140 140 GLY GLY D . n 
A 1 122 PHE 122 141 141 PHE PHE D . n 
A 1 123 GLN 123 142 142 GLN GLN D . n 
A 1 124 GLU 124 143 143 GLU GLU D . n 
A 1 125 SER 125 144 144 SER SER D . n 
A 1 126 TYR 126 145 145 TYR TYR D . n 
A 1 127 PHE 127 146 146 PHE PHE D . n 
A 1 128 GLU 128 147 147 GLU GLU D . n 
A 1 129 ARG 129 148 148 ARG ARG D . n 
A 1 130 MET 130 149 149 MET MET D . n 
A 1 131 GLU 131 150 150 GLU GLU D . n 
A 1 132 LYS 132 151 151 LYS LYS D . n 
A 1 133 CYS 133 152 152 CYS CYS D . n 
A 1 134 LEU 134 153 153 LEU LEU D . n 
A 1 135 VAL 135 154 154 VAL VAL D . n 
A 1 136 PHE 136 155 155 PHE PHE D . n 
A 1 137 ALA 137 156 156 ALA ALA D . n 
A 1 138 LEU 138 157 157 LEU LEU D . n 
A 1 139 GLN 139 158 158 GLN GLN D . n 
A 1 140 THR 140 159 159 THR THR D . n 
A 1 141 THR 141 160 160 THR THR D . n 
A 1 142 LEU 142 161 161 LEU LEU D . n 
A 1 143 ALA 143 162 162 ALA ALA D . n 
A 1 144 ASP 144 163 163 ASP ASP D . n 
A 1 145 ALA 145 164 164 ALA ALA D . n 
A 1 146 TYR 146 165 165 TYR TYR D . n 
A 1 147 THR 147 166 166 THR THR D . n 
A 1 148 GLU 148 167 167 GLU GLU D . n 
A 1 149 ASN 149 168 168 ASN ASN D . n 
A 1 150 MET 150 169 169 MET MET D . n 
A 1 151 GLU 151 170 170 GLU GLU D . n 
A 1 152 ARG 152 171 171 ARG ARG D . n 
A 1 153 ILE 153 172 172 ILE ILE D . n 
A 1 154 TYR 154 173 173 TYR TYR D . n 
A 1 155 LYS 155 174 174 LYS LYS D . n 
A 1 156 ILE 156 175 175 ILE ILE D . n 
A 1 157 TRP 157 176 176 TRP TRP D . n 
A 1 158 ILE 158 177 177 ILE ILE D . n 
A 1 159 SER 159 178 178 SER SER D . n 
A 1 160 TRP 160 179 179 TRP TRP D . n 
A 1 161 THR 161 180 180 THR THR D . n 
A 1 162 THR 162 181 181 THR THR D . n 
A 1 163 GLU 163 182 182 GLU GLU D . n 
A 1 164 LYS 164 183 183 LYS LYS D . n 
A 1 165 ILE 165 184 184 ILE ILE D . n 
A 1 166 ARG 166 185 185 ARG ARG D . n 
A 1 167 GLU 167 186 186 GLU GLU D . n 
A 1 168 GLY 168 187 187 GLY GLY D . n 
A 1 169 PHE 169 188 188 PHE PHE D . n 
A 1 170 ARG 170 189 189 ARG ARG D . n 
A 1 171 GLU 171 190 190 GLU GLU D . n 
# 
loop_
_pdbx_nonpoly_scheme.asym_id 
_pdbx_nonpoly_scheme.entity_id 
_pdbx_nonpoly_scheme.mon_id 
_pdbx_nonpoly_scheme.ndb_seq_num 
_pdbx_nonpoly_scheme.pdb_seq_num 
_pdbx_nonpoly_scheme.auth_seq_num 
_pdbx_nonpoly_scheme.pdb_mon_id 
_pdbx_nonpoly_scheme.auth_mon_id 
_pdbx_nonpoly_scheme.pdb_strand_id 
_pdbx_nonpoly_scheme.pdb_ins_code 
B 2 HEM 1  201 1  HEM HEM D . 
C 3 CL  1  202 1  CL  CL  D . 
D 4 HOH 1  301 32 HOH HOH D . 
D 4 HOH 2  302 27 HOH HOH D . 
D 4 HOH 3  303 33 HOH HOH D . 
D 4 HOH 4  304 26 HOH HOH D . 
D 4 HOH 5  305 16 HOH HOH D . 
D 4 HOH 6  306 24 HOH HOH D . 
D 4 HOH 7  307 18 HOH HOH D . 
D 4 HOH 8  308 21 HOH HOH D . 
D 4 HOH 9  309 22 HOH HOH D . 
D 4 HOH 10 310 25 HOH HOH D . 
D 4 HOH 11 311 20 HOH HOH D . 
D 4 HOH 12 312 15 HOH HOH D . 
D 4 HOH 13 313 13 HOH HOH D . 
D 4 HOH 14 314 19 HOH HOH D . 
D 4 HOH 15 315 5  HOH HOH D . 
D 4 HOH 16 316 30 HOH HOH D . 
D 4 HOH 17 317 31 HOH HOH D . 
D 4 HOH 18 318 29 HOH HOH D . 
D 4 HOH 19 319 11 HOH HOH D . 
D 4 HOH 20 320 9  HOH HOH D . 
D 4 HOH 21 321 23 HOH HOH D . 
D 4 HOH 22 322 8  HOH HOH D . 
D 4 HOH 23 323 7  HOH HOH D . 
D 4 HOH 24 324 12 HOH HOH D . 
D 4 HOH 25 325 4  HOH HOH D . 
D 4 HOH 26 326 17 HOH HOH D . 
D 4 HOH 27 327 6  HOH HOH D . 
D 4 HOH 28 328 3  HOH HOH D . 
D 4 HOH 29 329 1  HOH HOH D . 
D 4 HOH 30 330 14 HOH HOH D . 
D 4 HOH 31 331 10 HOH HOH D . 
D 4 HOH 32 332 2  HOH HOH D . 
D 4 HOH 33 333 28 HOH HOH D . 
# 
loop_
_software.citation_id 
_software.classification 
_software.compiler_name 
_software.compiler_version 
_software.contact_author 
_software.contact_author_email 
_software.date 
_software.description 
_software.dependencies 
_software.hardware 
_software.language 
_software.location 
_software.mods 
_software.name 
_software.os 
_software.os_version 
_software.type 
_software.version 
_software.pdbx_ordinal 
? refinement       ? ? ? ? ? ? ? ? ? ? ? REFMAC   ? ? ? 5.8.0135 1 
? 'data reduction' ? ? ? ? ? ? ? ? ? ? ? HKL-2000 ? ? ? .        2 
? 'data scaling'   ? ? ? ? ? ? ? ? ? ? ? HKL-2000 ? ? ? .        3 
? phasing          ? ? ? ? ? ? ? ? ? ? ? MOLREP   ? ? ? .        4 
# 
_cell.angle_alpha                  90.00 
_cell.angle_alpha_esd              ? 
_cell.angle_beta                   90.00 
_cell.angle_beta_esd               ? 
_cell.angle_gamma                  90.00 
_cell.angle_gamma_esd              ? 
_cell.entry_id                     5ZM9 
_cell.details                      ? 
_cell.formula_units_Z              ? 
_cell.length_a                     36.312 
_cell.length_a_esd                 ? 
_cell.length_b                     56.627 
_cell.length_b_esd                 ? 
_cell.length_c                     66.362 
_cell.length_c_esd                 ? 
_cell.volume                       ? 
_cell.volume_esd                   ? 
_cell.Z_PDB                        4 
_cell.reciprocal_angle_alpha       ? 
_cell.reciprocal_angle_beta        ? 
_cell.reciprocal_angle_gamma       ? 
_cell.reciprocal_angle_alpha_esd   ? 
_cell.reciprocal_angle_beta_esd    ? 
_cell.reciprocal_angle_gamma_esd   ? 
_cell.reciprocal_length_a          ? 
_cell.reciprocal_length_b          ? 
_cell.reciprocal_length_c          ? 
_cell.reciprocal_length_a_esd      ? 
_cell.reciprocal_length_b_esd      ? 
_cell.reciprocal_length_c_esd      ? 
_cell.pdbx_unique_axis             ? 
# 
_symmetry.entry_id                         5ZM9 
_symmetry.cell_setting                     ? 
_symmetry.Int_Tables_number                19 
_symmetry.space_group_name_Hall            ? 
_symmetry.space_group_name_H-M             'P 21 21 21' 
_symmetry.pdbx_full_space_group_name_H-M   ? 
# 
_exptl.absorpt_coefficient_mu     ? 
_exptl.absorpt_correction_T_max   ? 
_exptl.absorpt_correction_T_min   ? 
_exptl.absorpt_correction_type    ? 
_exptl.absorpt_process_details    ? 
_exptl.entry_id                   5ZM9 
_exptl.crystals_number            1 
_exptl.details                    ? 
_exptl.method                     'X-RAY DIFFRACTION' 
_exptl.method_details             ? 
# 
_exptl_crystal.colour                      ? 
_exptl_crystal.density_diffrn              ? 
_exptl_crystal.density_Matthews            1.68 
_exptl_crystal.density_method              ? 
_exptl_crystal.density_percent_sol         26.92 
_exptl_crystal.description                 ? 
_exptl_crystal.F_000                       ? 
_exptl_crystal.id                          1 
_exptl_crystal.preparation                 ? 
_exptl_crystal.size_max                    ? 
_exptl_crystal.size_mid                    ? 
_exptl_crystal.size_min                    ? 
_exptl_crystal.size_rad                    ? 
_exptl_crystal.colour_lustre               ? 
_exptl_crystal.colour_modifier             ? 
_exptl_crystal.colour_primary              ? 
_exptl_crystal.density_meas                ? 
_exptl_crystal.density_meas_esd            ? 
_exptl_crystal.density_meas_gt             ? 
_exptl_crystal.density_meas_lt             ? 
_exptl_crystal.density_meas_temp           ? 
_exptl_crystal.density_meas_temp_esd       ? 
_exptl_crystal.density_meas_temp_gt        ? 
_exptl_crystal.density_meas_temp_lt        ? 
_exptl_crystal.pdbx_crystal_image_url      ? 
_exptl_crystal.pdbx_crystal_image_format   ? 
_exptl_crystal.pdbx_mosaicity              ? 
_exptl_crystal.pdbx_mosaicity_esd          ? 
# 
_exptl_crystal_grow.apparatus       ? 
_exptl_crystal_grow.atmosphere      ? 
_exptl_crystal_grow.crystal_id      1 
_exptl_crystal_grow.details         ? 
_exptl_crystal_grow.method          'VAPOR DIFFUSION, SITTING DROP' 
_exptl_crystal_grow.method_ref      ? 
_exptl_crystal_grow.pH              7 
_exptl_crystal_grow.pressure        ? 
_exptl_crystal_grow.pressure_esd    ? 
_exptl_crystal_grow.seeding         ? 
_exptl_crystal_grow.seeding_ref     ? 
_exptl_crystal_grow.temp            293 
_exptl_crystal_grow.temp_details    ? 
_exptl_crystal_grow.temp_esd        ? 
_exptl_crystal_grow.time            ? 
_exptl_crystal_grow.pdbx_details    'PEG 400, sodium chloride, HEPES' 
_exptl_crystal_grow.pdbx_pH_range   ? 
# 
_diffrn.ambient_environment    ? 
_diffrn.ambient_temp           100 
_diffrn.ambient_temp_details   ? 
_diffrn.ambient_temp_esd       ? 
_diffrn.crystal_id             1 
_diffrn.crystal_support        ? 
_diffrn.crystal_treatment      ? 
_diffrn.details                ? 
_diffrn.id                     1 
_diffrn.ambient_pressure       ? 
_diffrn.ambient_pressure_esd   ? 
_diffrn.ambient_pressure_gt    ? 
_diffrn.ambient_pressure_lt    ? 
_diffrn.ambient_temp_gt        ? 
_diffrn.ambient_temp_lt        ? 
# 
_diffrn_detector.details                      ? 
_diffrn_detector.detector                     'IMAGE PLATE' 
_diffrn_detector.diffrn_id                    1 
_diffrn_detector.type                         'RIGAKU RAXIS VII' 
_diffrn_detector.area_resol_mean              ? 
_diffrn_detector.dtime                        ? 
_diffrn_detector.pdbx_frames_total            ? 
_diffrn_detector.pdbx_collection_time_total   ? 
_diffrn_detector.pdbx_collection_date         2018-02-21 
# 
_diffrn_radiation.collimation                      ? 
_diffrn_radiation.diffrn_id                        1 
_diffrn_radiation.filter_edge                      ? 
_diffrn_radiation.inhomogeneity                    ? 
_diffrn_radiation.monochromator                    ? 
_diffrn_radiation.polarisn_norm                    ? 
_diffrn_radiation.polarisn_ratio                   ? 
_diffrn_radiation.probe                            ? 
_diffrn_radiation.type                             ? 
_diffrn_radiation.xray_symbol                      ? 
_diffrn_radiation.wavelength_id                    1 
_diffrn_radiation.pdbx_monochromatic_or_laue_m_l   M 
_diffrn_radiation.pdbx_wavelength_list             ? 
_diffrn_radiation.pdbx_wavelength                  ? 
_diffrn_radiation.pdbx_diffrn_protocol             'SINGLE WAVELENGTH' 
_diffrn_radiation.pdbx_analyzer                    ? 
_diffrn_radiation.pdbx_scattering_type             x-ray 
# 
_diffrn_radiation_wavelength.id           1 
_diffrn_radiation_wavelength.wavelength   1.54 
_diffrn_radiation_wavelength.wt           1.0 
# 
_diffrn_source.current                     ? 
_diffrn_source.details                     ? 
_diffrn_source.diffrn_id                   1 
_diffrn_source.power                       ? 
_diffrn_source.size                        ? 
_diffrn_source.source                      'ROTATING ANODE' 
_diffrn_source.target                      ? 
_diffrn_source.type                        RIGAKU 
_diffrn_source.voltage                     ? 
_diffrn_source.take-off_angle              ? 
_diffrn_source.pdbx_wavelength_list        1.54 
_diffrn_source.pdbx_wavelength             ? 
_diffrn_source.pdbx_synchrotron_beamline   ? 
_diffrn_source.pdbx_synchrotron_site       ? 
# 
_reflns.B_iso_Wilson_estimate            ? 
_reflns.entry_id                         5ZM9 
_reflns.data_reduction_details           ? 
_reflns.data_reduction_method            ? 
_reflns.d_resolution_high                2.70 
_reflns.d_resolution_low                 20 
_reflns.details                          ? 
_reflns.limit_h_max                      ? 
_reflns.limit_h_min                      ? 
_reflns.limit_k_max                      ? 
_reflns.limit_k_min                      ? 
_reflns.limit_l_max                      ? 
_reflns.limit_l_min                      ? 
_reflns.number_all                       ? 
_reflns.number_obs                       4057 
_reflns.observed_criterion               ? 
_reflns.observed_criterion_F_max         ? 
_reflns.observed_criterion_F_min         ? 
_reflns.observed_criterion_I_max         ? 
_reflns.observed_criterion_I_min         ? 
_reflns.observed_criterion_sigma_F       ? 
_reflns.observed_criterion_sigma_I       ? 
_reflns.percent_possible_obs             100 
_reflns.R_free_details                   ? 
_reflns.Rmerge_F_all                     ? 
_reflns.Rmerge_F_obs                     ? 
_reflns.Friedel_coverage                 ? 
_reflns.number_gt                        ? 
_reflns.threshold_expression             ? 
_reflns.pdbx_redundancy                  6.8 
_reflns.pdbx_Rmerge_I_obs                0.163 
_reflns.pdbx_Rmerge_I_all                ? 
_reflns.pdbx_Rsym_value                  ? 
_reflns.pdbx_netI_over_av_sigmaI         ? 
_reflns.pdbx_netI_over_sigmaI            13 
_reflns.pdbx_res_netI_over_av_sigmaI_2   ? 
_reflns.pdbx_res_netI_over_sigmaI_2      ? 
_reflns.pdbx_chi_squared                 ? 
_reflns.pdbx_scaling_rejects             ? 
_reflns.pdbx_d_res_high_opt              ? 
_reflns.pdbx_d_res_low_opt               ? 
_reflns.pdbx_d_res_opt_method            ? 
_reflns.phase_calculation_details        ? 
_reflns.pdbx_Rrim_I_all                  ? 
_reflns.pdbx_Rpim_I_all                  ? 
_reflns.pdbx_d_opt                       ? 
_reflns.pdbx_number_measured_all         ? 
_reflns.pdbx_diffrn_id                   1 
_reflns.pdbx_ordinal                     1 
_reflns.pdbx_CC_half                     ? 
_reflns.pdbx_R_split                     ? 
# 
_reflns_shell.d_res_high                  2.70 
_reflns_shell.d_res_low                   2.75 
_reflns_shell.meanI_over_sigI_all         ? 
_reflns_shell.meanI_over_sigI_obs         ? 
_reflns_shell.number_measured_all         ? 
_reflns_shell.number_measured_obs         ? 
_reflns_shell.number_possible             ? 
_reflns_shell.number_unique_all           ? 
_reflns_shell.number_unique_obs           ? 
_reflns_shell.percent_possible_all        ? 
_reflns_shell.percent_possible_obs        ? 
_reflns_shell.Rmerge_F_all                ? 
_reflns_shell.Rmerge_F_obs                ? 
_reflns_shell.Rmerge_I_all                ? 
_reflns_shell.Rmerge_I_obs                0.619 
_reflns_shell.meanI_over_sigI_gt          ? 
_reflns_shell.meanI_over_uI_all           ? 
_reflns_shell.meanI_over_uI_gt            ? 
_reflns_shell.number_measured_gt          ? 
_reflns_shell.number_unique_gt            ? 
_reflns_shell.percent_possible_gt         ? 
_reflns_shell.Rmerge_F_gt                 ? 
_reflns_shell.Rmerge_I_gt                 ? 
_reflns_shell.pdbx_redundancy             ? 
_reflns_shell.pdbx_Rsym_value             ? 
_reflns_shell.pdbx_chi_squared            ? 
_reflns_shell.pdbx_netI_over_sigmaI_all   ? 
_reflns_shell.pdbx_netI_over_sigmaI_obs   ? 
_reflns_shell.pdbx_Rrim_I_all             ? 
_reflns_shell.pdbx_Rpim_I_all             ? 
_reflns_shell.pdbx_rejects                ? 
_reflns_shell.pdbx_ordinal                1 
_reflns_shell.pdbx_diffrn_id              1 
_reflns_shell.pdbx_CC_half                0.890 
_reflns_shell.pdbx_R_split                ? 
# 
_refine.aniso_B[1][1]                            0.06 
_refine.aniso_B[1][2]                            0.00 
_refine.aniso_B[1][3]                            0.00 
_refine.aniso_B[2][2]                            0.04 
_refine.aniso_B[2][3]                            -0.00 
_refine.aniso_B[3][3]                            -0.09 
_refine.B_iso_max                                ? 
_refine.B_iso_mean                               40.136 
_refine.B_iso_min                                ? 
_refine.correlation_coeff_Fo_to_Fc               0.925 
_refine.correlation_coeff_Fo_to_Fc_free          0.918 
_refine.details                                  'HYDROGENS HAVE BEEN USED IF PRESENT IN THE INPUT' 
_refine.diff_density_max                         ? 
_refine.diff_density_max_esd                     ? 
_refine.diff_density_min                         ? 
_refine.diff_density_min_esd                     ? 
_refine.diff_density_rms                         ? 
_refine.diff_density_rms_esd                     ? 
_refine.entry_id                                 5ZM9 
_refine.pdbx_refine_id                           'X-RAY DIFFRACTION' 
_refine.ls_abs_structure_details                 ? 
_refine.ls_abs_structure_Flack                   ? 
_refine.ls_abs_structure_Flack_esd               ? 
_refine.ls_abs_structure_Rogers                  ? 
_refine.ls_abs_structure_Rogers_esd              ? 
_refine.ls_d_res_high                            2.70 
_refine.ls_d_res_low                             18.89 
_refine.ls_extinction_coef                       ? 
_refine.ls_extinction_coef_esd                   ? 
_refine.ls_extinction_expression                 ? 
_refine.ls_extinction_method                     ? 
_refine.ls_goodness_of_fit_all                   ? 
_refine.ls_goodness_of_fit_all_esd               ? 
_refine.ls_goodness_of_fit_obs                   ? 
_refine.ls_goodness_of_fit_obs_esd               ? 
_refine.ls_hydrogen_treatment                    ? 
_refine.ls_matrix_type                           ? 
_refine.ls_number_constraints                    ? 
_refine.ls_number_parameters                     ? 
_refine.ls_number_reflns_all                     ? 
_refine.ls_number_reflns_obs                     3840 
_refine.ls_number_reflns_R_free                  192 
_refine.ls_number_reflns_R_work                  ? 
_refine.ls_number_restraints                     ? 
_refine.ls_percent_reflns_obs                    99.65 
_refine.ls_percent_reflns_R_free                 4.8 
_refine.ls_R_factor_all                          ? 
_refine.ls_R_factor_obs                          0.21969 
_refine.ls_R_factor_R_free                       0.26679 
_refine.ls_R_factor_R_free_error                 ? 
_refine.ls_R_factor_R_free_error_details         ? 
_refine.ls_R_factor_R_work                       0.21749 
_refine.ls_R_Fsqd_factor_obs                     ? 
_refine.ls_R_I_factor_obs                        ? 
_refine.ls_redundancy_reflns_all                 ? 
_refine.ls_redundancy_reflns_obs                 ? 
_refine.ls_restrained_S_all                      ? 
_refine.ls_restrained_S_obs                      ? 
_refine.ls_shift_over_esd_max                    ? 
_refine.ls_shift_over_esd_mean                   ? 
_refine.ls_structure_factor_coef                 ? 
_refine.ls_weighting_details                     ? 
_refine.ls_weighting_scheme                      ? 
_refine.ls_wR_factor_all                         ? 
_refine.ls_wR_factor_obs                         ? 
_refine.ls_wR_factor_R_free                      ? 
_refine.ls_wR_factor_R_work                      ? 
_refine.occupancy_max                            ? 
_refine.occupancy_min                            ? 
_refine.solvent_model_details                    ? 
_refine.solvent_model_param_bsol                 ? 
_refine.solvent_model_param_ksol                 ? 
_refine.ls_R_factor_gt                           ? 
_refine.ls_goodness_of_fit_gt                    ? 
_refine.ls_goodness_of_fit_ref                   ? 
_refine.ls_shift_over_su_max                     ? 
_refine.ls_shift_over_su_max_lt                  ? 
_refine.ls_shift_over_su_mean                    ? 
_refine.ls_shift_over_su_mean_lt                 ? 
_refine.pdbx_ls_sigma_I                          ? 
_refine.pdbx_ls_sigma_F                          ? 
_refine.pdbx_ls_sigma_Fsqd                       ? 
_refine.pdbx_data_cutoff_high_absF               ? 
_refine.pdbx_data_cutoff_high_rms_absF           ? 
_refine.pdbx_data_cutoff_low_absF                ? 
_refine.pdbx_isotropic_thermal_model             ? 
_refine.pdbx_ls_cross_valid_method               THROUGHOUT 
_refine.pdbx_method_to_determine_struct          'MOLECULAR REPLACEMENT' 
_refine.pdbx_starting_model                      ? 
_refine.pdbx_stereochemistry_target_values       ? 
_refine.pdbx_R_Free_selection_details            RANDOM 
_refine.pdbx_stereochem_target_val_spec_case     ? 
_refine.pdbx_overall_ESU_R                       ? 
_refine.pdbx_overall_ESU_R_Free                  0.436 
_refine.pdbx_solvent_vdw_probe_radii             1.20 
_refine.pdbx_solvent_ion_probe_radii             0.80 
_refine.pdbx_solvent_shrinkage_radii             0.80 
_refine.pdbx_real_space_R                        ? 
_refine.pdbx_density_correlation                 ? 
_refine.pdbx_pd_number_of_powder_patterns        ? 
_refine.pdbx_pd_number_of_points                 ? 
_refine.pdbx_pd_meas_number_of_points            ? 
_refine.pdbx_pd_proc_ls_prof_R_factor            ? 
_refine.pdbx_pd_proc_ls_prof_wR_factor           ? 
_refine.pdbx_pd_Marquardt_correlation_coeff      ? 
_refine.pdbx_pd_Fsqrd_R_factor                   ? 
_refine.pdbx_pd_ls_matrix_band_width             ? 
_refine.pdbx_overall_phase_error                 ? 
_refine.pdbx_overall_SU_R_free_Cruickshank_DPI   ? 
_refine.pdbx_overall_SU_R_free_Blow_DPI          ? 
_refine.pdbx_overall_SU_R_Blow_DPI               ? 
_refine.pdbx_TLS_residual_ADP_flag               ? 
_refine.pdbx_diffrn_id                           1 
_refine.overall_SU_B                             ? 
_refine.overall_SU_ML                            ? 
_refine.overall_SU_R_Cruickshank_DPI             ? 
_refine.overall_SU_R_free                        ? 
_refine.overall_FOM_free_R_set                   ? 
_refine.overall_FOM_work_R_set                   ? 
_refine.pdbx_average_fsc_overall                 ? 
_refine.pdbx_average_fsc_work                    ? 
_refine.pdbx_average_fsc_free                    ? 
# 
_refine_hist.pdbx_refine_id                   'X-RAY DIFFRACTION' 
_refine_hist.cycle_id                         1 
_refine_hist.pdbx_number_atoms_protein        1282 
_refine_hist.pdbx_number_atoms_nucleic_acid   0 
_refine_hist.pdbx_number_atoms_ligand         44 
_refine_hist.number_atoms_solvent             33 
_refine_hist.number_atoms_total               1359 
_refine_hist.d_res_high                       2.70 
_refine_hist.d_res_low                        18.89 
# 
loop_
_refine_ls_restr.pdbx_refine_id 
_refine_ls_restr.criterion 
_refine_ls_restr.dev_ideal 
_refine_ls_restr.dev_ideal_target 
_refine_ls_restr.number 
_refine_ls_restr.rejects 
_refine_ls_restr.type 
_refine_ls_restr.weight 
_refine_ls_restr.pdbx_restraint_function 
'X-RAY DIFFRACTION' ? 0.008  0.019  1362 ? r_bond_refined_d             ? ? 
'X-RAY DIFFRACTION' ? ?      ?      ?    ? r_bond_other_d               ? ? 
'X-RAY DIFFRACTION' ? 1.175  2.005  1851 ? r_angle_refined_deg          ? ? 
'X-RAY DIFFRACTION' ? ?      ?      ?    ? r_angle_other_deg            ? ? 
'X-RAY DIFFRACTION' ? 4.529  5.000  153  ? r_dihedral_angle_1_deg       ? ? 
'X-RAY DIFFRACTION' ? 45.848 23.881 67   ? r_dihedral_angle_2_deg       ? ? 
'X-RAY DIFFRACTION' ? 16.346 15.000 245  ? r_dihedral_angle_3_deg       ? ? 
'X-RAY DIFFRACTION' ? 18.757 15.000 10   ? r_dihedral_angle_4_deg       ? ? 
'X-RAY DIFFRACTION' ? 0.073  0.200  191  ? r_chiral_restr               ? ? 
'X-RAY DIFFRACTION' ? 0.004  0.021  1041 ? r_gen_planes_refined         ? ? 
'X-RAY DIFFRACTION' ? ?      ?      ?    ? r_gen_planes_other           ? ? 
'X-RAY DIFFRACTION' ? ?      ?      ?    ? r_nbd_refined                ? ? 
'X-RAY DIFFRACTION' ? ?      ?      ?    ? r_nbd_other                  ? ? 
'X-RAY DIFFRACTION' ? ?      ?      ?    ? r_nbtor_refined              ? ? 
'X-RAY DIFFRACTION' ? ?      ?      ?    ? r_nbtor_other                ? ? 
'X-RAY DIFFRACTION' ? ?      ?      ?    ? r_xyhbond_nbd_refined        ? ? 
'X-RAY DIFFRACTION' ? ?      ?      ?    ? r_xyhbond_nbd_other          ? ? 
'X-RAY DIFFRACTION' ? ?      ?      ?    ? r_metal_ion_refined          ? ? 
'X-RAY DIFFRACTION' ? ?      ?      ?    ? r_metal_ion_other            ? ? 
'X-RAY DIFFRACTION' ? ?      ?      ?    ? r_symmetry_vdw_refined       ? ? 
'X-RAY DIFFRACTION' ? ?      ?      ?    ? r_symmetry_vdw_other         ? ? 
'X-RAY DIFFRACTION' ? ?      ?      ?    ? r_symmetry_hbond_refined     ? ? 
'X-RAY DIFFRACTION' ? ?      ?      ?    ? r_symmetry_hbond_other       ? ? 
'X-RAY DIFFRACTION' ? ?      ?      ?    ? r_symmetry_metal_ion_refined ? ? 
'X-RAY DIFFRACTION' ? ?      ?      ?    ? r_symmetry_metal_ion_other   ? ? 
'X-RAY DIFFRACTION' ? 0.251  4.041  615  ? r_mcbond_it                  ? ? 
'X-RAY DIFFRACTION' ? ?      ?      ?    ? r_mcbond_other               ? ? 
'X-RAY DIFFRACTION' ? 0.471  6.060  767  ? r_mcangle_it                 ? ? 
'X-RAY DIFFRACTION' ? ?      ?      ?    ? r_mcangle_other              ? ? 
'X-RAY DIFFRACTION' ? 0.153  4.017  747  ? r_scbond_it                  ? ? 
'X-RAY DIFFRACTION' ? ?      ?      ?    ? r_scbond_other               ? ? 
'X-RAY DIFFRACTION' ? ?      ?      ?    ? r_scangle_it                 ? ? 
'X-RAY DIFFRACTION' ? ?      ?      ?    ? r_scangle_other              ? ? 
'X-RAY DIFFRACTION' ? 1.681  33.786 2138 ? r_long_range_B_refined       ? ? 
'X-RAY DIFFRACTION' ? ?      ?      ?    ? r_long_range_B_other         ? ? 
'X-RAY DIFFRACTION' ? ?      ?      ?    ? r_rigid_bond_restr           ? ? 
'X-RAY DIFFRACTION' ? ?      ?      ?    ? r_sphericity_free            ? ? 
'X-RAY DIFFRACTION' ? ?      ?      ?    ? r_sphericity_bonded          ? ? 
# 
_refine_ls_shell.pdbx_refine_id                   'X-RAY DIFFRACTION' 
_refine_ls_shell.d_res_high                       2.702 
_refine_ls_shell.d_res_low                        2.770 
_refine_ls_shell.number_reflns_all                ? 
_refine_ls_shell.number_reflns_obs                ? 
_refine_ls_shell.number_reflns_R_free             14 
_refine_ls_shell.number_reflns_R_work             271 
_refine_ls_shell.percent_reflns_obs               100.00 
_refine_ls_shell.percent_reflns_R_free            ? 
_refine_ls_shell.R_factor_all                     ? 
_refine_ls_shell.R_factor_obs                     ? 
_refine_ls_shell.R_factor_R_free                  0.273 
_refine_ls_shell.R_factor_R_free_error            ? 
_refine_ls_shell.R_factor_R_work                  0.314 
_refine_ls_shell.redundancy_reflns_all            ? 
_refine_ls_shell.redundancy_reflns_obs            ? 
_refine_ls_shell.wR_factor_all                    ? 
_refine_ls_shell.wR_factor_obs                    ? 
_refine_ls_shell.wR_factor_R_free                 ? 
_refine_ls_shell.wR_factor_R_work                 ? 
_refine_ls_shell.pdbx_total_number_of_bins_used   20 
_refine_ls_shell.pdbx_phase_error                 ? 
_refine_ls_shell.pdbx_fsc_work                    ? 
_refine_ls_shell.pdbx_fsc_free                    ? 
# 
_struct.entry_id                     5ZM9 
_struct.title                        'Crystal structure of hexacoordinated heme protein from anhydrobiotic tardigrade at pH 7' 
_struct.pdbx_model_details           ? 
_struct.pdbx_formula_weight          ? 
_struct.pdbx_formula_weight_method   ? 
_struct.pdbx_model_type_details      ? 
_struct.pdbx_CASP_flag               N 
# 
_struct_keywords.entry_id        5ZM9 
_struct_keywords.text            'Globin, Tardigrade, OXYGEN TRANSPORT' 
_struct_keywords.pdbx_keywords   'OXYGEN TRANSPORT' 
# 
loop_
_struct_asym.id 
_struct_asym.pdbx_blank_PDB_chainid_flag 
_struct_asym.pdbx_modified 
_struct_asym.entity_id 
_struct_asym.details 
A N N 1 ? 
B N N 2 ? 
C N N 3 ? 
D N N 4 ? 
# 
_struct_ref.id                         1 
_struct_ref.db_name                    UNP 
_struct_ref.db_code                    A0A1D1V896_RAMVA 
_struct_ref.pdbx_db_accession          A0A1D1V896 
_struct_ref.pdbx_db_isoform            ? 
_struct_ref.entity_id                  1 
_struct_ref.pdbx_seq_one_letter_code   
;DPRFPLTARDKFSLVKSWKTFSRNLESAGKEMLLKLFIEHPDMKDLFPKFKAKTPDQLRNDESFEEAALAHITPYDQAVQ
DSDNVDILLTNLKRVGRQHKTVPGFQESYFERMEKCLVFALQTTLADAYTENMERIYKIWISWTTEKIREGFRE
;
_struct_ref.pdbx_align_begin           37 
# 
_struct_ref_seq.align_id                      1 
_struct_ref_seq.ref_id                        1 
_struct_ref_seq.pdbx_PDB_id_code              5ZM9 
_struct_ref_seq.pdbx_strand_id                D 
_struct_ref_seq.seq_align_beg                 18 
_struct_ref_seq.pdbx_seq_align_beg_ins_code   ? 
_struct_ref_seq.seq_align_end                 171 
_struct_ref_seq.pdbx_seq_align_end_ins_code   ? 
_struct_ref_seq.pdbx_db_accession             A0A1D1V896 
_struct_ref_seq.db_align_beg                  37 
_struct_ref_seq.pdbx_db_align_beg_ins_code    ? 
_struct_ref_seq.db_align_end                  190 
_struct_ref_seq.pdbx_db_align_end_ins_code    ? 
_struct_ref_seq.pdbx_auth_seq_align_beg       37 
_struct_ref_seq.pdbx_auth_seq_align_end       190 
# 
loop_
_struct_ref_seq_dif.align_id 
_struct_ref_seq_dif.pdbx_pdb_id_code 
_struct_ref_seq_dif.mon_id 
_struct_ref_seq_dif.pdbx_pdb_strand_id 
_struct_ref_seq_dif.seq_num 
_struct_ref_seq_dif.pdbx_pdb_ins_code 
_struct_ref_seq_dif.pdbx_seq_db_name 
_struct_ref_seq_dif.pdbx_seq_db_accession_code 
_struct_ref_seq_dif.db_mon_id 
_struct_ref_seq_dif.pdbx_seq_db_seq_num 
_struct_ref_seq_dif.details 
_struct_ref_seq_dif.pdbx_auth_seq_num 
_struct_ref_seq_dif.pdbx_ordinal 
1 5ZM9 MET D 1  ? UNP A0A1D1V896 ? ? 'expression tag' 20 1  
1 5ZM9 GLY D 2  ? UNP A0A1D1V896 ? ? 'expression tag' 21 2  
1 5ZM9 SER D 3  ? UNP A0A1D1V896 ? ? 'expression tag' 22 3  
1 5ZM9 SER D 4  ? UNP A0A1D1V896 ? ? 'expression tag' 23 4  
1 5ZM9 HIS D 5  ? UNP A0A1D1V896 ? ? 'expression tag' 24 5  
1 5ZM9 HIS D 6  ? UNP A0A1D1V896 ? ? 'expression tag' 25 6  
1 5ZM9 HIS D 7  ? UNP A0A1D1V896 ? ? 'expression tag' 26 7  
1 5ZM9 HIS D 8  ? UNP A0A1D1V896 ? ? 'expression tag' 27 8  
1 5ZM9 HIS D 9  ? UNP A0A1D1V896 ? ? 'expression tag' 28 9  
1 5ZM9 HIS D 10 ? UNP A0A1D1V896 ? ? 'expression tag' 29 10 
1 5ZM9 GLU D 11 ? UNP A0A1D1V896 ? ? 'expression tag' 30 11 
1 5ZM9 ASN D 12 ? UNP A0A1D1V896 ? ? 'expression tag' 31 12 
1 5ZM9 LEU D 13 ? UNP A0A1D1V896 ? ? 'expression tag' 32 13 
1 5ZM9 TYR D 14 ? UNP A0A1D1V896 ? ? 'expression tag' 33 14 
1 5ZM9 PHE D 15 ? UNP A0A1D1V896 ? ? 'expression tag' 34 15 
1 5ZM9 GLN D 16 ? UNP A0A1D1V896 ? ? 'expression tag' 35 16 
1 5ZM9 SER D 17 ? UNP A0A1D1V896 ? ? 'expression tag' 36 17 
# 
_pdbx_struct_assembly.id                   1 
_pdbx_struct_assembly.details              author_defined_assembly 
_pdbx_struct_assembly.method_details       ? 
_pdbx_struct_assembly.oligomeric_details   monomeric 
_pdbx_struct_assembly.oligomeric_count     1 
# 
loop_
_pdbx_struct_assembly_prop.biol_id 
_pdbx_struct_assembly_prop.type 
_pdbx_struct_assembly_prop.value 
_pdbx_struct_assembly_prop.details 
1 'ABSA (A^2)' 1110 ? 
1 MORE         -24  ? 
1 'SSA (A^2)'  8210 ? 
# 
_pdbx_struct_assembly_gen.assembly_id       1 
_pdbx_struct_assembly_gen.oper_expression   1 
_pdbx_struct_assembly_gen.asym_id_list      A,B,C,D 
# 
_pdbx_struct_assembly_auth_evidence.id                     1 
_pdbx_struct_assembly_auth_evidence.assembly_id            1 
_pdbx_struct_assembly_auth_evidence.experimental_support   none 
_pdbx_struct_assembly_auth_evidence.details                ? 
# 
_pdbx_struct_oper_list.id                   1 
_pdbx_struct_oper_list.type                 'identity operation' 
_pdbx_struct_oper_list.name                 1_555 
_pdbx_struct_oper_list.symmetry_operation   x,y,z 
_pdbx_struct_oper_list.matrix[1][1]         1.0000000000 
_pdbx_struct_oper_list.matrix[1][2]         0.0000000000 
_pdbx_struct_oper_list.matrix[1][3]         0.0000000000 
_pdbx_struct_oper_list.vector[1]            0.0000000000 
_pdbx_struct_oper_list.matrix[2][1]         0.0000000000 
_pdbx_struct_oper_list.matrix[2][2]         1.0000000000 
_pdbx_struct_oper_list.matrix[2][3]         0.0000000000 
_pdbx_struct_oper_list.vector[2]            0.0000000000 
_pdbx_struct_oper_list.matrix[3][1]         0.0000000000 
_pdbx_struct_oper_list.matrix[3][2]         0.0000000000 
_pdbx_struct_oper_list.matrix[3][3]         1.0000000000 
_pdbx_struct_oper_list.vector[3]            0.0000000000 
# 
loop_
_struct_conf.conf_type_id 
_struct_conf.id 
_struct_conf.pdbx_PDB_helix_id 
_struct_conf.beg_label_comp_id 
_struct_conf.beg_label_asym_id 
_struct_conf.beg_label_seq_id 
_struct_conf.pdbx_beg_PDB_ins_code 
_struct_conf.end_label_comp_id 
_struct_conf.end_label_asym_id 
_struct_conf.end_label_seq_id 
_struct_conf.pdbx_end_PDB_ins_code 
_struct_conf.beg_auth_comp_id 
_struct_conf.beg_auth_asym_id 
_struct_conf.beg_auth_seq_id 
_struct_conf.end_auth_comp_id 
_struct_conf.end_auth_asym_id 
_struct_conf.end_auth_seq_id 
_struct_conf.pdbx_PDB_helix_class 
_struct_conf.details 
_struct_conf.pdbx_PDB_helix_length 
HELX_P HELX_P1 AA1 THR A 24  ? SER A 39  ? THR D 43  SER D 58  1 ? 16 
HELX_P HELX_P2 AA2 ASN A 41  ? HIS A 57  ? ASN D 60  HIS D 76  1 ? 17 
HELX_P HELX_P3 AA3 PRO A 58  ? LYS A 68  ? PRO D 77  LYS D 87  5 ? 11 
HELX_P HELX_P4 AA4 THR A 71  ? ASP A 78  ? THR D 90  ASP D 97  1 ? 8  
HELX_P HELX_P5 AA5 ASP A 78  ? ASP A 98  ? ASP D 97  ASP D 117 1 ? 21 
HELX_P HELX_P6 AA6 ASN A 101 ? HIS A 116 ? ASN D 120 HIS D 135 1 ? 16 
HELX_P HELX_P7 AA7 GLN A 123 ? TYR A 126 ? GLN D 142 TYR D 145 5 ? 4  
HELX_P HELX_P8 AA8 PHE A 127 ? ALA A 143 ? PHE D 146 ALA D 162 1 ? 17 
HELX_P HELX_P9 AA9 THR A 147 ? GLU A 171 ? THR D 166 GLU D 190 1 ? 25 
# 
_struct_conf_type.id          HELX_P 
_struct_conf_type.criteria    ? 
_struct_conf_type.reference   ? 
# 
loop_
_struct_conn.id 
_struct_conn.conn_type_id 
_struct_conn.pdbx_leaving_atom_flag 
_struct_conn.pdbx_PDB_id 
_struct_conn.ptnr1_label_asym_id 
_struct_conn.ptnr1_label_comp_id 
_struct_conn.ptnr1_label_seq_id 
_struct_conn.ptnr1_label_atom_id 
_struct_conn.pdbx_ptnr1_label_alt_id 
_struct_conn.pdbx_ptnr1_PDB_ins_code 
_struct_conn.pdbx_ptnr1_standard_comp_id 
_struct_conn.ptnr1_symmetry 
_struct_conn.ptnr2_label_asym_id 
_struct_conn.ptnr2_label_comp_id 
_struct_conn.ptnr2_label_seq_id 
_struct_conn.ptnr2_label_atom_id 
_struct_conn.pdbx_ptnr2_label_alt_id 
_struct_conn.pdbx_ptnr2_PDB_ins_code 
_struct_conn.ptnr1_auth_asym_id 
_struct_conn.ptnr1_auth_comp_id 
_struct_conn.ptnr1_auth_seq_id 
_struct_conn.ptnr2_auth_asym_id 
_struct_conn.ptnr2_auth_comp_id 
_struct_conn.ptnr2_auth_seq_id 
_struct_conn.ptnr2_symmetry 
_struct_conn.pdbx_ptnr3_label_atom_id 
_struct_conn.pdbx_ptnr3_label_seq_id 
_struct_conn.pdbx_ptnr3_label_comp_id 
_struct_conn.pdbx_ptnr3_label_asym_id 
_struct_conn.pdbx_ptnr3_label_alt_id 
_struct_conn.pdbx_ptnr3_PDB_ins_code 
_struct_conn.details 
_struct_conn.pdbx_dist_value 
_struct_conn.pdbx_value_order 
_struct_conn.pdbx_role 
metalc1 metalc ? ? A HIS 88  NE2 ? ? ? 1_555 B HEM . FE ? ? D HIS 107 D HEM 201 1_555 ? ? ? ? ? ? ? 2.220 ? ? 
metalc2 metalc ? ? A HIS 116 NE2 ? ? ? 1_555 B HEM . FE ? ? D HIS 135 D HEM 201 1_555 ? ? ? ? ? ? ? 2.251 ? ? 
# 
_struct_conn_type.id          metalc 
_struct_conn_type.criteria    ? 
_struct_conn_type.reference   ? 
# 
loop_
_pdbx_struct_conn_angle.id 
_pdbx_struct_conn_angle.ptnr1_label_atom_id 
_pdbx_struct_conn_angle.ptnr1_label_alt_id 
_pdbx_struct_conn_angle.ptnr1_label_asym_id 
_pdbx_struct_conn_angle.ptnr1_label_comp_id 
_pdbx_struct_conn_angle.ptnr1_label_seq_id 
_pdbx_struct_conn_angle.ptnr1_auth_atom_id 
_pdbx_struct_conn_angle.ptnr1_auth_asym_id 
_pdbx_struct_conn_angle.ptnr1_auth_comp_id 
_pdbx_struct_conn_angle.ptnr1_auth_seq_id 
_pdbx_struct_conn_angle.ptnr1_PDB_ins_code 
_pdbx_struct_conn_angle.ptnr1_symmetry 
_pdbx_struct_conn_angle.ptnr2_label_atom_id 
_pdbx_struct_conn_angle.ptnr2_label_alt_id 
_pdbx_struct_conn_angle.ptnr2_label_asym_id 
_pdbx_struct_conn_angle.ptnr2_label_comp_id 
_pdbx_struct_conn_angle.ptnr2_label_seq_id 
_pdbx_struct_conn_angle.ptnr2_auth_atom_id 
_pdbx_struct_conn_angle.ptnr2_auth_asym_id 
_pdbx_struct_conn_angle.ptnr2_auth_comp_id 
_pdbx_struct_conn_angle.ptnr2_auth_seq_id 
_pdbx_struct_conn_angle.ptnr2_PDB_ins_code 
_pdbx_struct_conn_angle.ptnr2_symmetry 
_pdbx_struct_conn_angle.ptnr3_label_atom_id 
_pdbx_struct_conn_angle.ptnr3_label_alt_id 
_pdbx_struct_conn_angle.ptnr3_label_asym_id 
_pdbx_struct_conn_angle.ptnr3_label_comp_id 
_pdbx_struct_conn_angle.ptnr3_label_seq_id 
_pdbx_struct_conn_angle.ptnr3_auth_atom_id 
_pdbx_struct_conn_angle.ptnr3_auth_asym_id 
_pdbx_struct_conn_angle.ptnr3_auth_comp_id 
_pdbx_struct_conn_angle.ptnr3_auth_seq_id 
_pdbx_struct_conn_angle.ptnr3_PDB_ins_code 
_pdbx_struct_conn_angle.ptnr3_symmetry 
_pdbx_struct_conn_angle.value 
_pdbx_struct_conn_angle.value_esd 
1  NE2 ? A HIS 88 ? D HIS 107 ? 1_555 FE ? B HEM . ? D HEM 201 ? 1_555 NA  ? B HEM .   ? D HEM 201 ? 1_555 86.8  ? 
2  NE2 ? A HIS 88 ? D HIS 107 ? 1_555 FE ? B HEM . ? D HEM 201 ? 1_555 NB  ? B HEM .   ? D HEM 201 ? 1_555 86.9  ? 
3  NA  ? B HEM .  ? D HEM 201 ? 1_555 FE ? B HEM . ? D HEM 201 ? 1_555 NB  ? B HEM .   ? D HEM 201 ? 1_555 90.0  ? 
4  NE2 ? A HIS 88 ? D HIS 107 ? 1_555 FE ? B HEM . ? D HEM 201 ? 1_555 NC  ? B HEM .   ? D HEM 201 ? 1_555 91.1  ? 
5  NA  ? B HEM .  ? D HEM 201 ? 1_555 FE ? B HEM . ? D HEM 201 ? 1_555 NC  ? B HEM .   ? D HEM 201 ? 1_555 177.7 ? 
6  NB  ? B HEM .  ? D HEM 201 ? 1_555 FE ? B HEM . ? D HEM 201 ? 1_555 NC  ? B HEM .   ? D HEM 201 ? 1_555 89.0  ? 
7  NE2 ? A HIS 88 ? D HIS 107 ? 1_555 FE ? B HEM . ? D HEM 201 ? 1_555 ND  ? B HEM .   ? D HEM 201 ? 1_555 92.6  ? 
8  NA  ? B HEM .  ? D HEM 201 ? 1_555 FE ? B HEM . ? D HEM 201 ? 1_555 ND  ? B HEM .   ? D HEM 201 ? 1_555 90.9  ? 
9  NB  ? B HEM .  ? D HEM 201 ? 1_555 FE ? B HEM . ? D HEM 201 ? 1_555 ND  ? B HEM .   ? D HEM 201 ? 1_555 179.0 ? 
10 NC  ? B HEM .  ? D HEM 201 ? 1_555 FE ? B HEM . ? D HEM 201 ? 1_555 ND  ? B HEM .   ? D HEM 201 ? 1_555 90.1  ? 
11 NE2 ? A HIS 88 ? D HIS 107 ? 1_555 FE ? B HEM . ? D HEM 201 ? 1_555 NE2 ? A HIS 116 ? D HIS 135 ? 1_555 173.2 ? 
12 NA  ? B HEM .  ? D HEM 201 ? 1_555 FE ? B HEM . ? D HEM 201 ? 1_555 NE2 ? A HIS 116 ? D HIS 135 ? 1_555 93.8  ? 
13 NB  ? B HEM .  ? D HEM 201 ? 1_555 FE ? B HEM . ? D HEM 201 ? 1_555 NE2 ? A HIS 116 ? D HIS 135 ? 1_555 86.3  ? 
14 NC  ? B HEM .  ? D HEM 201 ? 1_555 FE ? B HEM . ? D HEM 201 ? 1_555 NE2 ? A HIS 116 ? D HIS 135 ? 1_555 88.2  ? 
15 ND  ? B HEM .  ? D HEM 201 ? 1_555 FE ? B HEM . ? D HEM 201 ? 1_555 NE2 ? A HIS 116 ? D HIS 135 ? 1_555 94.2  ? 
# 
loop_
_struct_site.id 
_struct_site.pdbx_evidence_code 
_struct_site.pdbx_auth_asym_id 
_struct_site.pdbx_auth_comp_id 
_struct_site.pdbx_auth_seq_id 
_struct_site.pdbx_auth_ins_code 
_struct_site.pdbx_num_residues 
_struct_site.details 
AC1 Software D HEM 201 ? 13 'binding site for residue HEM D 201' 
AC2 Software D CL  202 ? 2  'binding site for residue CL D 202'  
# 
loop_
_struct_site_gen.id 
_struct_site_gen.site_id 
_struct_site_gen.pdbx_num_res 
_struct_site_gen.label_comp_id 
_struct_site_gen.label_asym_id 
_struct_site_gen.label_seq_id 
_struct_site_gen.pdbx_auth_ins_code 
_struct_site_gen.auth_comp_id 
_struct_site_gen.auth_asym_id 
_struct_site_gen.auth_seq_id 
_struct_site_gen.label_atom_id 
_struct_site_gen.label_alt_id 
_struct_site_gen.symmetry 
_struct_site_gen.details 
1  AC1 13 ARG A 26  ? ARG D 45  . ? 3_555 ? 
2  AC1 13 MET A 60  ? MET D 79  . ? 1_555 ? 
3  AC1 13 PHE A 64  ? PHE D 83  . ? 1_555 ? 
4  AC1 13 ALA A 87  ? ALA D 106 . ? 1_555 ? 
5  AC1 13 HIS A 88  ? HIS D 107 . ? 1_555 ? 
6  AC1 13 TYR A 92  ? TYR D 111 . ? 1_555 ? 
7  AC1 13 VAL A 112 ? VAL D 131 . ? 1_555 ? 
8  AC1 13 HIS A 116 ? HIS D 135 . ? 1_555 ? 
9  AC1 13 PHE A 122 ? PHE D 141 . ? 1_555 ? 
10 AC1 13 TYR A 126 ? TYR D 145 . ? 1_555 ? 
11 AC1 13 PHE A 127 ? PHE D 146 . ? 1_555 ? 
12 AC1 13 MET A 130 ? MET D 149 . ? 1_555 ? 
13 AC1 13 ILE A 165 ? ILE D 184 . ? 1_555 ? 
14 AC2 2  ASN A 101 ? ASN D 120 . ? 1_555 ? 
15 AC2 2  ASP A 103 ? ASP D 122 . ? 1_555 ? 
# 
loop_
_pdbx_validate_torsion.id 
_pdbx_validate_torsion.PDB_model_num 
_pdbx_validate_torsion.auth_comp_id 
_pdbx_validate_torsion.auth_asym_id 
_pdbx_validate_torsion.auth_seq_id 
_pdbx_validate_torsion.PDB_ins_code 
_pdbx_validate_torsion.label_alt_id 
_pdbx_validate_torsion.phi 
_pdbx_validate_torsion.psi 
1 1 ASN D 120 ? ? -102.18 75.93  
2 1 ALA D 162 ? ? 55.94   -98.06 
# 
loop_
_pdbx_unobs_or_zero_occ_residues.id 
_pdbx_unobs_or_zero_occ_residues.PDB_model_num 
_pdbx_unobs_or_zero_occ_residues.polymer_flag 
_pdbx_unobs_or_zero_occ_residues.occupancy_flag 
_pdbx_unobs_or_zero_occ_residues.auth_asym_id 
_pdbx_unobs_or_zero_occ_residues.auth_comp_id 
_pdbx_unobs_or_zero_occ_residues.auth_seq_id 
_pdbx_unobs_or_zero_occ_residues.PDB_ins_code 
_pdbx_unobs_or_zero_occ_residues.label_asym_id 
_pdbx_unobs_or_zero_occ_residues.label_comp_id 
_pdbx_unobs_or_zero_occ_residues.label_seq_id 
1  1 Y 1 D MET 20 ? A MET 1  
2  1 Y 1 D GLY 21 ? A GLY 2  
3  1 Y 1 D SER 22 ? A SER 3  
4  1 Y 1 D SER 23 ? A SER 4  
5  1 Y 1 D HIS 24 ? A HIS 5  
6  1 Y 1 D HIS 25 ? A HIS 6  
7  1 Y 1 D HIS 26 ? A HIS 7  
8  1 Y 1 D HIS 27 ? A HIS 8  
9  1 Y 1 D HIS 28 ? A HIS 9  
10 1 Y 1 D HIS 29 ? A HIS 10 
11 1 Y 1 D GLU 30 ? A GLU 11 
12 1 Y 1 D ASN 31 ? A ASN 12 
13 1 Y 1 D LEU 32 ? A LEU 13 
14 1 Y 1 D TYR 33 ? A TYR 14 
15 1 Y 1 D PHE 34 ? A PHE 15 
16 1 Y 1 D GLN 35 ? A GLN 16 
17 1 Y 1 D SER 36 ? A SER 17 
# 
loop_
_chem_comp_atom.comp_id 
_chem_comp_atom.atom_id 
_chem_comp_atom.type_symbol 
_chem_comp_atom.pdbx_aromatic_flag 
_chem_comp_atom.pdbx_stereo_config 
_chem_comp_atom.pdbx_ordinal 
ALA N    N  N N 1   
ALA CA   C  N S 2   
ALA C    C  N N 3   
ALA O    O  N N 4   
ALA CB   C  N N 5   
ALA OXT  O  N N 6   
ALA H    H  N N 7   
ALA H2   H  N N 8   
ALA HA   H  N N 9   
ALA HB1  H  N N 10  
ALA HB2  H  N N 11  
ALA HB3  H  N N 12  
ALA HXT  H  N N 13  
ARG N    N  N N 14  
ARG CA   C  N S 15  
ARG C    C  N N 16  
ARG O    O  N N 17  
ARG CB   C  N N 18  
ARG CG   C  N N 19  
ARG CD   C  N N 20  
ARG NE   N  N N 21  
ARG CZ   C  N N 22  
ARG NH1  N  N N 23  
ARG NH2  N  N N 24  
ARG OXT  O  N N 25  
ARG H    H  N N 26  
ARG H2   H  N N 27  
ARG HA   H  N N 28  
ARG HB2  H  N N 29  
ARG HB3  H  N N 30  
ARG HG2  H  N N 31  
ARG HG3  H  N N 32  
ARG HD2  H  N N 33  
ARG HD3  H  N N 34  
ARG HE   H  N N 35  
ARG HH11 H  N N 36  
ARG HH12 H  N N 37  
ARG HH21 H  N N 38  
ARG HH22 H  N N 39  
ARG HXT  H  N N 40  
ASN N    N  N N 41  
ASN CA   C  N S 42  
ASN C    C  N N 43  
ASN O    O  N N 44  
ASN CB   C  N N 45  
ASN CG   C  N N 46  
ASN OD1  O  N N 47  
ASN ND2  N  N N 48  
ASN OXT  O  N N 49  
ASN H    H  N N 50  
ASN H2   H  N N 51  
ASN HA   H  N N 52  
ASN HB2  H  N N 53  
ASN HB3  H  N N 54  
ASN HD21 H  N N 55  
ASN HD22 H  N N 56  
ASN HXT  H  N N 57  
ASP N    N  N N 58  
ASP CA   C  N S 59  
ASP C    C  N N 60  
ASP O    O  N N 61  
ASP CB   C  N N 62  
ASP CG   C  N N 63  
ASP OD1  O  N N 64  
ASP OD2  O  N N 65  
ASP OXT  O  N N 66  
ASP H    H  N N 67  
ASP H2   H  N N 68  
ASP HA   H  N N 69  
ASP HB2  H  N N 70  
ASP HB3  H  N N 71  
ASP HD2  H  N N 72  
ASP HXT  H  N N 73  
CL  CL   CL N N 74  
CYS N    N  N N 75  
CYS CA   C  N R 76  
CYS C    C  N N 77  
CYS O    O  N N 78  
CYS CB   C  N N 79  
CYS SG   S  N N 80  
CYS OXT  O  N N 81  
CYS H    H  N N 82  
CYS H2   H  N N 83  
CYS HA   H  N N 84  
CYS HB2  H  N N 85  
CYS HB3  H  N N 86  
CYS HG   H  N N 87  
CYS HXT  H  N N 88  
GLN N    N  N N 89  
GLN CA   C  N S 90  
GLN C    C  N N 91  
GLN O    O  N N 92  
GLN CB   C  N N 93  
GLN CG   C  N N 94  
GLN CD   C  N N 95  
GLN OE1  O  N N 96  
GLN NE2  N  N N 97  
GLN OXT  O  N N 98  
GLN H    H  N N 99  
GLN H2   H  N N 100 
GLN HA   H  N N 101 
GLN HB2  H  N N 102 
GLN HB3  H  N N 103 
GLN HG2  H  N N 104 
GLN HG3  H  N N 105 
GLN HE21 H  N N 106 
GLN HE22 H  N N 107 
GLN HXT  H  N N 108 
GLU N    N  N N 109 
GLU CA   C  N S 110 
GLU C    C  N N 111 
GLU O    O  N N 112 
GLU CB   C  N N 113 
GLU CG   C  N N 114 
GLU CD   C  N N 115 
GLU OE1  O  N N 116 
GLU OE2  O  N N 117 
GLU OXT  O  N N 118 
GLU H    H  N N 119 
GLU H2   H  N N 120 
GLU HA   H  N N 121 
GLU HB2  H  N N 122 
GLU HB3  H  N N 123 
GLU HG2  H  N N 124 
GLU HG3  H  N N 125 
GLU HE2  H  N N 126 
GLU HXT  H  N N 127 
GLY N    N  N N 128 
GLY CA   C  N N 129 
GLY C    C  N N 130 
GLY O    O  N N 131 
GLY OXT  O  N N 132 
GLY H    H  N N 133 
GLY H2   H  N N 134 
GLY HA2  H  N N 135 
GLY HA3  H  N N 136 
GLY HXT  H  N N 137 
HEM CHA  C  N N 138 
HEM CHB  C  N N 139 
HEM CHC  C  N N 140 
HEM CHD  C  N N 141 
HEM C1A  C  Y N 142 
HEM C2A  C  Y N 143 
HEM C3A  C  Y N 144 
HEM C4A  C  Y N 145 
HEM CMA  C  N N 146 
HEM CAA  C  N N 147 
HEM CBA  C  N N 148 
HEM CGA  C  N N 149 
HEM O1A  O  N N 150 
HEM O2A  O  N N 151 
HEM C1B  C  N N 152 
HEM C2B  C  N N 153 
HEM C3B  C  N N 154 
HEM C4B  C  N N 155 
HEM CMB  C  N N 156 
HEM CAB  C  N N 157 
HEM CBB  C  N N 158 
HEM C1C  C  Y N 159 
HEM C2C  C  Y N 160 
HEM C3C  C  Y N 161 
HEM C4C  C  Y N 162 
HEM CMC  C  N N 163 
HEM CAC  C  N N 164 
HEM CBC  C  N N 165 
HEM C1D  C  N N 166 
HEM C2D  C  N N 167 
HEM C3D  C  N N 168 
HEM C4D  C  N N 169 
HEM CMD  C  N N 170 
HEM CAD  C  N N 171 
HEM CBD  C  N N 172 
HEM CGD  C  N N 173 
HEM O1D  O  N N 174 
HEM O2D  O  N N 175 
HEM NA   N  Y N 176 
HEM NB   N  N N 177 
HEM NC   N  Y N 178 
HEM ND   N  N N 179 
HEM FE   FE N N 180 
HEM HHB  H  N N 181 
HEM HHC  H  N N 182 
HEM HHD  H  N N 183 
HEM HMA  H  N N 184 
HEM HMAA H  N N 185 
HEM HMAB H  N N 186 
HEM HAA  H  N N 187 
HEM HAAA H  N N 188 
HEM HBA  H  N N 189 
HEM HBAA H  N N 190 
HEM HMB  H  N N 191 
HEM HMBA H  N N 192 
HEM HMBB H  N N 193 
HEM HAB  H  N N 194 
HEM HBB  H  N N 195 
HEM HBBA H  N N 196 
HEM HMC  H  N N 197 
HEM HMCA H  N N 198 
HEM HMCB H  N N 199 
HEM HAC  H  N N 200 
HEM HBC  H  N N 201 
HEM HBCA H  N N 202 
HEM HMD  H  N N 203 
HEM HMDA H  N N 204 
HEM HMDB H  N N 205 
HEM HAD  H  N N 206 
HEM HADA H  N N 207 
HEM HBD  H  N N 208 
HEM HBDA H  N N 209 
HEM H2A  H  N N 210 
HEM H2D  H  N N 211 
HEM HHA  H  N N 212 
HIS N    N  N N 213 
HIS CA   C  N S 214 
HIS C    C  N N 215 
HIS O    O  N N 216 
HIS CB   C  N N 217 
HIS CG   C  Y N 218 
HIS ND1  N  Y N 219 
HIS CD2  C  Y N 220 
HIS CE1  C  Y N 221 
HIS NE2  N  Y N 222 
HIS OXT  O  N N 223 
HIS H    H  N N 224 
HIS H2   H  N N 225 
HIS HA   H  N N 226 
HIS HB2  H  N N 227 
HIS HB3  H  N N 228 
HIS HD1  H  N N 229 
HIS HD2  H  N N 230 
HIS HE1  H  N N 231 
HIS HE2  H  N N 232 
HIS HXT  H  N N 233 
HOH O    O  N N 234 
HOH H1   H  N N 235 
HOH H2   H  N N 236 
ILE N    N  N N 237 
ILE CA   C  N S 238 
ILE C    C  N N 239 
ILE O    O  N N 240 
ILE CB   C  N S 241 
ILE CG1  C  N N 242 
ILE CG2  C  N N 243 
ILE CD1  C  N N 244 
ILE OXT  O  N N 245 
ILE H    H  N N 246 
ILE H2   H  N N 247 
ILE HA   H  N N 248 
ILE HB   H  N N 249 
ILE HG12 H  N N 250 
ILE HG13 H  N N 251 
ILE HG21 H  N N 252 
ILE HG22 H  N N 253 
ILE HG23 H  N N 254 
ILE HD11 H  N N 255 
ILE HD12 H  N N 256 
ILE HD13 H  N N 257 
ILE HXT  H  N N 258 
LEU N    N  N N 259 
LEU CA   C  N S 260 
LEU C    C  N N 261 
LEU O    O  N N 262 
LEU CB   C  N N 263 
LEU CG   C  N N 264 
LEU CD1  C  N N 265 
LEU CD2  C  N N 266 
LEU OXT  O  N N 267 
LEU H    H  N N 268 
LEU H2   H  N N 269 
LEU HA   H  N N 270 
LEU HB2  H  N N 271 
LEU HB3  H  N N 272 
LEU HG   H  N N 273 
LEU HD11 H  N N 274 
LEU HD12 H  N N 275 
LEU HD13 H  N N 276 
LEU HD21 H  N N 277 
LEU HD22 H  N N 278 
LEU HD23 H  N N 279 
LEU HXT  H  N N 280 
LYS N    N  N N 281 
LYS CA   C  N S 282 
LYS C    C  N N 283 
LYS O    O  N N 284 
LYS CB   C  N N 285 
LYS CG   C  N N 286 
LYS CD   C  N N 287 
LYS CE   C  N N 288 
LYS NZ   N  N N 289 
LYS OXT  O  N N 290 
LYS H    H  N N 291 
LYS H2   H  N N 292 
LYS HA   H  N N 293 
LYS HB2  H  N N 294 
LYS HB3  H  N N 295 
LYS HG2  H  N N 296 
LYS HG3  H  N N 297 
LYS HD2  H  N N 298 
LYS HD3  H  N N 299 
LYS HE2  H  N N 300 
LYS HE3  H  N N 301 
LYS HZ1  H  N N 302 
LYS HZ2  H  N N 303 
LYS HZ3  H  N N 304 
LYS HXT  H  N N 305 
MET N    N  N N 306 
MET CA   C  N S 307 
MET C    C  N N 308 
MET O    O  N N 309 
MET CB   C  N N 310 
MET CG   C  N N 311 
MET SD   S  N N 312 
MET CE   C  N N 313 
MET OXT  O  N N 314 
MET H    H  N N 315 
MET H2   H  N N 316 
MET HA   H  N N 317 
MET HB2  H  N N 318 
MET HB3  H  N N 319 
MET HG2  H  N N 320 
MET HG3  H  N N 321 
MET HE1  H  N N 322 
MET HE2  H  N N 323 
MET HE3  H  N N 324 
MET HXT  H  N N 325 
PHE N    N  N N 326 
PHE CA   C  N S 327 
PHE C    C  N N 328 
PHE O    O  N N 329 
PHE CB   C  N N 330 
PHE CG   C  Y N 331 
PHE CD1  C  Y N 332 
PHE CD2  C  Y N 333 
PHE CE1  C  Y N 334 
PHE CE2  C  Y N 335 
PHE CZ   C  Y N 336 
PHE OXT  O  N N 337 
PHE H    H  N N 338 
PHE H2   H  N N 339 
PHE HA   H  N N 340 
PHE HB2  H  N N 341 
PHE HB3  H  N N 342 
PHE HD1  H  N N 343 
PHE HD2  H  N N 344 
PHE HE1  H  N N 345 
PHE HE2  H  N N 346 
PHE HZ   H  N N 347 
PHE HXT  H  N N 348 
PRO N    N  N N 349 
PRO CA   C  N S 350 
PRO C    C  N N 351 
PRO O    O  N N 352 
PRO CB   C  N N 353 
PRO CG   C  N N 354 
PRO CD   C  N N 355 
PRO OXT  O  N N 356 
PRO H    H  N N 357 
PRO HA   H  N N 358 
PRO HB2  H  N N 359 
PRO HB3  H  N N 360 
PRO HG2  H  N N 361 
PRO HG3  H  N N 362 
PRO HD2  H  N N 363 
PRO HD3  H  N N 364 
PRO HXT  H  N N 365 
SER N    N  N N 366 
SER CA   C  N S 367 
SER C    C  N N 368 
SER O    O  N N 369 
SER CB   C  N N 370 
SER OG   O  N N 371 
SER OXT  O  N N 372 
SER H    H  N N 373 
SER H2   H  N N 374 
SER HA   H  N N 375 
SER HB2  H  N N 376 
SER HB3  H  N N 377 
SER HG   H  N N 378 
SER HXT  H  N N 379 
THR N    N  N N 380 
THR CA   C  N S 381 
THR C    C  N N 382 
THR O    O  N N 383 
THR CB   C  N R 384 
THR OG1  O  N N 385 
THR CG2  C  N N 386 
THR OXT  O  N N 387 
THR H    H  N N 388 
THR H2   H  N N 389 
THR HA   H  N N 390 
THR HB   H  N N 391 
THR HG1  H  N N 392 
THR HG21 H  N N 393 
THR HG22 H  N N 394 
THR HG23 H  N N 395 
THR HXT  H  N N 396 
TRP N    N  N N 397 
TRP CA   C  N S 398 
TRP C    C  N N 399 
TRP O    O  N N 400 
TRP CB   C  N N 401 
TRP CG   C  Y N 402 
TRP CD1  C  Y N 403 
TRP CD2  C  Y N 404 
TRP NE1  N  Y N 405 
TRP CE2  C  Y N 406 
TRP CE3  C  Y N 407 
TRP CZ2  C  Y N 408 
TRP CZ3  C  Y N 409 
TRP CH2  C  Y N 410 
TRP OXT  O  N N 411 
TRP H    H  N N 412 
TRP H2   H  N N 413 
TRP HA   H  N N 414 
TRP HB2  H  N N 415 
TRP HB3  H  N N 416 
TRP HD1  H  N N 417 
TRP HE1  H  N N 418 
TRP HE3  H  N N 419 
TRP HZ2  H  N N 420 
TRP HZ3  H  N N 421 
TRP HH2  H  N N 422 
TRP HXT  H  N N 423 
TYR N    N  N N 424 
TYR CA   C  N S 425 
TYR C    C  N N 426 
TYR O    O  N N 427 
TYR CB   C  N N 428 
TYR CG   C  Y N 429 
TYR CD1  C  Y N 430 
TYR CD2  C  Y N 431 
TYR CE1  C  Y N 432 
TYR CE2  C  Y N 433 
TYR CZ   C  Y N 434 
TYR OH   O  N N 435 
TYR OXT  O  N N 436 
TYR H    H  N N 437 
TYR H2   H  N N 438 
TYR HA   H  N N 439 
TYR HB2  H  N N 440 
TYR HB3  H  N N 441 
TYR HD1  H  N N 442 
TYR HD2  H  N N 443 
TYR HE1  H  N N 444 
TYR HE2  H  N N 445 
TYR HH   H  N N 446 
TYR HXT  H  N N 447 
VAL N    N  N N 448 
VAL CA   C  N S 449 
VAL C    C  N N 450 
VAL O    O  N N 451 
VAL CB   C  N N 452 
VAL CG1  C  N N 453 
VAL CG2  C  N N 454 
VAL OXT  O  N N 455 
VAL H    H  N N 456 
VAL H2   H  N N 457 
VAL HA   H  N N 458 
VAL HB   H  N N 459 
VAL HG11 H  N N 460 
VAL HG12 H  N N 461 
VAL HG13 H  N N 462 
VAL HG21 H  N N 463 
VAL HG22 H  N N 464 
VAL HG23 H  N N 465 
VAL HXT  H  N N 466 
# 
loop_
_chem_comp_bond.comp_id 
_chem_comp_bond.atom_id_1 
_chem_comp_bond.atom_id_2 
_chem_comp_bond.value_order 
_chem_comp_bond.pdbx_aromatic_flag 
_chem_comp_bond.pdbx_stereo_config 
_chem_comp_bond.pdbx_ordinal 
ALA N   CA   sing N N 1   
ALA N   H    sing N N 2   
ALA N   H2   sing N N 3   
ALA CA  C    sing N N 4   
ALA CA  CB   sing N N 5   
ALA CA  HA   sing N N 6   
ALA C   O    doub N N 7   
ALA C   OXT  sing N N 8   
ALA CB  HB1  sing N N 9   
ALA CB  HB2  sing N N 10  
ALA CB  HB3  sing N N 11  
ALA OXT HXT  sing N N 12  
ARG N   CA   sing N N 13  
ARG N   H    sing N N 14  
ARG N   H2   sing N N 15  
ARG CA  C    sing N N 16  
ARG CA  CB   sing N N 17  
ARG CA  HA   sing N N 18  
ARG C   O    doub N N 19  
ARG C   OXT  sing N N 20  
ARG CB  CG   sing N N 21  
ARG CB  HB2  sing N N 22  
ARG CB  HB3  sing N N 23  
ARG CG  CD   sing N N 24  
ARG CG  HG2  sing N N 25  
ARG CG  HG3  sing N N 26  
ARG CD  NE   sing N N 27  
ARG CD  HD2  sing N N 28  
ARG CD  HD3  sing N N 29  
ARG NE  CZ   sing N N 30  
ARG NE  HE   sing N N 31  
ARG CZ  NH1  sing N N 32  
ARG CZ  NH2  doub N N 33  
ARG NH1 HH11 sing N N 34  
ARG NH1 HH12 sing N N 35  
ARG NH2 HH21 sing N N 36  
ARG NH2 HH22 sing N N 37  
ARG OXT HXT  sing N N 38  
ASN N   CA   sing N N 39  
ASN N   H    sing N N 40  
ASN N   H2   sing N N 41  
ASN CA  C    sing N N 42  
ASN CA  CB   sing N N 43  
ASN CA  HA   sing N N 44  
ASN C   O    doub N N 45  
ASN C   OXT  sing N N 46  
ASN CB  CG   sing N N 47  
ASN CB  HB2  sing N N 48  
ASN CB  HB3  sing N N 49  
ASN CG  OD1  doub N N 50  
ASN CG  ND2  sing N N 51  
ASN ND2 HD21 sing N N 52  
ASN ND2 HD22 sing N N 53  
ASN OXT HXT  sing N N 54  
ASP N   CA   sing N N 55  
ASP N   H    sing N N 56  
ASP N   H2   sing N N 57  
ASP CA  C    sing N N 58  
ASP CA  CB   sing N N 59  
ASP CA  HA   sing N N 60  
ASP C   O    doub N N 61  
ASP C   OXT  sing N N 62  
ASP CB  CG   sing N N 63  
ASP CB  HB2  sing N N 64  
ASP CB  HB3  sing N N 65  
ASP CG  OD1  doub N N 66  
ASP CG  OD2  sing N N 67  
ASP OD2 HD2  sing N N 68  
ASP OXT HXT  sing N N 69  
CYS N   CA   sing N N 70  
CYS N   H    sing N N 71  
CYS N   H2   sing N N 72  
CYS CA  C    sing N N 73  
CYS CA  CB   sing N N 74  
CYS CA  HA   sing N N 75  
CYS C   O    doub N N 76  
CYS C   OXT  sing N N 77  
CYS CB  SG   sing N N 78  
CYS CB  HB2  sing N N 79  
CYS CB  HB3  sing N N 80  
CYS SG  HG   sing N N 81  
CYS OXT HXT  sing N N 82  
GLN N   CA   sing N N 83  
GLN N   H    sing N N 84  
GLN N   H2   sing N N 85  
GLN CA  C    sing N N 86  
GLN CA  CB   sing N N 87  
GLN CA  HA   sing N N 88  
GLN C   O    doub N N 89  
GLN C   OXT  sing N N 90  
GLN CB  CG   sing N N 91  
GLN CB  HB2  sing N N 92  
GLN CB  HB3  sing N N 93  
GLN CG  CD   sing N N 94  
GLN CG  HG2  sing N N 95  
GLN CG  HG3  sing N N 96  
GLN CD  OE1  doub N N 97  
GLN CD  NE2  sing N N 98  
GLN NE2 HE21 sing N N 99  
GLN NE2 HE22 sing N N 100 
GLN OXT HXT  sing N N 101 
GLU N   CA   sing N N 102 
GLU N   H    sing N N 103 
GLU N   H2   sing N N 104 
GLU CA  C    sing N N 105 
GLU CA  CB   sing N N 106 
GLU CA  HA   sing N N 107 
GLU C   O    doub N N 108 
GLU C   OXT  sing N N 109 
GLU CB  CG   sing N N 110 
GLU CB  HB2  sing N N 111 
GLU CB  HB3  sing N N 112 
GLU CG  CD   sing N N 113 
GLU CG  HG2  sing N N 114 
GLU CG  HG3  sing N N 115 
GLU CD  OE1  doub N N 116 
GLU CD  OE2  sing N N 117 
GLU OE2 HE2  sing N N 118 
GLU OXT HXT  sing N N 119 
GLY N   CA   sing N N 120 
GLY N   H    sing N N 121 
GLY N   H2   sing N N 122 
GLY CA  C    sing N N 123 
GLY CA  HA2  sing N N 124 
GLY CA  HA3  sing N N 125 
GLY C   O    doub N N 126 
GLY C   OXT  sing N N 127 
GLY OXT HXT  sing N N 128 
HEM CHA C1A  sing N N 129 
HEM CHA C4D  doub N N 130 
HEM CHA HHA  sing N N 131 
HEM CHB C4A  sing N N 132 
HEM CHB C1B  doub N N 133 
HEM CHB HHB  sing N N 134 
HEM CHC C4B  sing N N 135 
HEM CHC C1C  doub N N 136 
HEM CHC HHC  sing N N 137 
HEM CHD C4C  doub N N 138 
HEM CHD C1D  sing N N 139 
HEM CHD HHD  sing N N 140 
HEM C1A C2A  doub Y N 141 
HEM C1A NA   sing Y N 142 
HEM C2A C3A  sing Y N 143 
HEM C2A CAA  sing N N 144 
HEM C3A C4A  doub Y N 145 
HEM C3A CMA  sing N N 146 
HEM C4A NA   sing Y N 147 
HEM CMA HMA  sing N N 148 
HEM CMA HMAA sing N N 149 
HEM CMA HMAB sing N N 150 
HEM CAA CBA  sing N N 151 
HEM CAA HAA  sing N N 152 
HEM CAA HAAA sing N N 153 
HEM CBA CGA  sing N N 154 
HEM CBA HBA  sing N N 155 
HEM CBA HBAA sing N N 156 
HEM CGA O1A  doub N N 157 
HEM CGA O2A  sing N N 158 
HEM C1B C2B  sing N N 159 
HEM C1B NB   sing N N 160 
HEM C2B C3B  doub N N 161 
HEM C2B CMB  sing N N 162 
HEM C3B C4B  sing N N 163 
HEM C3B CAB  sing N N 164 
HEM C4B NB   doub N N 165 
HEM CMB HMB  sing N N 166 
HEM CMB HMBA sing N N 167 
HEM CMB HMBB sing N N 168 
HEM CAB CBB  doub N N 169 
HEM CAB HAB  sing N N 170 
HEM CBB HBB  sing N N 171 
HEM CBB HBBA sing N N 172 
HEM C1C C2C  sing Y N 173 
HEM C1C NC   sing Y N 174 
HEM C2C C3C  doub Y N 175 
HEM C2C CMC  sing N N 176 
HEM C3C C4C  sing Y N 177 
HEM C3C CAC  sing N N 178 
HEM C4C NC   sing Y N 179 
HEM CMC HMC  sing N N 180 
HEM CMC HMCA sing N N 181 
HEM CMC HMCB sing N N 182 
HEM CAC CBC  doub N N 183 
HEM CAC HAC  sing N N 184 
HEM CBC HBC  sing N N 185 
HEM CBC HBCA sing N N 186 
HEM C1D C2D  sing N N 187 
HEM C1D ND   doub N N 188 
HEM C2D C3D  doub N N 189 
HEM C2D CMD  sing N N 190 
HEM C3D C4D  sing N N 191 
HEM C3D CAD  sing N N 192 
HEM C4D ND   sing N N 193 
HEM CMD HMD  sing N N 194 
HEM CMD HMDA sing N N 195 
HEM CMD HMDB sing N N 196 
HEM CAD CBD  sing N N 197 
HEM CAD HAD  sing N N 198 
HEM CAD HADA sing N N 199 
HEM CBD CGD  sing N N 200 
HEM CBD HBD  sing N N 201 
HEM CBD HBDA sing N N 202 
HEM CGD O1D  doub N N 203 
HEM CGD O2D  sing N N 204 
HEM O2A H2A  sing N N 205 
HEM O2D H2D  sing N N 206 
HEM FE  NA   sing N N 207 
HEM FE  NB   sing N N 208 
HEM FE  NC   sing N N 209 
HEM FE  ND   sing N N 210 
HIS N   CA   sing N N 211 
HIS N   H    sing N N 212 
HIS N   H2   sing N N 213 
HIS CA  C    sing N N 214 
HIS CA  CB   sing N N 215 
HIS CA  HA   sing N N 216 
HIS C   O    doub N N 217 
HIS C   OXT  sing N N 218 
HIS CB  CG   sing N N 219 
HIS CB  HB2  sing N N 220 
HIS CB  HB3  sing N N 221 
HIS CG  ND1  sing Y N 222 
HIS CG  CD2  doub Y N 223 
HIS ND1 CE1  doub Y N 224 
HIS ND1 HD1  sing N N 225 
HIS CD2 NE2  sing Y N 226 
HIS CD2 HD2  sing N N 227 
HIS CE1 NE2  sing Y N 228 
HIS CE1 HE1  sing N N 229 
HIS NE2 HE2  sing N N 230 
HIS OXT HXT  sing N N 231 
HOH O   H1   sing N N 232 
HOH O   H2   sing N N 233 
ILE N   CA   sing N N 234 
ILE N   H    sing N N 235 
ILE N   H2   sing N N 236 
ILE CA  C    sing N N 237 
ILE CA  CB   sing N N 238 
ILE CA  HA   sing N N 239 
ILE C   O    doub N N 240 
ILE C   OXT  sing N N 241 
ILE CB  CG1  sing N N 242 
ILE CB  CG2  sing N N 243 
ILE CB  HB   sing N N 244 
ILE CG1 CD1  sing N N 245 
ILE CG1 HG12 sing N N 246 
ILE CG1 HG13 sing N N 247 
ILE CG2 HG21 sing N N 248 
ILE CG2 HG22 sing N N 249 
ILE CG2 HG23 sing N N 250 
ILE CD1 HD11 sing N N 251 
ILE CD1 HD12 sing N N 252 
ILE CD1 HD13 sing N N 253 
ILE OXT HXT  sing N N 254 
LEU N   CA   sing N N 255 
LEU N   H    sing N N 256 
LEU N   H2   sing N N 257 
LEU CA  C    sing N N 258 
LEU CA  CB   sing N N 259 
LEU CA  HA   sing N N 260 
LEU C   O    doub N N 261 
LEU C   OXT  sing N N 262 
LEU CB  CG   sing N N 263 
LEU CB  HB2  sing N N 264 
LEU CB  HB3  sing N N 265 
LEU CG  CD1  sing N N 266 
LEU CG  CD2  sing N N 267 
LEU CG  HG   sing N N 268 
LEU CD1 HD11 sing N N 269 
LEU CD1 HD12 sing N N 270 
LEU CD1 HD13 sing N N 271 
LEU CD2 HD21 sing N N 272 
LEU CD2 HD22 sing N N 273 
LEU CD2 HD23 sing N N 274 
LEU OXT HXT  sing N N 275 
LYS N   CA   sing N N 276 
LYS N   H    sing N N 277 
LYS N   H2   sing N N 278 
LYS CA  C    sing N N 279 
LYS CA  CB   sing N N 280 
LYS CA  HA   sing N N 281 
LYS C   O    doub N N 282 
LYS C   OXT  sing N N 283 
LYS CB  CG   sing N N 284 
LYS CB  HB2  sing N N 285 
LYS CB  HB3  sing N N 286 
LYS CG  CD   sing N N 287 
LYS CG  HG2  sing N N 288 
LYS CG  HG3  sing N N 289 
LYS CD  CE   sing N N 290 
LYS CD  HD2  sing N N 291 
LYS CD  HD3  sing N N 292 
LYS CE  NZ   sing N N 293 
LYS CE  HE2  sing N N 294 
LYS CE  HE3  sing N N 295 
LYS NZ  HZ1  sing N N 296 
LYS NZ  HZ2  sing N N 297 
LYS NZ  HZ3  sing N N 298 
LYS OXT HXT  sing N N 299 
MET N   CA   sing N N 300 
MET N   H    sing N N 301 
MET N   H2   sing N N 302 
MET CA  C    sing N N 303 
MET CA  CB   sing N N 304 
MET CA  HA   sing N N 305 
MET C   O    doub N N 306 
MET C   OXT  sing N N 307 
MET CB  CG   sing N N 308 
MET CB  HB2  sing N N 309 
MET CB  HB3  sing N N 310 
MET CG  SD   sing N N 311 
MET CG  HG2  sing N N 312 
MET CG  HG3  sing N N 313 
MET SD  CE   sing N N 314 
MET CE  HE1  sing N N 315 
MET CE  HE2  sing N N 316 
MET CE  HE3  sing N N 317 
MET OXT HXT  sing N N 318 
PHE N   CA   sing N N 319 
PHE N   H    sing N N 320 
PHE N   H2   sing N N 321 
PHE CA  C    sing N N 322 
PHE CA  CB   sing N N 323 
PHE CA  HA   sing N N 324 
PHE C   O    doub N N 325 
PHE C   OXT  sing N N 326 
PHE CB  CG   sing N N 327 
PHE CB  HB2  sing N N 328 
PHE CB  HB3  sing N N 329 
PHE CG  CD1  doub Y N 330 
PHE CG  CD2  sing Y N 331 
PHE CD1 CE1  sing Y N 332 
PHE CD1 HD1  sing N N 333 
PHE CD2 CE2  doub Y N 334 
PHE CD2 HD2  sing N N 335 
PHE CE1 CZ   doub Y N 336 
PHE CE1 HE1  sing N N 337 
PHE CE2 CZ   sing Y N 338 
PHE CE2 HE2  sing N N 339 
PHE CZ  HZ   sing N N 340 
PHE OXT HXT  sing N N 341 
PRO N   CA   sing N N 342 
PRO N   CD   sing N N 343 
PRO N   H    sing N N 344 
PRO CA  C    sing N N 345 
PRO CA  CB   sing N N 346 
PRO CA  HA   sing N N 347 
PRO C   O    doub N N 348 
PRO C   OXT  sing N N 349 
PRO CB  CG   sing N N 350 
PRO CB  HB2  sing N N 351 
PRO CB  HB3  sing N N 352 
PRO CG  CD   sing N N 353 
PRO CG  HG2  sing N N 354 
PRO CG  HG3  sing N N 355 
PRO CD  HD2  sing N N 356 
PRO CD  HD3  sing N N 357 
PRO OXT HXT  sing N N 358 
SER N   CA   sing N N 359 
SER N   H    sing N N 360 
SER N   H2   sing N N 361 
SER CA  C    sing N N 362 
SER CA  CB   sing N N 363 
SER CA  HA   sing N N 364 
SER C   O    doub N N 365 
SER C   OXT  sing N N 366 
SER CB  OG   sing N N 367 
SER CB  HB2  sing N N 368 
SER CB  HB3  sing N N 369 
SER OG  HG   sing N N 370 
SER OXT HXT  sing N N 371 
THR N   CA   sing N N 372 
THR N   H    sing N N 373 
THR N   H2   sing N N 374 
THR CA  C    sing N N 375 
THR CA  CB   sing N N 376 
THR CA  HA   sing N N 377 
THR C   O    doub N N 378 
THR C   OXT  sing N N 379 
THR CB  OG1  sing N N 380 
THR CB  CG2  sing N N 381 
THR CB  HB   sing N N 382 
THR OG1 HG1  sing N N 383 
THR CG2 HG21 sing N N 384 
THR CG2 HG22 sing N N 385 
THR CG2 HG23 sing N N 386 
THR OXT HXT  sing N N 387 
TRP N   CA   sing N N 388 
TRP N   H    sing N N 389 
TRP N   H2   sing N N 390 
TRP CA  C    sing N N 391 
TRP CA  CB   sing N N 392 
TRP CA  HA   sing N N 393 
TRP C   O    doub N N 394 
TRP C   OXT  sing N N 395 
TRP CB  CG   sing N N 396 
TRP CB  HB2  sing N N 397 
TRP CB  HB3  sing N N 398 
TRP CG  CD1  doub Y N 399 
TRP CG  CD2  sing Y N 400 
TRP CD1 NE1  sing Y N 401 
TRP CD1 HD1  sing N N 402 
TRP CD2 CE2  doub Y N 403 
TRP CD2 CE3  sing Y N 404 
TRP NE1 CE2  sing Y N 405 
TRP NE1 HE1  sing N N 406 
TRP CE2 CZ2  sing Y N 407 
TRP CE3 CZ3  doub Y N 408 
TRP CE3 HE3  sing N N 409 
TRP CZ2 CH2  doub Y N 410 
TRP CZ2 HZ2  sing N N 411 
TRP CZ3 CH2  sing Y N 412 
TRP CZ3 HZ3  sing N N 413 
TRP CH2 HH2  sing N N 414 
TRP OXT HXT  sing N N 415 
TYR N   CA   sing N N 416 
TYR N   H    sing N N 417 
TYR N   H2   sing N N 418 
TYR CA  C    sing N N 419 
TYR CA  CB   sing N N 420 
TYR CA  HA   sing N N 421 
TYR C   O    doub N N 422 
TYR C   OXT  sing N N 423 
TYR CB  CG   sing N N 424 
TYR CB  HB2  sing N N 425 
TYR CB  HB3  sing N N 426 
TYR CG  CD1  doub Y N 427 
TYR CG  CD2  sing Y N 428 
TYR CD1 CE1  sing Y N 429 
TYR CD1 HD1  sing N N 430 
TYR CD2 CE2  doub Y N 431 
TYR CD2 HD2  sing N N 432 
TYR CE1 CZ   doub Y N 433 
TYR CE1 HE1  sing N N 434 
TYR CE2 CZ   sing Y N 435 
TYR CE2 HE2  sing N N 436 
TYR CZ  OH   sing N N 437 
TYR OH  HH   sing N N 438 
TYR OXT HXT  sing N N 439 
VAL N   CA   sing N N 440 
VAL N   H    sing N N 441 
VAL N   H2   sing N N 442 
VAL CA  C    sing N N 443 
VAL CA  CB   sing N N 444 
VAL CA  HA   sing N N 445 
VAL C   O    doub N N 446 
VAL C   OXT  sing N N 447 
VAL CB  CG1  sing N N 448 
VAL CB  CG2  sing N N 449 
VAL CB  HB   sing N N 450 
VAL CG1 HG11 sing N N 451 
VAL CG1 HG12 sing N N 452 
VAL CG1 HG13 sing N N 453 
VAL CG2 HG21 sing N N 454 
VAL CG2 HG22 sing N N 455 
VAL CG2 HG23 sing N N 456 
VAL OXT HXT  sing N N 457 
# 
_pdbx_audit_support.funding_organization   'Japan Society for the Promotion of Science' 
_pdbx_audit_support.country                Japan 
_pdbx_audit_support.grant_number           ? 
_pdbx_audit_support.ordinal                1 
# 
_atom_sites.entry_id                    5ZM9 
_atom_sites.fract_transf_matrix[1][1]   -0.00788826 
_atom_sites.fract_transf_matrix[1][2]   0.00963742 
_atom_sites.fract_transf_matrix[1][3]   0.02456200 
_atom_sites.fract_transf_matrix[2][1]   -0.00878925 
_atom_sites.fract_transf_matrix[2][2]   0.01308684 
_atom_sites.fract_transf_matrix[2][3]   -0.00795763 
_atom_sites.fract_transf_matrix[3][1]   -0.01233659 
_atom_sites.fract_transf_matrix[3][2]   -0.00863445 
_atom_sites.fract_transf_matrix[3][3]   -0.00057407 
_atom_sites.fract_transf_vector[1]      -0.280921 
_atom_sites.fract_transf_vector[2]      -0.106917 
_atom_sites.fract_transf_vector[3]      0.210027 
# 
loop_
_atom_type.symbol 
C  
CL 
FE 
N  
O  
S  
# 
loop_
_atom_site.group_PDB 
_atom_site.id 
_atom_site.type_symbol 
_atom_site.label_atom_id 
_atom_site.label_alt_id 
_atom_site.label_comp_id 
_atom_site.label_asym_id 
_atom_site.label_entity_id 
_atom_site.label_seq_id 
_atom_site.pdbx_PDB_ins_code 
_atom_site.Cartn_x 
_atom_site.Cartn_y 
_atom_site.Cartn_z 
_atom_site.occupancy 
_atom_site.B_iso_or_equiv 
_atom_site.pdbx_formal_charge 
_atom_site.auth_seq_id 
_atom_site.auth_comp_id 
_atom_site.auth_asym_id 
_atom_site.auth_atom_id 
_atom_site.pdbx_PDB_model_num 
ATOM   1    N  N   . ASP A 1 18  ? -9.476  -8.927  19.447  1.00 43.73 ? 37  ASP D N   1 
ATOM   2    C  CA  . ASP A 1 18  ? -9.992  -9.533  18.186  1.00 43.80 ? 37  ASP D CA  1 
ATOM   3    C  C   . ASP A 1 18  ? -8.960  -10.510 17.602  1.00 43.86 ? 37  ASP D C   1 
ATOM   4    O  O   . ASP A 1 18  ? -7.803  -10.129 17.396  1.00 43.99 ? 37  ASP D O   1 
ATOM   5    C  CB  . ASP A 1 18  ? -10.342 -8.436  17.171  1.00 43.71 ? 37  ASP D CB  1 
ATOM   6    C  CG  . ASP A 1 18  ? -11.389 -8.879  16.160  1.00 43.55 ? 37  ASP D CG  1 
ATOM   7    O  OD1 . ASP A 1 18  ? -11.104 -9.778  15.340  1.00 43.46 ? 37  ASP D OD1 1 
ATOM   8    O  OD2 . ASP A 1 18  ? -12.499 -8.308  16.174  1.00 43.48 ? 37  ASP D OD2 1 
ATOM   9    N  N   . PRO A 1 19  ? -9.375  -11.775 17.342  1.00 43.85 ? 38  PRO D N   1 
ATOM   10   C  CA  . PRO A 1 19  ? -8.448  -12.796 16.825  1.00 43.75 ? 38  PRO D CA  1 
ATOM   11   C  C   . PRO A 1 19  ? -8.052  -12.620 15.351  1.00 43.57 ? 38  PRO D C   1 
ATOM   12   O  O   . PRO A 1 19  ? -7.033  -13.170 14.925  1.00 43.61 ? 38  PRO D O   1 
ATOM   13   C  CB  . PRO A 1 19  ? -9.224  -14.103 17.017  1.00 43.86 ? 38  PRO D CB  1 
ATOM   14   C  CG  . PRO A 1 19  ? -10.657 -13.701 16.965  1.00 43.91 ? 38  PRO D CG  1 
ATOM   15   C  CD  . PRO A 1 19  ? -10.725 -12.330 17.573  1.00 43.91 ? 38  PRO D CD  1 
ATOM   16   N  N   . ARG A 1 20  ? -8.852  -11.864 14.598  1.00 43.33 ? 39  ARG D N   1 
ATOM   17   C  CA  . ARG A 1 20  ? -8.616  -11.625 13.166  1.00 43.03 ? 39  ARG D CA  1 
ATOM   18   C  C   . ARG A 1 20  ? -7.452  -10.665 12.907  1.00 42.72 ? 39  ARG D C   1 
ATOM   19   O  O   . ARG A 1 20  ? -6.754  -10.792 11.895  1.00 42.66 ? 39  ARG D O   1 
ATOM   20   C  CB  . ARG A 1 20  ? -9.888  -11.104 12.484  1.00 43.09 ? 39  ARG D CB  1 
ATOM   21   C  CG  . ARG A 1 20  ? -11.065 -12.074 12.500  1.00 43.15 ? 39  ARG D CG  1 
ATOM   22   C  CD  . ARG A 1 20  ? -12.349 -11.428 11.998  1.00 43.17 ? 39  ARG D CD  1 
ATOM   23   N  NE  . ARG A 1 20  ? -12.876 -10.420 12.923  1.00 43.23 ? 39  ARG D NE  1 
ATOM   24   C  CZ  . ARG A 1 20  ? -14.023 -9.761  12.769  1.00 43.22 ? 39  ARG D CZ  1 
ATOM   25   N  NH1 . ARG A 1 20  ? -14.393 -8.867  13.677  1.00 43.20 ? 39  ARG D NH1 1 
ATOM   26   N  NH2 . ARG A 1 20  ? -14.809 -9.987  11.722  1.00 43.22 ? 39  ARG D NH2 1 
ATOM   27   N  N   . PHE A 1 21  ? -7.257  -9.713  13.821  1.00 42.37 ? 40  PHE D N   1 
ATOM   28   C  CA  . PHE A 1 21  ? -6.201  -8.701  13.723  1.00 42.04 ? 40  PHE D CA  1 
ATOM   29   C  C   . PHE A 1 21  ? -4.816  -9.309  14.000  1.00 41.77 ? 40  PHE D C   1 
ATOM   30   O  O   . PHE A 1 21  ? -4.639  -9.989  15.017  1.00 41.68 ? 40  PHE D O   1 
ATOM   31   C  CB  . PHE A 1 21  ? -6.499  -7.531  14.673  1.00 42.07 ? 40  PHE D CB  1 
ATOM   32   C  CG  . PHE A 1 21  ? -5.675  -6.300  14.410  1.00 42.02 ? 40  PHE D CG  1 
ATOM   33   C  CD1 . PHE A 1 21  ? -5.995  -5.434  13.357  1.00 42.00 ? 40  PHE D CD1 1 
ATOM   34   C  CD2 . PHE A 1 21  ? -4.583  -5.992  15.220  1.00 42.07 ? 40  PHE D CD2 1 
ATOM   35   C  CE1 . PHE A 1 21  ? -5.232  -4.296  13.117  1.00 41.98 ? 40  PHE D CE1 1 
ATOM   36   C  CE2 . PHE A 1 21  ? -3.818  -4.854  14.985  1.00 42.10 ? 40  PHE D CE2 1 
ATOM   37   C  CZ  . PHE A 1 21  ? -4.142  -4.005  13.932  1.00 42.04 ? 40  PHE D CZ  1 
ATOM   38   N  N   . PRO A 1 22  ? -3.835  -9.066  13.097  1.00 41.57 ? 41  PRO D N   1 
ATOM   39   C  CA  . PRO A 1 22  ? -2.530  -9.746  13.150  1.00 41.45 ? 41  PRO D CA  1 
ATOM   40   C  C   . PRO A 1 22  ? -1.589  -9.310  14.280  1.00 41.33 ? 41  PRO D C   1 
ATOM   41   O  O   . PRO A 1 22  ? -0.739  -10.100 14.701  1.00 41.37 ? 41  PRO D O   1 
ATOM   42   C  CB  . PRO A 1 22  ? -1.907  -9.404  11.793  1.00 41.44 ? 41  PRO D CB  1 
ATOM   43   C  CG  . PRO A 1 22  ? -2.498  -8.083  11.441  1.00 41.38 ? 41  PRO D CG  1 
ATOM   44   C  CD  . PRO A 1 22  ? -3.910  -8.139  11.948  1.00 41.44 ? 41  PRO D CD  1 
ATOM   45   N  N   . LEU A 1 23  ? -1.743  -8.074  14.756  1.00 41.16 ? 42  LEU D N   1 
ATOM   46   C  CA  . LEU A 1 23  ? -0.800  -7.480  15.707  1.00 40.95 ? 42  LEU D CA  1 
ATOM   47   C  C   . LEU A 1 23  ? -1.328  -7.442  17.140  1.00 40.87 ? 42  LEU D C   1 
ATOM   48   O  O   . LEU A 1 23  ? -2.538  -7.344  17.365  1.00 40.97 ? 42  LEU D O   1 
ATOM   49   C  CB  . LEU A 1 23  ? -0.394  -6.066  15.262  1.00 40.92 ? 42  LEU D CB  1 
ATOM   50   C  CG  . LEU A 1 23  ? 0.204   -5.816  13.868  1.00 40.92 ? 42  LEU D CG  1 
ATOM   51   C  CD1 . LEU A 1 23  ? 0.103   -4.340  13.518  1.00 40.89 ? 42  LEU D CD1 1 
ATOM   52   C  CD2 . LEU A 1 23  ? 1.646   -6.295  13.756  1.00 40.95 ? 42  LEU D CD2 1 
ATOM   53   N  N   . THR A 1 24  ? -0.402  -7.523  18.095  1.00 40.80 ? 43  THR D N   1 
ATOM   54   C  CA  . THR A 1 24  ? -0.697  -7.314  19.517  1.00 40.80 ? 43  THR D CA  1 
ATOM   55   C  C   . THR A 1 24  ? -0.997  -5.837  19.776  1.00 40.90 ? 43  THR D C   1 
ATOM   56   O  O   . THR A 1 24  ? -0.643  -4.978  18.961  1.00 40.89 ? 43  THR D O   1 
ATOM   57   C  CB  . THR A 1 24  ? 0.471   -7.769  20.422  1.00 40.71 ? 43  THR D CB  1 
ATOM   58   O  OG1 . THR A 1 24  ? 1.694   -7.169  19.975  1.00 40.65 ? 43  THR D OG1 1 
ATOM   59   C  CG2 . THR A 1 24  ? 0.615   -9.289  20.413  1.00 40.68 ? 43  THR D CG2 1 
ATOM   60   N  N   . ALA A 1 25  ? -1.645  -5.553  20.909  1.00 41.17 ? 44  ALA D N   1 
ATOM   61   C  CA  . ALA A 1 25  ? -2.012  -4.187  21.314  1.00 41.30 ? 44  ALA D CA  1 
ATOM   62   C  C   . ALA A 1 25  ? -0.836  -3.202  21.292  1.00 41.44 ? 44  ALA D C   1 
ATOM   63   O  O   . ALA A 1 25  ? -0.985  -2.077  20.810  1.00 41.45 ? 44  ALA D O   1 
ATOM   64   C  CB  . ALA A 1 25  ? -2.679  -4.199  22.684  1.00 41.28 ? 44  ALA D CB  1 
ATOM   65   N  N   . ARG A 1 26  ? 0.319   -3.647  21.791  1.00 41.60 ? 45  ARG D N   1 
ATOM   66   C  CA  . ARG A 1 26  ? 1.554   -2.852  21.809  1.00 41.85 ? 45  ARG D CA  1 
ATOM   67   C  C   . ARG A 1 26  ? 2.079   -2.545  20.398  1.00 41.69 ? 45  ARG D C   1 
ATOM   68   O  O   . ARG A 1 26  ? 2.449   -1.402  20.110  1.00 41.77 ? 45  ARG D O   1 
ATOM   69   C  CB  . ARG A 1 26  ? 2.633   -3.542  22.664  1.00 42.19 ? 45  ARG D CB  1 
ATOM   70   C  CG  . ARG A 1 26  ? 3.914   -2.740  22.897  1.00 42.59 ? 45  ARG D CG  1 
ATOM   71   C  CD  . ARG A 1 26  ? 3.799   -1.739  24.043  1.00 43.00 ? 45  ARG D CD  1 
ATOM   72   N  NE  . ARG A 1 26  ? 3.083   -0.521  23.659  1.00 43.40 ? 45  ARG D NE  1 
ATOM   73   C  CZ  . ARG A 1 26  ? 2.741   0.464   24.489  1.00 43.65 ? 45  ARG D CZ  1 
ATOM   74   N  NH1 . ARG A 1 26  ? 2.089   1.520   24.020  1.00 43.81 ? 45  ARG D NH1 1 
ATOM   75   N  NH2 . ARG A 1 26  ? 3.041   0.407   25.783  1.00 43.73 ? 45  ARG D NH2 1 
ATOM   76   N  N   . ASP A 1 27  ? 2.104   -3.568  19.538  1.00 41.45 ? 46  ASP D N   1 
ATOM   77   C  CA  . ASP A 1 27  ? 2.526   -3.428  18.137  1.00 41.16 ? 46  ASP D CA  1 
ATOM   78   C  C   . ASP A 1 27  ? 1.542   -2.597  17.312  1.00 40.92 ? 46  ASP D C   1 
ATOM   79   O  O   . ASP A 1 27  ? 1.948   -1.918  16.365  1.00 40.88 ? 46  ASP D O   1 
ATOM   80   C  CB  . ASP A 1 27  ? 2.733   -4.801  17.486  1.00 41.14 ? 46  ASP D CB  1 
ATOM   81   C  CG  . ASP A 1 27  ? 3.897   -5.581  18.093  1.00 41.12 ? 46  ASP D CG  1 
ATOM   82   O  OD1 . ASP A 1 27  ? 4.944   -4.978  18.419  1.00 41.03 ? 46  ASP D OD1 1 
ATOM   83   O  OD2 . ASP A 1 27  ? 3.766   -6.815  18.230  1.00 41.13 ? 46  ASP D OD2 1 
ATOM   84   N  N   . LYS A 1 28  ? 0.259   -2.670  17.679  1.00 40.71 ? 47  LYS D N   1 
ATOM   85   C  CA  . LYS A 1 28  ? -0.805  -1.865  17.074  1.00 40.58 ? 47  LYS D CA  1 
ATOM   86   C  C   . LYS A 1 28  ? -0.588  -0.372  17.334  1.00 40.51 ? 47  LYS D C   1 
ATOM   87   O  O   . LYS A 1 28  ? -0.681  0.433   16.408  1.00 40.47 ? 47  LYS D O   1 
ATOM   88   C  CB  . LYS A 1 28  ? -2.181  -2.306  17.594  1.00 40.64 ? 47  LYS D CB  1 
ATOM   89   C  CG  . LYS A 1 28  ? -3.368  -1.704  16.848  1.00 40.65 ? 47  LYS D CG  1 
ATOM   90   C  CD  . LYS A 1 28  ? -4.611  -1.605  17.724  1.00 40.68 ? 47  LYS D CD  1 
ATOM   91   C  CE  . LYS A 1 28  ? -5.439  -2.883  17.711  1.00 40.72 ? 47  LYS D CE  1 
ATOM   92   N  NZ  . LYS A 1 28  ? -6.645  -2.762  18.576  1.00 40.67 ? 47  LYS D NZ  1 
ATOM   93   N  N   . PHE A 1 29  ? -0.296  -0.022  18.591  1.00 40.44 ? 48  PHE D N   1 
ATOM   94   C  CA  . PHE A 1 29  ? -0.038  1.371   18.987  1.00 40.31 ? 48  PHE D CA  1 
ATOM   95   C  C   . PHE A 1 29  ? 1.268   1.899   18.393  1.00 39.99 ? 48  PHE D C   1 
ATOM   96   O  O   . PHE A 1 29  ? 1.367   3.086   18.068  1.00 39.94 ? 48  PHE D O   1 
ATOM   97   C  CB  . PHE A 1 29  ? -0.026  1.541   20.517  1.00 40.56 ? 48  PHE D CB  1 
ATOM   98   C  CG  . PHE A 1 29  ? -1.300  1.110   21.211  1.00 40.76 ? 48  PHE D CG  1 
ATOM   99   C  CD1 . PHE A 1 29  ? -2.557  1.276   20.611  1.00 40.84 ? 48  PHE D CD1 1 
ATOM   100  C  CD2 . PHE A 1 29  ? -1.244  0.568   22.499  1.00 40.83 ? 48  PHE D CD2 1 
ATOM   101  C  CE1 . PHE A 1 29  ? -3.720  0.879   21.267  1.00 40.93 ? 48  PHE D CE1 1 
ATOM   102  C  CE2 . PHE A 1 29  ? -2.404  0.172   23.158  1.00 40.89 ? 48  PHE D CE2 1 
ATOM   103  C  CZ  . PHE A 1 29  ? -3.642  0.330   22.543  1.00 40.88 ? 48  PHE D CZ  1 
ATOM   104  N  N   . SER A 1 30  ? 2.255   1.009   18.263  1.00 39.64 ? 49  SER D N   1 
ATOM   105  C  CA  . SER A 1 30  ? 3.535   1.308   17.612  1.00 39.36 ? 49  SER D CA  1 
ATOM   106  C  C   . SER A 1 30  ? 3.364   1.577   16.116  1.00 39.21 ? 49  SER D C   1 
ATOM   107  O  O   . SER A 1 30  ? 4.051   2.438   15.558  1.00 39.28 ? 49  SER D O   1 
ATOM   108  C  CB  . SER A 1 30  ? 4.532   0.168   17.836  1.00 39.23 ? 49  SER D CB  1 
ATOM   109  O  OG  . SER A 1 30  ? 4.809   -0.007  19.215  1.00 39.15 ? 49  SER D OG  1 
ATOM   110  N  N   . LEU A 1 31  ? 2.448   0.835   15.487  1.00 38.94 ? 50  LEU D N   1 
ATOM   111  C  CA  . LEU A 1 31  ? 2.086   1.005   14.075  1.00 38.77 ? 50  LEU D CA  1 
ATOM   112  C  C   . LEU A 1 31  ? 1.438   2.367   13.810  1.00 38.82 ? 50  LEU D C   1 
ATOM   113  O  O   . LEU A 1 31  ? 1.871   3.089   12.909  1.00 38.88 ? 50  LEU D O   1 
ATOM   114  C  CB  . LEU A 1 31  ? 1.161   -0.137  13.615  1.00 38.57 ? 50  LEU D CB  1 
ATOM   115  C  CG  . LEU A 1 31  ? 0.512   -0.110  12.223  1.00 38.41 ? 50  LEU D CG  1 
ATOM   116  C  CD1 . LEU A 1 31  ? 1.430   -0.699  11.162  1.00 38.41 ? 50  LEU D CD1 1 
ATOM   117  C  CD2 . LEU A 1 31  ? -0.816  -0.852  12.244  1.00 38.39 ? 50  LEU D CD2 1 
ATOM   118  N  N   . VAL A 1 32  ? 0.415   2.701   14.602  1.00 38.79 ? 51  VAL D N   1 
ATOM   119  C  CA  . VAL A 1 32  ? -0.349  3.956   14.469  1.00 38.82 ? 51  VAL D CA  1 
ATOM   120  C  C   . VAL A 1 32  ? 0.545   5.185   14.711  1.00 38.83 ? 51  VAL D C   1 
ATOM   121  O  O   . VAL A 1 32  ? 0.410   6.199   14.017  1.00 38.78 ? 51  VAL D O   1 
ATOM   122  C  CB  . VAL A 1 32  ? -1.615  3.966   15.375  1.00 38.79 ? 51  VAL D CB  1 
ATOM   123  C  CG1 . VAL A 1 32  ? -2.407  5.258   15.228  1.00 38.82 ? 51  VAL D CG1 1 
ATOM   124  C  CG2 . VAL A 1 32  ? -2.527  2.791   15.045  1.00 38.78 ? 51  VAL D CG2 1 
ATOM   125  N  N   . LYS A 1 33  ? 1.459   5.071   15.679  1.00 38.97 ? 52  LYS D N   1 
ATOM   126  C  CA  . LYS A 1 33  ? 2.475   6.094   15.964  1.00 39.14 ? 52  LYS D CA  1 
ATOM   127  C  C   . LYS A 1 33  ? 3.432   6.324   14.791  1.00 39.24 ? 52  LYS D C   1 
ATOM   128  O  O   . LYS A 1 33  ? 3.666   7.471   14.394  1.00 39.33 ? 52  LYS D O   1 
ATOM   129  C  CB  . LYS A 1 33  ? 3.277   5.718   17.216  1.00 39.22 ? 52  LYS D CB  1 
ATOM   130  C  CG  . LYS A 1 33  ? 2.711   6.230   18.530  1.00 39.34 ? 52  LYS D CG  1 
ATOM   131  C  CD  . LYS A 1 33  ? 3.376   7.535   18.943  1.00 39.44 ? 52  LYS D CD  1 
ATOM   132  C  CE  . LYS A 1 33  ? 3.322   7.727   20.450  1.00 39.62 ? 52  LYS D CE  1 
ATOM   133  N  NZ  . LYS A 1 33  ? 4.100   8.920   20.885  1.00 39.82 ? 52  LYS D NZ  1 
ATOM   134  N  N   . SER A 1 34  ? 3.973   5.230   14.251  1.00 39.30 ? 53  SER D N   1 
ATOM   135  C  CA  . SER A 1 34  ? 4.941   5.274   13.150  1.00 39.39 ? 53  SER D CA  1 
ATOM   136  C  C   . SER A 1 34  ? 4.315   5.714   11.827  1.00 39.40 ? 53  SER D C   1 
ATOM   137  O  O   . SER A 1 34  ? 4.950   6.437   11.055  1.00 39.41 ? 53  SER D O   1 
ATOM   138  C  CB  . SER A 1 34  ? 5.631   3.918   12.983  1.00 39.33 ? 53  SER D CB  1 
ATOM   139  O  OG  . SER A 1 34  ? 6.635   3.974   11.984  1.00 39.38 ? 53  SER D OG  1 
ATOM   140  N  N   . TRP A 1 35  ? 3.080   5.274   11.576  1.00 39.48 ? 54  TRP D N   1 
ATOM   141  C  CA  . TRP A 1 35  ? 2.358   5.611   10.348  1.00 39.49 ? 54  TRP D CA  1 
ATOM   142  C  C   . TRP A 1 35  ? 1.923   7.076   10.292  1.00 39.82 ? 54  TRP D C   1 
ATOM   143  O  O   . TRP A 1 35  ? 1.939   7.677   9.218   1.00 39.72 ? 54  TRP D O   1 
ATOM   144  C  CB  . TRP A 1 35  ? 1.147   4.695   10.146  1.00 39.16 ? 54  TRP D CB  1 
ATOM   145  C  CG  . TRP A 1 35  ? 0.468   4.895   8.821   1.00 38.87 ? 54  TRP D CG  1 
ATOM   146  C  CD1 . TRP A 1 35  ? -0.556  5.758   8.546   1.00 38.76 ? 54  TRP D CD1 1 
ATOM   147  C  CD2 . TRP A 1 35  ? 0.774   4.229   7.590   1.00 38.69 ? 54  TRP D CD2 1 
ATOM   148  N  NE1 . TRP A 1 35  ? -0.907  5.672   7.223   1.00 38.67 ? 54  TRP D NE1 1 
ATOM   149  C  CE2 . TRP A 1 35  ? -0.113  4.739   6.611   1.00 38.64 ? 54  TRP D CE2 1 
ATOM   150  C  CE3 . TRP A 1 35  ? 1.705   3.246   7.217   1.00 38.59 ? 54  TRP D CE3 1 
ATOM   151  C  CZ2 . TRP A 1 35  ? -0.095  4.300   5.276   1.00 38.63 ? 54  TRP D CZ2 1 
ATOM   152  C  CZ3 . TRP A 1 35  ? 1.723   2.807   5.888   1.00 38.55 ? 54  TRP D CZ3 1 
ATOM   153  C  CH2 . TRP A 1 35  ? 0.827   3.337   4.935   1.00 38.57 ? 54  TRP D CH2 1 
ATOM   154  N  N   . LYS A 1 36  ? 1.524   7.636   11.433  1.00 40.46 ? 55  LYS D N   1 
ATOM   155  C  CA  . LYS A 1 36  ? 1.046   9.024   11.486  1.00 41.06 ? 55  LYS D CA  1 
ATOM   156  C  C   . LYS A 1 36  ? 2.133   10.085  11.294  1.00 41.35 ? 55  LYS D C   1 
ATOM   157  O  O   . LYS A 1 36  ? 1.840   11.199  10.849  1.00 41.48 ? 55  LYS D O   1 
ATOM   158  C  CB  . LYS A 1 36  ? 0.216   9.287   12.748  1.00 41.21 ? 55  LYS D CB  1 
ATOM   159  C  CG  . LYS A 1 36  ? -1.279  9.434   12.481  1.00 41.40 ? 55  LYS D CG  1 
ATOM   160  C  CD  . LYS A 1 36  ? -1.967  8.114   12.156  1.00 41.53 ? 55  LYS D CD  1 
ATOM   161  C  CE  . LYS A 1 36  ? -3.340  8.359   11.547  1.00 41.69 ? 55  LYS D CE  1 
ATOM   162  N  NZ  . LYS A 1 36  ? -3.987  7.096   11.094  1.00 41.76 ? 55  LYS D NZ  1 
ATOM   163  N  N   . THR A 1 37  ? 3.373   9.733   11.631  1.00 41.61 ? 56  THR D N   1 
ATOM   164  C  CA  . THR A 1 37  ? 4.541   10.553  11.288  1.00 41.95 ? 56  THR D CA  1 
ATOM   165  C  C   . THR A 1 37  ? 4.903   10.363  9.810   1.00 42.04 ? 56  THR D C   1 
ATOM   166  O  O   . THR A 1 37  ? 5.376   11.295  9.153   1.00 42.16 ? 56  THR D O   1 
ATOM   167  C  CB  . THR A 1 37  ? 5.769   10.231  12.170  1.00 42.04 ? 56  THR D CB  1 
ATOM   168  O  OG1 . THR A 1 37  ? 5.998   8.815   12.185  1.00 42.28 ? 56  THR D OG1 1 
ATOM   169  C  CG2 . THR A 1 37  ? 5.563   10.729  13.600  1.00 42.01 ? 56  THR D CG2 1 
ATOM   170  N  N   . PHE A 1 38  ? 4.667   9.148   9.310   1.00 42.05 ? 57  PHE D N   1 
ATOM   171  C  CA  . PHE A 1 38  ? 4.898   8.766   7.911   1.00 42.08 ? 57  PHE D CA  1 
ATOM   172  C  C   . PHE A 1 38  ? 3.886   9.412   6.955   1.00 42.25 ? 57  PHE D C   1 
ATOM   173  O  O   . PHE A 1 38  ? 4.250   9.808   5.842   1.00 42.25 ? 57  PHE D O   1 
ATOM   174  C  CB  . PHE A 1 38  ? 4.893   7.229   7.801   1.00 41.88 ? 57  PHE D CB  1 
ATOM   175  C  CG  . PHE A 1 38  ? 4.788   6.694   6.396   1.00 41.79 ? 57  PHE D CG  1 
ATOM   176  C  CD1 . PHE A 1 38  ? 5.911   6.628   5.568   1.00 41.78 ? 57  PHE D CD1 1 
ATOM   177  C  CD2 . PHE A 1 38  ? 3.566   6.218   5.909   1.00 41.68 ? 57  PHE D CD2 1 
ATOM   178  C  CE1 . PHE A 1 38  ? 5.811   6.120   4.277   1.00 41.66 ? 57  PHE D CE1 1 
ATOM   179  C  CE2 . PHE A 1 38  ? 3.462   5.714   4.618   1.00 41.63 ? 57  PHE D CE2 1 
ATOM   180  C  CZ  . PHE A 1 38  ? 4.586   5.660   3.804   1.00 41.62 ? 57  PHE D CZ  1 
ATOM   181  N  N   . SER A 1 39  ? 2.632   9.523   7.400   1.00 42.53 ? 58  SER D N   1 
ATOM   182  C  CA  . SER A 1 39  ? 1.527   10.062  6.591   1.00 42.85 ? 58  SER D CA  1 
ATOM   183  C  C   . SER A 1 39  ? 1.594   11.578  6.355   1.00 43.20 ? 58  SER D C   1 
ATOM   184  O  O   . SER A 1 39  ? 0.771   12.131  5.613   1.00 43.16 ? 58  SER D O   1 
ATOM   185  C  CB  . SER A 1 39  ? 0.172   9.669   7.195   1.00 42.77 ? 58  SER D CB  1 
ATOM   186  O  OG  . SER A 1 39  ? -0.009  10.251  8.474   1.00 42.74 ? 58  SER D OG  1 
ATOM   187  N  N   . ARG A 1 40  ? 2.571   12.237  6.985   1.00 43.70 ? 59  ARG D N   1 
ATOM   188  C  CA  . ARG A 1 40  ? 2.895   13.645  6.721   1.00 44.09 ? 59  ARG D CA  1 
ATOM   189  C  C   . ARG A 1 40  ? 3.404   13.840  5.289   1.00 43.98 ? 59  ARG D C   1 
ATOM   190  O  O   . ARG A 1 40  ? 3.232   14.915  4.706   1.00 44.07 ? 59  ARG D O   1 
ATOM   191  C  CB  . ARG A 1 40  ? 3.943   14.162  7.713   1.00 44.71 ? 59  ARG D CB  1 
ATOM   192  C  CG  . ARG A 1 40  ? 3.476   14.270  9.158   1.00 45.41 ? 59  ARG D CG  1 
ATOM   193  C  CD  . ARG A 1 40  ? 4.585   14.818  10.041  1.00 46.09 ? 59  ARG D CD  1 
ATOM   194  N  NE  . ARG A 1 40  ? 4.396   14.466  11.449  1.00 46.71 ? 59  ARG D NE  1 
ATOM   195  C  CZ  . ARG A 1 40  ? 5.308   14.625  12.409  1.00 46.92 ? 59  ARG D CZ  1 
ATOM   196  N  NH1 . ARG A 1 40  ? 5.022   14.266  13.653  1.00 46.91 ? 59  ARG D NH1 1 
ATOM   197  N  NH2 . ARG A 1 40  ? 6.506   15.136  12.138  1.00 47.03 ? 59  ARG D NH2 1 
ATOM   198  N  N   . ASN A 1 41  ? 4.030   12.795  4.744   1.00 43.74 ? 60  ASN D N   1 
ATOM   199  C  CA  . ASN A 1 41  ? 4.514   12.771  3.362   1.00 43.56 ? 60  ASN D CA  1 
ATOM   200  C  C   . ASN A 1 41  ? 3.847   11.638  2.566   1.00 43.33 ? 60  ASN D C   1 
ATOM   201  O  O   . ASN A 1 41  ? 4.520   10.890  1.846   1.00 43.30 ? 60  ASN D O   1 
ATOM   202  C  CB  . ASN A 1 41  ? 6.047   12.626  3.330   1.00 43.62 ? 60  ASN D CB  1 
ATOM   203  C  CG  . ASN A 1 41  ? 6.760   13.640  4.210   1.00 43.67 ? 60  ASN D CG  1 
ATOM   204  O  OD1 . ASN A 1 41  ? 7.420   13.274  5.182   1.00 43.73 ? 60  ASN D OD1 1 
ATOM   205  N  ND2 . ASN A 1 41  ? 6.632   14.918  3.873   1.00 43.66 ? 60  ASN D ND2 1 
ATOM   206  N  N   . LEU A 1 42  ? 2.522   11.532  2.693   1.00 43.12 ? 61  LEU D N   1 
ATOM   207  C  CA  . LEU A 1 42  ? 1.742   10.432  2.105   1.00 42.92 ? 61  LEU D CA  1 
ATOM   208  C  C   . LEU A 1 42  ? 1.688   10.454  0.573   1.00 42.84 ? 61  LEU D C   1 
ATOM   209  O  O   . LEU A 1 42  ? 1.720   9.394   -0.060  1.00 42.89 ? 61  LEU D O   1 
ATOM   210  C  CB  . LEU A 1 42  ? 0.324   10.391  2.697   1.00 42.84 ? 61  LEU D CB  1 
ATOM   211  C  CG  . LEU A 1 42  ? -0.487  9.089   2.602   1.00 42.72 ? 61  LEU D CG  1 
ATOM   212  C  CD1 . LEU A 1 42  ? -0.060  8.072   3.654   1.00 42.64 ? 61  LEU D CD1 1 
ATOM   213  C  CD2 . LEU A 1 42  ? -1.973  9.384   2.732   1.00 42.68 ? 61  LEU D CD2 1 
ATOM   214  N  N   . GLU A 1 43  ? 1.600   11.654  -0.007  1.00 42.70 ? 62  GLU D N   1 
ATOM   215  C  CA  . GLU A 1 43  ? 1.597   11.831  -1.464  1.00 42.55 ? 62  GLU D CA  1 
ATOM   216  C  C   . GLU A 1 43  ? 2.959   11.489  -2.070  1.00 42.09 ? 62  GLU D C   1 
ATOM   217  O  O   . GLU A 1 43  ? 3.026   10.841  -3.117  1.00 42.14 ? 62  GLU D O   1 
ATOM   218  C  CB  . GLU A 1 43  ? 1.186   13.257  -1.851  1.00 43.02 ? 62  GLU D CB  1 
ATOM   219  C  CG  . GLU A 1 43  ? 0.721   13.393  -3.296  1.00 43.56 ? 62  GLU D CG  1 
ATOM   220  C  CD  . GLU A 1 43  ? 0.799   14.814  -3.818  1.00 43.97 ? 62  GLU D CD  1 
ATOM   221  O  OE1 . GLU A 1 43  ? 1.916   15.272  -4.139  1.00 44.02 ? 62  GLU D OE1 1 
ATOM   222  O  OE2 . GLU A 1 43  ? -0.261  15.467  -3.928  1.00 44.31 ? 62  GLU D OE2 1 
ATOM   223  N  N   . SER A 1 44  ? 4.025   11.931  -1.400  1.00 41.47 ? 63  SER D N   1 
ATOM   224  C  CA  . SER A 1 44  ? 5.406   11.664  -1.809  1.00 40.87 ? 63  SER D CA  1 
ATOM   225  C  C   . SER A 1 44  ? 5.747   10.173  -1.741  1.00 40.44 ? 63  SER D C   1 
ATOM   226  O  O   . SER A 1 44  ? 6.346   9.630   -2.672  1.00 40.44 ? 63  SER D O   1 
ATOM   227  C  CB  . SER A 1 44  ? 6.383   12.479  -0.954  1.00 40.88 ? 63  SER D CB  1 
ATOM   228  O  OG  . SER A 1 44  ? 7.730   12.196  -1.297  1.00 40.91 ? 63  SER D OG  1 
ATOM   229  N  N   . ALA A 1 45  ? 5.353   9.529   -0.642  1.00 39.82 ? 64  ALA D N   1 
ATOM   230  C  CA  . ALA A 1 45  ? 5.571   8.095   -0.432  1.00 39.28 ? 64  ALA D CA  1 
ATOM   231  C  C   . ALA A 1 45  ? 4.696   7.229   -1.339  1.00 38.92 ? 64  ALA D C   1 
ATOM   232  O  O   . ALA A 1 45  ? 5.106   6.134   -1.735  1.00 38.77 ? 64  ALA D O   1 
ATOM   233  C  CB  . ALA A 1 45  ? 5.345   7.736   1.024   1.00 39.26 ? 64  ALA D CB  1 
ATOM   234  N  N   . GLY A 1 46  ? 3.498   7.727   -1.652  1.00 38.53 ? 65  GLY D N   1 
ATOM   235  C  CA  . GLY A 1 46  ? 2.583   7.083   -2.599  1.00 38.14 ? 65  GLY D CA  1 
ATOM   236  C  C   . GLY A 1 46  ? 3.143   7.023   -4.010  1.00 37.85 ? 65  GLY D C   1 
ATOM   237  O  O   . GLY A 1 46  ? 2.950   6.028   -4.717  1.00 37.88 ? 65  GLY D O   1 
ATOM   238  N  N   . LYS A 1 47  ? 3.830   8.097   -4.412  1.00 37.48 ? 66  LYS D N   1 
ATOM   239  C  CA  . LYS A 1 47  ? 4.527   8.179   -5.701  1.00 37.08 ? 66  LYS D CA  1 
ATOM   240  C  C   . LYS A 1 47  ? 5.697   7.201   -5.784  1.00 36.77 ? 66  LYS D C   1 
ATOM   241  O  O   . LYS A 1 47  ? 5.858   6.511   -6.794  1.00 36.64 ? 66  LYS D O   1 
ATOM   242  C  CB  . LYS A 1 47  ? 5.031   9.603   -5.965  1.00 37.06 ? 66  LYS D CB  1 
ATOM   243  C  CG  . LYS A 1 47  ? 3.953   10.619  -6.303  1.00 37.11 ? 66  LYS D CG  1 
ATOM   244  C  CD  . LYS A 1 47  ? 4.562   12.003  -6.446  1.00 37.14 ? 66  LYS D CD  1 
ATOM   245  C  CE  . LYS A 1 47  ? 3.523   13.088  -6.229  1.00 37.27 ? 66  LYS D CE  1 
ATOM   246  N  NZ  . LYS A 1 47  ? 4.093   14.448  -6.430  1.00 37.38 ? 66  LYS D NZ  1 
ATOM   247  N  N   . GLU A 1 48  ? 6.496   7.149   -4.716  1.00 36.50 ? 67  GLU D N   1 
ATOM   248  C  CA  . GLU A 1 48  ? 7.666   6.266   -4.631  1.00 36.34 ? 67  GLU D CA  1 
ATOM   249  C  C   . GLU A 1 48  ? 7.284   4.786   -4.583  1.00 36.12 ? 67  GLU D C   1 
ATOM   250  O  O   . GLU A 1 48  ? 8.040   3.937   -5.063  1.00 36.08 ? 67  GLU D O   1 
ATOM   251  C  CB  . GLU A 1 48  ? 8.549   6.621   -3.424  1.00 36.43 ? 67  GLU D CB  1 
ATOM   252  C  CG  . GLU A 1 48  ? 9.159   8.023   -3.432  1.00 36.53 ? 67  GLU D CG  1 
ATOM   253  C  CD  . GLU A 1 48  ? 9.933   8.357   -4.700  1.00 36.59 ? 67  GLU D CD  1 
ATOM   254  O  OE1 . GLU A 1 48  ? 10.827  7.577   -5.095  1.00 36.71 ? 67  GLU D OE1 1 
ATOM   255  O  OE2 . GLU A 1 48  ? 9.647   9.418   -5.295  1.00 36.51 ? 67  GLU D OE2 1 
ATOM   256  N  N   . MET A 1 49  ? 6.118   4.495   -4.002  1.00 35.84 ? 68  MET D N   1 
ATOM   257  C  CA  . MET A 1 49  ? 5.562   3.139   -3.953  1.00 35.56 ? 68  MET D CA  1 
ATOM   258  C  C   . MET A 1 49  ? 5.154   2.640   -5.344  1.00 35.35 ? 68  MET D C   1 
ATOM   259  O  O   . MET A 1 49  ? 5.504   1.520   -5.722  1.00 35.30 ? 68  MET D O   1 
ATOM   260  C  CB  . MET A 1 49  ? 4.378   3.073   -2.978  1.00 35.50 ? 68  MET D CB  1 
ATOM   261  C  CG  . MET A 1 49  ? 3.824   1.674   -2.736  1.00 35.42 ? 68  MET D CG  1 
ATOM   262  S  SD  . MET A 1 49  ? 2.303   1.644   -1.766  1.00 35.49 ? 68  MET D SD  1 
ATOM   263  C  CE  . MET A 1 49  ? 1.118   2.343   -2.914  1.00 35.32 ? 68  MET D CE  1 
ATOM   264  N  N   . LEU A 1 50  ? 4.424   3.472   -6.093  1.00 35.20 ? 69  LEU D N   1 
ATOM   265  C  CA  . LEU A 1 50  ? 3.984   3.123   -7.450  1.00 35.15 ? 69  LEU D CA  1 
ATOM   266  C  C   . LEU A 1 50  ? 5.119   3.060   -8.468  1.00 35.10 ? 69  LEU D C   1 
ATOM   267  O  O   . LEU A 1 50  ? 5.081   2.228   -9.379  1.00 35.00 ? 69  LEU D O   1 
ATOM   268  C  CB  . LEU A 1 50  ? 2.880   4.063   -7.955  1.00 35.17 ? 69  LEU D CB  1 
ATOM   269  C  CG  . LEU A 1 50  ? 1.391   3.737   -7.759  1.00 35.18 ? 69  LEU D CG  1 
ATOM   270  C  CD1 . LEU A 1 50  ? 0.581   4.499   -8.795  1.00 35.13 ? 69  LEU D CD1 1 
ATOM   271  C  CD2 . LEU A 1 50  ? 1.060   2.250   -7.846  1.00 35.21 ? 69  LEU D CD2 1 
ATOM   272  N  N   . LEU A 1 51  ? 6.113   3.937   -8.312  1.00 35.16 ? 70  LEU D N   1 
ATOM   273  C  CA  . LEU A 1 51  ? 7.321   3.914   -9.143  1.00 35.15 ? 70  LEU D CA  1 
ATOM   274  C  C   . LEU A 1 51  ? 8.118   2.629   -8.944  1.00 35.16 ? 70  LEU D C   1 
ATOM   275  O  O   . LEU A 1 51  ? 8.610   2.052   -9.915  1.00 35.18 ? 70  LEU D O   1 
ATOM   276  C  CB  . LEU A 1 51  ? 8.215   5.126   -8.869  1.00 35.18 ? 70  LEU D CB  1 
ATOM   277  C  CG  . LEU A 1 51  ? 7.895   6.477   -9.514  1.00 35.19 ? 70  LEU D CG  1 
ATOM   278  C  CD1 . LEU A 1 51  ? 8.852   7.513   -8.958  1.00 35.25 ? 70  LEU D CD1 1 
ATOM   279  C  CD2 . LEU A 1 51  ? 7.983   6.439   -11.033 1.00 35.19 ? 70  LEU D CD2 1 
ATOM   280  N  N   . LYS A 1 52  ? 8.225   2.192   -7.686  1.00 35.17 ? 71  LYS D N   1 
ATOM   281  C  CA  . LYS A 1 52  ? 8.894   0.939   -7.326  1.00 35.20 ? 71  LYS D CA  1 
ATOM   282  C  C   . LYS A 1 52  ? 8.181   -0.282  -7.914  1.00 35.37 ? 71  LYS D C   1 
ATOM   283  O  O   . LYS A 1 52  ? 8.834   -1.261  -8.282  1.00 35.57 ? 71  LYS D O   1 
ATOM   284  C  CB  . LYS A 1 52  ? 9.034   0.813   -5.800  1.00 35.08 ? 71  LYS D CB  1 
ATOM   285  C  CG  . LYS A 1 52  ? 10.033  -0.237  -5.318  1.00 35.04 ? 71  LYS D CG  1 
ATOM   286  C  CD  . LYS A 1 52  ? 11.471  0.132   -5.659  1.00 35.06 ? 71  LYS D CD  1 
ATOM   287  C  CE  . LYS A 1 52  ? 12.428  -1.005  -5.343  1.00 35.05 ? 71  LYS D CE  1 
ATOM   288  N  NZ  . LYS A 1 52  ? 13.796  -0.702  -5.843  1.00 35.06 ? 71  LYS D NZ  1 
ATOM   289  N  N   . LEU A 1 53  ? 6.851   -0.211  -8.000  1.00 35.41 ? 72  LEU D N   1 
ATOM   290  C  CA  . LEU A 1 53  ? 6.051   -1.223  -8.695  1.00 35.52 ? 72  LEU D CA  1 
ATOM   291  C  C   . LEU A 1 53  ? 6.370   -1.247  -10.188 1.00 35.64 ? 72  LEU D C   1 
ATOM   292  O  O   . LEU A 1 53  ? 6.492   -2.322  -10.776 1.00 35.72 ? 72  LEU D O   1 
ATOM   293  C  CB  . LEU A 1 53  ? 4.548   -1.003  -8.459  1.00 35.48 ? 72  LEU D CB  1 
ATOM   294  C  CG  . LEU A 1 53  ? 3.574   -2.120  -8.865  1.00 35.42 ? 72  LEU D CG  1 
ATOM   295  C  CD1 . LEU A 1 53  ? 3.480   -3.199  -7.792  1.00 35.44 ? 72  LEU D CD1 1 
ATOM   296  C  CD2 . LEU A 1 53  ? 2.196   -1.543  -9.149  1.00 35.36 ? 72  LEU D CD2 1 
ATOM   297  N  N   . PHE A 1 54  ? 6.521   -0.061  -10.782 1.00 35.82 ? 73  PHE D N   1 
ATOM   298  C  CA  . PHE A 1 54  ? 6.849   0.073   -12.204 1.00 35.98 ? 73  PHE D CA  1 
ATOM   299  C  C   . PHE A 1 54  ? 8.310   -0.258  -12.533 1.00 36.16 ? 73  PHE D C   1 
ATOM   300  O  O   . PHE A 1 54  ? 8.612   -0.661  -13.660 1.00 36.26 ? 73  PHE D O   1 
ATOM   301  C  CB  . PHE A 1 54  ? 6.474   1.467   -12.736 1.00 35.86 ? 73  PHE D CB  1 
ATOM   302  C  CG  . PHE A 1 54  ? 4.993   1.773   -12.693 1.00 35.81 ? 73  PHE D CG  1 
ATOM   303  C  CD1 . PHE A 1 54  ? 4.032   0.774   -12.908 1.00 35.85 ? 73  PHE D CD1 1 
ATOM   304  C  CD2 . PHE A 1 54  ? 4.554   3.080   -12.472 1.00 35.78 ? 73  PHE D CD2 1 
ATOM   305  C  CE1 . PHE A 1 54  ? 2.673   1.070   -12.873 1.00 35.86 ? 73  PHE D CE1 1 
ATOM   306  C  CE2 . PHE A 1 54  ? 3.195   3.381   -12.439 1.00 35.80 ? 73  PHE D CE2 1 
ATOM   307  C  CZ  . PHE A 1 54  ? 2.254   2.377   -12.641 1.00 35.79 ? 73  PHE D CZ  1 
ATOM   308  N  N   . ILE A 1 55  ? 9.205   -0.084  -11.558 1.00 36.33 ? 74  ILE D N   1 
ATOM   309  C  CA  . ILE A 1 55  ? 10.623  -0.439  -11.718 1.00 36.58 ? 74  ILE D CA  1 
ATOM   310  C  C   . ILE A 1 55  ? 10.808  -1.962  -11.630 1.00 36.83 ? 74  ILE D C   1 
ATOM   311  O  O   . ILE A 1 55  ? 11.384  -2.569  -12.540 1.00 36.97 ? 74  ILE D O   1 
ATOM   312  C  CB  . ILE A 1 55  ? 11.543  0.330   -10.724 1.00 36.56 ? 74  ILE D CB  1 
ATOM   313  C  CG1 . ILE A 1 55  ? 11.645  1.810   -11.123 1.00 36.55 ? 74  ILE D CG1 1 
ATOM   314  C  CG2 . ILE A 1 55  ? 12.948  -0.277  -10.673 1.00 36.59 ? 74  ILE D CG2 1 
ATOM   315  C  CD1 . ILE A 1 55  ? 11.947  2.760   -9.980  1.00 36.49 ? 74  ILE D CD1 1 
ATOM   316  N  N   . GLU A 1 56  ? 10.302  -2.563  -10.550 1.00 37.07 ? 75  GLU D N   1 
ATOM   317  C  CA  . GLU A 1 56  ? 10.463  -4.001  -10.288 1.00 37.28 ? 75  GLU D CA  1 
ATOM   318  C  C   . GLU A 1 56  ? 9.620   -4.880  -11.214 1.00 37.44 ? 75  GLU D C   1 
ATOM   319  O  O   . GLU A 1 56  ? 10.095  -5.917  -11.690 1.00 37.55 ? 75  GLU D O   1 
ATOM   320  C  CB  . GLU A 1 56  ? 10.177  -4.339  -8.816  1.00 37.32 ? 75  GLU D CB  1 
ATOM   321  C  CG  . GLU A 1 56  ? 11.091  -3.663  -7.794  1.00 37.44 ? 75  GLU D CG  1 
ATOM   322  C  CD  . GLU A 1 56  ? 12.562  -4.011  -7.960  1.00 37.57 ? 75  GLU D CD  1 
ATOM   323  O  OE1 . GLU A 1 56  ? 13.367  -3.080  -8.178  1.00 37.55 ? 75  GLU D OE1 1 
ATOM   324  O  OE2 . GLU A 1 56  ? 12.915  -5.207  -7.874  1.00 37.70 ? 75  GLU D OE2 1 
ATOM   325  N  N   . HIS A 1 57  ? 8.378   -4.461  -11.460 1.00 37.53 ? 76  HIS D N   1 
ATOM   326  C  CA  . HIS A 1 57  ? 7.470   -5.165  -12.367 1.00 37.69 ? 76  HIS D CA  1 
ATOM   327  C  C   . HIS A 1 57  ? 6.989   -4.210  -13.472 1.00 37.81 ? 76  HIS D C   1 
ATOM   328  O  O   . HIS A 1 57  ? 5.931   -3.586  -13.338 1.00 37.83 ? 76  HIS D O   1 
ATOM   329  C  CB  . HIS A 1 57  ? 6.287   -5.773  -11.600 1.00 37.70 ? 76  HIS D CB  1 
ATOM   330  C  CG  . HIS A 1 57  ? 6.685   -6.542  -10.378 1.00 37.79 ? 76  HIS D CG  1 
ATOM   331  N  ND1 . HIS A 1 57  ? 7.014   -7.880  -10.413 1.00 37.83 ? 76  HIS D ND1 1 
ATOM   332  C  CD2 . HIS A 1 57  ? 6.803   -6.159  -9.085  1.00 37.81 ? 76  HIS D CD2 1 
ATOM   333  C  CE1 . HIS A 1 57  ? 7.320   -8.287  -9.194  1.00 37.83 ? 76  HIS D CE1 1 
ATOM   334  N  NE2 . HIS A 1 57  ? 7.201   -7.263  -8.370  1.00 37.86 ? 76  HIS D NE2 1 
ATOM   335  N  N   . PRO A 1 58  ? 7.772   -4.087  -14.570 1.00 37.96 ? 77  PRO D N   1 
ATOM   336  C  CA  . PRO A 1 58  ? 7.456   -3.137  -15.647 1.00 38.15 ? 77  PRO D CA  1 
ATOM   337  C  C   . PRO A 1 58  ? 6.247   -3.519  -16.516 1.00 38.39 ? 77  PRO D C   1 
ATOM   338  O  O   . PRO A 1 58  ? 5.819   -2.719  -17.354 1.00 38.43 ? 77  PRO D O   1 
ATOM   339  C  CB  . PRO A 1 58  ? 8.743   -3.110  -16.488 1.00 38.08 ? 77  PRO D CB  1 
ATOM   340  C  CG  . PRO A 1 58  ? 9.786   -3.794  -15.668 1.00 38.02 ? 77  PRO D CG  1 
ATOM   341  C  CD  . PRO A 1 58  ? 9.039   -4.789  -14.839 1.00 37.97 ? 77  PRO D CD  1 
ATOM   342  N  N   . ASP A 1 59  ? 5.712   -4.723  -16.312 1.00 38.74 ? 78  ASP D N   1 
ATOM   343  C  CA  . ASP A 1 59  ? 4.465   -5.163  -16.948 1.00 39.06 ? 78  ASP D CA  1 
ATOM   344  C  C   . ASP A 1 59  ? 3.234   -4.465  -16.361 1.00 39.50 ? 78  ASP D C   1 
ATOM   345  O  O   . ASP A 1 59  ? 2.203   -4.347  -17.030 1.00 39.57 ? 78  ASP D O   1 
ATOM   346  C  CB  . ASP A 1 59  ? 4.316   -6.691  -16.857 1.00 38.87 ? 78  ASP D CB  1 
ATOM   347  C  CG  . ASP A 1 59  ? 4.317   -7.205  -15.420 1.00 38.81 ? 78  ASP D CG  1 
ATOM   348  O  OD1 . ASP A 1 59  ? 5.224   -6.842  -14.639 1.00 38.69 ? 78  ASP D OD1 1 
ATOM   349  O  OD2 . ASP A 1 59  ? 3.411   -7.990  -15.077 1.00 38.85 ? 78  ASP D OD2 1 
ATOM   350  N  N   . MET A 1 60  ? 3.358   -4.003  -15.114 1.00 40.08 ? 79  MET D N   1 
ATOM   351  C  CA  . MET A 1 60  ? 2.299   -3.270  -14.404 1.00 40.63 ? 79  MET D CA  1 
ATOM   352  C  C   . MET A 1 60  ? 2.049   -1.875  -14.985 1.00 41.35 ? 79  MET D C   1 
ATOM   353  O  O   . MET A 1 60  ? 0.994   -1.275  -14.746 1.00 41.35 ? 79  MET D O   1 
ATOM   354  C  CB  . MET A 1 60  ? 2.622   -3.166  -12.906 1.00 40.31 ? 79  MET D CB  1 
ATOM   355  C  CG  . MET A 1 60  ? 2.866   -4.491  -12.188 1.00 40.14 ? 79  MET D CG  1 
ATOM   356  S  SD  . MET A 1 60  ? 1.396   -5.437  -11.743 1.00 40.02 ? 79  MET D SD  1 
ATOM   357  C  CE  . MET A 1 60  ? 1.059   -6.336  -13.254 1.00 39.93 ? 79  MET D CE  1 
ATOM   358  N  N   . LYS A 1 61  ? 3.027   -1.379  -15.745 1.00 42.25 ? 80  LYS D N   1 
ATOM   359  C  CA  . LYS A 1 61  ? 2.972   -0.077  -16.413 1.00 43.13 ? 80  LYS D CA  1 
ATOM   360  C  C   . LYS A 1 61  ? 1.909   -0.012  -17.516 1.00 43.63 ? 80  LYS D C   1 
ATOM   361  O  O   . LYS A 1 61  ? 1.387   1.064   -17.806 1.00 43.74 ? 80  LYS D O   1 
ATOM   362  C  CB  . LYS A 1 61  ? 4.346   0.259   -16.998 1.00 43.37 ? 80  LYS D CB  1 
ATOM   363  C  CG  . LYS A 1 61  ? 4.718   1.735   -16.960 1.00 43.59 ? 80  LYS D CG  1 
ATOM   364  C  CD  . LYS A 1 61  ? 6.126   1.980   -17.498 1.00 43.79 ? 80  LYS D CD  1 
ATOM   365  C  CE  . LYS A 1 61  ? 7.207   1.709   -16.459 1.00 43.84 ? 80  LYS D CE  1 
ATOM   366  N  NZ  . LYS A 1 61  ? 8.570   2.007   -16.984 1.00 43.91 ? 80  LYS D NZ  1 
ATOM   367  N  N   . ASP A 1 62  ? 1.597   -1.160  -18.119 1.00 44.28 ? 81  ASP D N   1 
ATOM   368  C  CA  . ASP A 1 62  ? 0.626   -1.248  -19.220 1.00 44.86 ? 81  ASP D CA  1 
ATOM   369  C  C   . ASP A 1 62  ? -0.842  -1.168  -18.781 1.00 45.05 ? 81  ASP D C   1 
ATOM   370  O  O   . ASP A 1 62  ? -1.721  -0.877  -19.600 1.00 45.11 ? 81  ASP D O   1 
ATOM   371  C  CB  . ASP A 1 62  ? 0.869   -2.512  -20.051 1.00 45.14 ? 81  ASP D CB  1 
ATOM   372  C  CG  . ASP A 1 62  ? 2.140   -2.428  -20.882 1.00 45.50 ? 81  ASP D CG  1 
ATOM   373  O  OD1 . ASP A 1 62  ? 3.227   -2.194  -20.308 1.00 45.62 ? 81  ASP D OD1 1 
ATOM   374  O  OD2 . ASP A 1 62  ? 2.052   -2.614  -22.113 1.00 45.75 ? 81  ASP D OD2 1 
ATOM   375  N  N   . LEU A 1 63  ? -1.092  -1.428  -17.497 1.00 45.27 ? 82  LEU D N   1 
ATOM   376  C  CA  . LEU A 1 63  ? -2.421  -1.272  -16.894 1.00 45.55 ? 82  LEU D CA  1 
ATOM   377  C  C   . LEU A 1 63  ? -2.791  0.208   -16.744 1.00 45.91 ? 82  LEU D C   1 
ATOM   378  O  O   . LEU A 1 63  ? -3.974  0.560   -16.707 1.00 46.11 ? 82  LEU D O   1 
ATOM   379  C  CB  . LEU A 1 63  ? -2.492  -1.989  -15.539 1.00 45.35 ? 82  LEU D CB  1 
ATOM   380  C  CG  . LEU A 1 63  ? -2.641  -3.518  -15.516 1.00 45.18 ? 82  LEU D CG  1 
ATOM   381  C  CD1 . LEU A 1 63  ? -1.310  -4.243  -15.667 1.00 45.17 ? 82  LEU D CD1 1 
ATOM   382  C  CD2 . LEU A 1 63  ? -3.312  -3.945  -14.222 1.00 45.23 ? 82  LEU D CD2 1 
ATOM   383  N  N   . PHE A 1 64  ? -1.763  1.053   -16.653 1.00 46.23 ? 83  PHE D N   1 
ATOM   384  C  CA  . PHE A 1 64  ? -1.900  2.506   -16.684 1.00 46.49 ? 83  PHE D CA  1 
ATOM   385  C  C   . PHE A 1 64  ? -1.226  3.036   -17.960 1.00 46.80 ? 83  PHE D C   1 
ATOM   386  O  O   . PHE A 1 64  ? -0.056  3.435   -17.916 1.00 46.72 ? 83  PHE D O   1 
ATOM   387  C  CB  . PHE A 1 64  ? -1.244  3.139   -15.455 1.00 46.44 ? 83  PHE D CB  1 
ATOM   388  C  CG  . PHE A 1 64  ? -1.841  2.723   -14.139 1.00 46.44 ? 83  PHE D CG  1 
ATOM   389  C  CD1 . PHE A 1 64  ? -2.959  3.384   -13.623 1.00 46.44 ? 83  PHE D CD1 1 
ATOM   390  C  CD2 . PHE A 1 64  ? -1.260  1.697   -13.389 1.00 46.41 ? 83  PHE D CD2 1 
ATOM   391  C  CE1 . PHE A 1 64  ? -3.502  3.011   -12.397 1.00 46.46 ? 83  PHE D CE1 1 
ATOM   392  C  CE2 . PHE A 1 64  ? -1.799  1.320   -12.162 1.00 46.37 ? 83  PHE D CE2 1 
ATOM   393  C  CZ  . PHE A 1 64  ? -2.919  1.981   -11.665 1.00 46.36 ? 83  PHE D CZ  1 
ATOM   394  N  N   . PRO A 1 65  ? -1.963  3.061   -19.098 1.00 47.18 ? 84  PRO D N   1 
ATOM   395  C  CA  . PRO A 1 65  ? -1.388  3.366   -20.426 1.00 47.37 ? 84  PRO D CA  1 
ATOM   396  C  C   . PRO A 1 65  ? -0.649  4.709   -20.531 1.00 47.55 ? 84  PRO D C   1 
ATOM   397  O  O   . PRO A 1 65  ? 0.248   4.847   -21.370 1.00 47.68 ? 84  PRO D O   1 
ATOM   398  C  CB  . PRO A 1 65  ? -2.612  3.367   -21.351 1.00 47.38 ? 84  PRO D CB  1 
ATOM   399  C  CG  . PRO A 1 65  ? -3.636  2.556   -20.633 1.00 47.40 ? 84  PRO D CG  1 
ATOM   400  C  CD  . PRO A 1 65  ? -3.424  2.870   -19.184 1.00 47.28 ? 84  PRO D CD  1 
ATOM   401  N  N   . LYS A 1 66  ? -1.026  5.668   -19.685 1.00 47.54 ? 85  LYS D N   1 
ATOM   402  C  CA  . LYS A 1 66  ? -0.418  7.003   -19.656 1.00 47.56 ? 85  LYS D CA  1 
ATOM   403  C  C   . LYS A 1 66  ? 1.016   7.025   -19.121 1.00 47.64 ? 85  LYS D C   1 
ATOM   404  O  O   . LYS A 1 66  ? 1.803   7.901   -19.494 1.00 47.58 ? 85  LYS D O   1 
ATOM   405  C  CB  . LYS A 1 66  ? -1.283  7.972   -18.842 1.00 47.55 ? 85  LYS D CB  1 
ATOM   406  C  CG  . LYS A 1 66  ? -2.570  8.394   -19.531 1.00 47.63 ? 85  LYS D CG  1 
ATOM   407  C  CD  . LYS A 1 66  ? -3.310  9.458   -18.735 1.00 47.68 ? 85  LYS D CD  1 
ATOM   408  C  CE  . LYS A 1 66  ? -4.650  9.802   -19.368 1.00 47.68 ? 85  LYS D CE  1 
ATOM   409  N  NZ  . LYS A 1 66  ? -5.664  8.723   -19.185 1.00 47.75 ? 85  LYS D NZ  1 
ATOM   410  N  N   . PHE A 1 67  ? 1.348   6.060   -18.262 1.00 47.88 ? 86  PHE D N   1 
ATOM   411  C  CA  . PHE A 1 67  ? 2.632   6.054   -17.544 1.00 48.16 ? 86  PHE D CA  1 
ATOM   412  C  C   . PHE A 1 67  ? 3.755   5.309   -18.283 1.00 48.46 ? 86  PHE D C   1 
ATOM   413  O  O   . PHE A 1 67  ? 4.888   5.243   -17.791 1.00 48.48 ? 86  PHE D O   1 
ATOM   414  C  CB  . PHE A 1 67  ? 2.473   5.502   -16.107 1.00 47.97 ? 86  PHE D CB  1 
ATOM   415  C  CG  . PHE A 1 67  ? 1.357   6.136   -15.295 1.00 47.81 ? 86  PHE D CG  1 
ATOM   416  C  CD1 . PHE A 1 67  ? 0.856   7.417   -15.583 1.00 47.75 ? 86  PHE D CD1 1 
ATOM   417  C  CD2 . PHE A 1 67  ? 0.830   5.453   -14.199 1.00 47.74 ? 86  PHE D CD2 1 
ATOM   418  C  CE1 . PHE A 1 67  ? -0.168  7.970   -14.820 1.00 47.70 ? 86  PHE D CE1 1 
ATOM   419  C  CE2 . PHE A 1 67  ? -0.191  6.003   -13.431 1.00 47.64 ? 86  PHE D CE2 1 
ATOM   420  C  CZ  . PHE A 1 67  ? -0.692  7.261   -13.744 1.00 47.68 ? 86  PHE D CZ  1 
ATOM   421  N  N   . LYS A 1 68  ? 3.439   4.774   -19.464 1.00 49.00 ? 87  LYS D N   1 
ATOM   422  C  CA  . LYS A 1 68  ? 4.354   3.917   -20.233 1.00 49.41 ? 87  LYS D CA  1 
ATOM   423  C  C   . LYS A 1 68  ? 5.594   4.611   -20.806 1.00 49.56 ? 87  LYS D C   1 
ATOM   424  O  O   . LYS A 1 68  ? 6.705   4.084   -20.694 1.00 49.90 ? 87  LYS D O   1 
ATOM   425  C  CB  . LYS A 1 68  ? 3.601   3.190   -21.352 1.00 49.73 ? 87  LYS D CB  1 
ATOM   426  C  CG  . LYS A 1 68  ? 3.045   1.831   -20.951 1.00 49.97 ? 87  LYS D CG  1 
ATOM   427  C  CD  . LYS A 1 68  ? 2.931   0.892   -22.146 1.00 50.24 ? 87  LYS D CD  1 
ATOM   428  C  CE  . LYS A 1 68  ? 4.258   0.216   -22.472 1.00 50.44 ? 87  LYS D CE  1 
ATOM   429  N  NZ  . LYS A 1 68  ? 4.170   -0.638  -23.689 1.00 50.58 ? 87  LYS D NZ  1 
ATOM   430  N  N   . ALA A 1 69  ? 5.398   5.784   -21.410 1.00 49.39 ? 88  ALA D N   1 
ATOM   431  C  CA  . ALA A 1 69  ? 6.463   6.491   -22.138 1.00 49.25 ? 88  ALA D CA  1 
ATOM   432  C  C   . ALA A 1 69  ? 7.415   7.306   -21.248 1.00 49.07 ? 88  ALA D C   1 
ATOM   433  O  O   . ALA A 1 69  ? 8.491   7.716   -21.700 1.00 49.12 ? 88  ALA D O   1 
ATOM   434  C  CB  . ALA A 1 69  ? 5.853   7.378   -23.218 1.00 49.32 ? 88  ALA D CB  1 
ATOM   435  N  N   . LYS A 1 70  ? 7.026   7.514   -19.990 1.00 48.69 ? 89  LYS D N   1 
ATOM   436  C  CA  . LYS A 1 70  ? 7.657   8.515   -19.118 1.00 48.22 ? 89  LYS D CA  1 
ATOM   437  C  C   . LYS A 1 70  ? 8.832   7.991   -18.288 1.00 47.80 ? 89  LYS D C   1 
ATOM   438  O  O   . LYS A 1 70  ? 8.875   6.811   -17.924 1.00 47.73 ? 89  LYS D O   1 
ATOM   439  C  CB  . LYS A 1 70  ? 6.612   9.158   -18.186 1.00 48.26 ? 89  LYS D CB  1 
ATOM   440  C  CG  . LYS A 1 70  ? 5.239   9.436   -18.797 1.00 48.33 ? 89  LYS D CG  1 
ATOM   441  C  CD  . LYS A 1 70  ? 5.242   10.612  -19.766 1.00 48.45 ? 89  LYS D CD  1 
ATOM   442  C  CE  . LYS A 1 70  ? 3.908   10.748  -20.486 1.00 48.50 ? 89  LYS D CE  1 
ATOM   443  N  NZ  . LYS A 1 70  ? 3.670   9.668   -21.487 1.00 48.55 ? 89  LYS D NZ  1 
ATOM   444  N  N   . THR A 1 71  ? 9.774   8.893   -17.999 1.00 47.26 ? 90  THR D N   1 
ATOM   445  C  CA  . THR A 1 71  ? 10.867  8.652   -17.047 1.00 46.78 ? 90  THR D CA  1 
ATOM   446  C  C   . THR A 1 71  ? 10.310  8.703   -15.609 1.00 46.29 ? 90  THR D C   1 
ATOM   447  O  O   . THR A 1 71  ? 9.231   9.272   -15.400 1.00 46.35 ? 90  THR D O   1 
ATOM   448  C  CB  . THR A 1 71  ? 12.014  9.684   -17.209 1.00 46.96 ? 90  THR D CB  1 
ATOM   449  O  OG1 . THR A 1 71  ? 11.521  11.008  -16.968 1.00 47.02 ? 90  THR D OG1 1 
ATOM   450  C  CG2 . THR A 1 71  ? 12.638  9.612   -18.606 1.00 47.00 ? 90  THR D CG2 1 
ATOM   451  N  N   . PRO A 1 72  ? 11.024  8.104   -14.618 1.00 45.83 ? 91  PRO D N   1 
ATOM   452  C  CA  . PRO A 1 72  ? 10.552  8.143   -13.221 1.00 45.54 ? 91  PRO D CA  1 
ATOM   453  C  C   . PRO A 1 72  ? 10.247  9.540   -12.656 1.00 45.30 ? 91  PRO D C   1 
ATOM   454  O  O   . PRO A 1 72  ? 9.283   9.691   -11.899 1.00 45.34 ? 91  PRO D O   1 
ATOM   455  C  CB  . PRO A 1 72  ? 11.701  7.497   -12.446 1.00 45.52 ? 91  PRO D CB  1 
ATOM   456  C  CG  . PRO A 1 72  ? 12.292  6.539   -13.417 1.00 45.60 ? 91  PRO D CG  1 
ATOM   457  C  CD  . PRO A 1 72  ? 12.202  7.220   -14.753 1.00 45.69 ? 91  PRO D CD  1 
ATOM   458  N  N   . ASP A 1 73  ? 11.053  10.535  -13.032 1.00 44.94 ? 92  ASP D N   1 
ATOM   459  C  CA  . ASP A 1 73  ? 10.873  11.919  -12.575 1.00 44.54 ? 92  ASP D CA  1 
ATOM   460  C  C   . ASP A 1 73  ? 9.762   12.676  -13.309 1.00 44.31 ? 92  ASP D C   1 
ATOM   461  O  O   . ASP A 1 73  ? 9.194   13.626  -12.758 1.00 44.33 ? 92  ASP D O   1 
ATOM   462  C  CB  . ASP A 1 73  ? 12.195  12.688  -12.651 1.00 44.44 ? 92  ASP D CB  1 
ATOM   463  C  CG  . ASP A 1 73  ? 13.175  12.272  -11.569 1.00 44.44 ? 92  ASP D CG  1 
ATOM   464  O  OD1 . ASP A 1 73  ? 12.888  12.502  -10.375 1.00 44.39 ? 92  ASP D OD1 1 
ATOM   465  O  OD2 . ASP A 1 73  ? 14.239  11.718  -11.912 1.00 44.47 ? 92  ASP D OD2 1 
ATOM   466  N  N   . GLN A 1 74  ? 9.467   12.255  -14.542 1.00 44.02 ? 93  GLN D N   1 
ATOM   467  C  CA  . GLN A 1 74  ? 8.330   12.775  -15.314 1.00 43.72 ? 93  GLN D CA  1 
ATOM   468  C  C   . GLN A 1 74  ? 6.995   12.420  -14.665 1.00 43.55 ? 93  GLN D C   1 
ATOM   469  O  O   . GLN A 1 74  ? 6.066   13.233  -14.668 1.00 43.46 ? 93  GLN D O   1 
ATOM   470  C  CB  . GLN A 1 74  ? 8.358   12.254  -16.754 1.00 43.67 ? 93  GLN D CB  1 
ATOM   471  C  CG  . GLN A 1 74  ? 9.094   13.147  -17.739 1.00 43.66 ? 93  GLN D CG  1 
ATOM   472  C  CD  . GLN A 1 74  ? 9.108   12.578  -19.146 1.00 43.66 ? 93  GLN D CD  1 
ATOM   473  O  OE1 . GLN A 1 74  ? 9.706   11.531  -19.402 1.00 43.73 ? 93  GLN D OE1 1 
ATOM   474  N  NE2 . GLN A 1 74  ? 8.456   13.273  -20.069 1.00 43.70 ? 93  GLN D NE2 1 
ATOM   475  N  N   . LEU A 1 75  ? 6.919   11.207  -14.115 1.00 43.39 ? 94  LEU D N   1 
ATOM   476  C  CA  . LEU A 1 75  ? 5.725   10.712  -13.427 1.00 43.23 ? 94  LEU D CA  1 
ATOM   477  C  C   . LEU A 1 75  ? 5.489   11.409  -12.091 1.00 43.21 ? 94  LEU D C   1 
ATOM   478  O  O   . LEU A 1 75  ? 4.356   11.787  -11.787 1.00 43.41 ? 94  LEU D O   1 
ATOM   479  C  CB  . LEU A 1 75  ? 5.790   9.188   -13.247 1.00 43.15 ? 94  LEU D CB  1 
ATOM   480  C  CG  . LEU A 1 75  ? 5.686   8.319   -14.507 1.00 43.14 ? 94  LEU D CG  1 
ATOM   481  C  CD1 . LEU A 1 75  ? 5.919   6.851   -14.185 1.00 43.11 ? 94  LEU D CD1 1 
ATOM   482  C  CD2 . LEU A 1 75  ? 4.342   8.506   -15.198 1.00 43.16 ? 94  LEU D CD2 1 
ATOM   483  N  N   . ARG A 1 76  ? 6.563   11.598  -11.320 1.00 43.02 ? 95  ARG D N   1 
ATOM   484  C  CA  . ARG A 1 76  ? 6.530   12.306  -10.028 1.00 42.94 ? 95  ARG D CA  1 
ATOM   485  C  C   . ARG A 1 76  ? 5.854   13.681  -10.099 1.00 43.24 ? 95  ARG D C   1 
ATOM   486  O  O   . ARG A 1 76  ? 5.219   14.115  -9.133  1.00 43.26 ? 95  ARG D O   1 
ATOM   487  C  CB  . ARG A 1 76  ? 7.945   12.462  -9.464  1.00 42.62 ? 95  ARG D CB  1 
ATOM   488  C  CG  . ARG A 1 76  ? 8.554   11.189  -8.901  1.00 42.23 ? 95  ARG D CG  1 
ATOM   489  C  CD  . ARG A 1 76  ? 9.934   11.462  -8.327  1.00 41.94 ? 95  ARG D CD  1 
ATOM   490  N  NE  . ARG A 1 76  ? 10.534  10.286  -7.694  1.00 41.65 ? 95  ARG D NE  1 
ATOM   491  C  CZ  . ARG A 1 76  ? 11.604  9.630   -8.144  1.00 41.61 ? 95  ARG D CZ  1 
ATOM   492  N  NH1 . ARG A 1 76  ? 12.052  8.574   -7.478  1.00 41.48 ? 95  ARG D NH1 1 
ATOM   493  N  NH2 . ARG A 1 76  ? 12.231  10.015  -9.250  1.00 41.65 ? 95  ARG D NH2 1 
ATOM   494  N  N   . ASN A 1 77  ? 5.996   14.345  -11.247 1.00 43.64 ? 96  ASN D N   1 
ATOM   495  C  CA  . ASN A 1 77  ? 5.415   15.666  -11.492 1.00 44.02 ? 96  ASN D CA  1 
ATOM   496  C  C   . ASN A 1 77  ? 4.121   15.631  -12.321 1.00 44.35 ? 96  ASN D C   1 
ATOM   497  O  O   . ASN A 1 77  ? 3.387   16.625  -12.365 1.00 44.38 ? 96  ASN D O   1 
ATOM   498  C  CB  . ASN A 1 77  ? 6.453   16.589  -12.142 1.00 43.95 ? 96  ASN D CB  1 
ATOM   499  C  CG  . ASN A 1 77  ? 7.653   16.847  -11.243 1.00 43.94 ? 96  ASN D CG  1 
ATOM   500  O  OD1 . ASN A 1 77  ? 7.519   17.378  -10.139 1.00 43.88 ? 96  ASN D OD1 1 
ATOM   501  N  ND2 . ASN A 1 77  ? 8.834   16.474  -11.719 1.00 43.97 ? 96  ASN D ND2 1 
ATOM   502  N  N   . ASP A 1 78  ? 3.852   14.493  -12.965 1.00 44.90 ? 97  ASP D N   1 
ATOM   503  C  CA  . ASP A 1 78  ? 2.620   14.274  -13.736 1.00 45.43 ? 97  ASP D CA  1 
ATOM   504  C  C   . ASP A 1 78  ? 1.413   14.171  -12.802 1.00 45.90 ? 97  ASP D C   1 
ATOM   505  O  O   . ASP A 1 78  ? 1.463   13.460  -11.792 1.00 46.09 ? 97  ASP D O   1 
ATOM   506  C  CB  . ASP A 1 78  ? 2.742   13.013  -14.601 1.00 45.43 ? 97  ASP D CB  1 
ATOM   507  C  CG  . ASP A 1 78  ? 1.665   12.922  -15.671 1.00 45.43 ? 97  ASP D CG  1 
ATOM   508  O  OD1 . ASP A 1 78  ? 0.513   12.571  -15.342 1.00 45.39 ? 97  ASP D OD1 1 
ATOM   509  O  OD2 . ASP A 1 78  ? 1.978   13.185  -16.851 1.00 45.50 ? 97  ASP D OD2 1 
ATOM   510  N  N   . GLU A 1 79  ? 0.339   14.878  -13.154 1.00 46.37 ? 98  GLU D N   1 
ATOM   511  C  CA  . GLU A 1 79  ? -0.855  14.980  -12.306 1.00 46.87 ? 98  GLU D CA  1 
ATOM   512  C  C   . GLU A 1 79  ? -1.718  13.715  -12.295 1.00 46.96 ? 98  GLU D C   1 
ATOM   513  O  O   . GLU A 1 79  ? -2.356  13.414  -11.281 1.00 46.95 ? 98  GLU D O   1 
ATOM   514  C  CB  . GLU A 1 79  ? -1.701  16.197  -12.694 1.00 47.30 ? 98  GLU D CB  1 
ATOM   515  C  CG  . GLU A 1 79  ? -2.468  16.801  -11.524 1.00 47.88 ? 98  GLU D CG  1 
ATOM   516  C  CD  . GLU A 1 79  ? -3.646  17.659  -11.952 1.00 48.31 ? 98  GLU D CD  1 
ATOM   517  O  OE1 . GLU A 1 79  ? -4.770  17.396  -11.472 1.00 48.55 ? 98  GLU D OE1 1 
ATOM   518  O  OE2 . GLU A 1 79  ? -3.458  18.595  -12.762 1.00 48.53 ? 98  GLU D OE2 1 
ATOM   519  N  N   . SER A 1 80  ? -1.741  12.991  -13.416 1.00 47.10 ? 99  SER D N   1 
ATOM   520  C  CA  . SER A 1 80  ? -2.442  11.703  -13.516 1.00 47.19 ? 99  SER D CA  1 
ATOM   521  C  C   . SER A 1 80  ? -1.783  10.628  -12.651 1.00 47.15 ? 99  SER D C   1 
ATOM   522  O  O   . SER A 1 80  ? -2.466  9.739   -12.132 1.00 47.21 ? 99  SER D O   1 
ATOM   523  C  CB  . SER A 1 80  ? -2.526  11.235  -14.971 1.00 47.36 ? 99  SER D CB  1 
ATOM   524  O  OG  . SER A 1 80  ? -3.316  12.119  -15.746 1.00 47.70 ? 99  SER D OG  1 
ATOM   525  N  N   . PHE A 1 81  ? -0.460  10.723  -12.504 1.00 47.02 ? 100 PHE D N   1 
ATOM   526  C  CA  . PHE A 1 81  ? 0.307   9.849   -11.616 1.00 46.97 ? 100 PHE D CA  1 
ATOM   527  C  C   . PHE A 1 81  ? 0.080   10.190  -10.144 1.00 46.98 ? 100 PHE D C   1 
ATOM   528  O  O   . PHE A 1 81  ? 0.042   9.287   -9.309  1.00 46.87 ? 100 PHE D O   1 
ATOM   529  C  CB  . PHE A 1 81  ? 1.798   9.884   -11.970 1.00 46.91 ? 100 PHE D CB  1 
ATOM   530  C  CG  . PHE A 1 81  ? 2.631   8.864   -11.234 1.00 46.84 ? 100 PHE D CG  1 
ATOM   531  C  CD1 . PHE A 1 81  ? 2.704   7.542   -11.684 1.00 46.80 ? 100 PHE D CD1 1 
ATOM   532  C  CD2 . PHE A 1 81  ? 3.359   9.223   -10.095 1.00 46.75 ? 100 PHE D CD2 1 
ATOM   533  C  CE1 . PHE A 1 81  ? 3.474   6.601   -11.007 1.00 46.69 ? 100 PHE D CE1 1 
ATOM   534  C  CE2 . PHE A 1 81  ? 4.131   8.286   -9.415  1.00 46.77 ? 100 PHE D CE2 1 
ATOM   535  C  CZ  . PHE A 1 81  ? 4.188   6.974   -9.873  1.00 46.71 ? 100 PHE D CZ  1 
ATOM   536  N  N   . GLU A 1 82  ? -0.069  11.484  -9.844  1.00 47.04 ? 101 GLU D N   1 
ATOM   537  C  CA  . GLU A 1 82  ? -0.369  11.973  -8.488  1.00 47.00 ? 101 GLU D CA  1 
ATOM   538  C  C   . GLU A 1 82  ? -1.669  11.383  -7.938  1.00 46.71 ? 101 GLU D C   1 
ATOM   539  O  O   . GLU A 1 82  ? -1.723  10.964  -6.778  1.00 46.73 ? 101 GLU D O   1 
ATOM   540  C  CB  . GLU A 1 82  ? -0.451  13.505  -8.459  1.00 47.47 ? 101 GLU D CB  1 
ATOM   541  C  CG  . GLU A 1 82  ? 0.887   14.226  -8.540  1.00 47.97 ? 101 GLU D CG  1 
ATOM   542  C  CD  . GLU A 1 82  ? 0.789   15.709  -8.215  1.00 48.29 ? 101 GLU D CD  1 
ATOM   543  O  OE1 . GLU A 1 82  ? 1.224   16.528  -9.051  1.00 48.25 ? 101 GLU D OE1 1 
ATOM   544  O  OE2 . GLU A 1 82  ? 0.280   16.060  -7.126  1.00 48.53 ? 101 GLU D OE2 1 
ATOM   545  N  N   . GLU A 1 83  ? -2.698  11.350  -8.786  1.00 46.27 ? 102 GLU D N   1 
ATOM   546  C  CA  . GLU A 1 83  ? -4.025  10.835  -8.431  1.00 45.74 ? 102 GLU D CA  1 
ATOM   547  C  C   . GLU A 1 83  ? -4.030  9.317   -8.261  1.00 44.83 ? 102 GLU D C   1 
ATOM   548  O  O   . GLU A 1 83  ? -4.678  8.798   -7.348  1.00 44.79 ? 102 GLU D O   1 
ATOM   549  C  CB  . GLU A 1 83  ? -5.071  11.254  -9.477  1.00 46.22 ? 102 GLU D CB  1 
ATOM   550  C  CG  . GLU A 1 83  ? -5.274  12.759  -9.631  1.00 46.81 ? 102 GLU D CG  1 
ATOM   551  C  CD  . GLU A 1 83  ? -6.225  13.355  -8.606  1.00 47.28 ? 102 GLU D CD  1 
ATOM   552  O  OE1 . GLU A 1 83  ? -5.898  13.362  -7.397  1.00 47.52 ? 102 GLU D OE1 1 
ATOM   553  O  OE2 . GLU A 1 83  ? -7.301  13.840  -9.014  1.00 47.55 ? 102 GLU D OE2 1 
ATOM   554  N  N   . ALA A 1 84  ? -3.310  8.623   -9.145  1.00 43.82 ? 103 ALA D N   1 
ATOM   555  C  CA  . ALA A 1 84  ? -3.161  7.167   -9.090  1.00 42.88 ? 103 ALA D CA  1 
ATOM   556  C  C   . ALA A 1 84  ? -2.338  6.724   -7.878  1.00 42.28 ? 103 ALA D C   1 
ATOM   557  O  O   . ALA A 1 84  ? -2.689  5.745   -7.218  1.00 42.23 ? 103 ALA D O   1 
ATOM   558  C  CB  . ALA A 1 84  ? -2.544  6.644   -10.381 1.00 42.84 ? 103 ALA D CB  1 
ATOM   559  N  N   . ALA A 1 85  ? -1.260  7.460   -7.595  1.00 41.57 ? 104 ALA D N   1 
ATOM   560  C  CA  . ALA A 1 85  ? -0.377  7.193   -6.452  1.00 40.90 ? 104 ALA D CA  1 
ATOM   561  C  C   . ALA A 1 85  ? -1.073  7.380   -5.106  1.00 40.56 ? 104 ALA D C   1 
ATOM   562  O  O   . ALA A 1 85  ? -0.843  6.603   -4.175  1.00 40.53 ? 104 ALA D O   1 
ATOM   563  C  CB  . ALA A 1 85  ? 0.868   8.061   -6.530  1.00 40.88 ? 104 ALA D CB  1 
ATOM   564  N  N   . LEU A 1 86  ? -1.914  8.413   -5.019  1.00 40.08 ? 105 LEU D N   1 
ATOM   565  C  CA  . LEU A 1 86  ? -2.708  8.692   -3.821  1.00 39.62 ? 105 LEU D CA  1 
ATOM   566  C  C   . LEU A 1 86  ? -3.810  7.660   -3.595  1.00 39.27 ? 105 LEU D C   1 
ATOM   567  O  O   . LEU A 1 86  ? -4.091  7.300   -2.453  1.00 39.23 ? 105 LEU D O   1 
ATOM   568  C  CB  . LEU A 1 86  ? -3.308  10.104  -3.870  1.00 39.69 ? 105 LEU D CB  1 
ATOM   569  C  CG  . LEU A 1 86  ? -2.431  11.291  -3.454  1.00 39.74 ? 105 LEU D CG  1 
ATOM   570  C  CD1 . LEU A 1 86  ? -3.033  12.593  -3.968  1.00 39.66 ? 105 LEU D CD1 1 
ATOM   571  C  CD2 . LEU A 1 86  ? -2.236  11.354  -1.942  1.00 39.78 ? 105 LEU D CD2 1 
ATOM   572  N  N   . ALA A 1 87  ? -4.411  7.181   -4.686  1.00 38.90 ? 106 ALA D N   1 
ATOM   573  C  CA  . ALA A 1 87  ? -5.477  6.171   -4.638  1.00 38.67 ? 106 ALA D CA  1 
ATOM   574  C  C   . ALA A 1 87  ? -4.989  4.778   -4.218  1.00 38.40 ? 106 ALA D C   1 
ATOM   575  O  O   . ALA A 1 87  ? -5.799  3.904   -3.899  1.00 38.37 ? 106 ALA D O   1 
ATOM   576  C  CB  . ALA A 1 87  ? -6.201  6.104   -5.978  1.00 38.73 ? 106 ALA D CB  1 
ATOM   577  N  N   . HIS A 1 88  ? -3.682  4.606   -4.162  1.00 38.02 ? 107 HIS D N   1 
ATOM   578  C  CA  . HIS A 1 88  ? -3.050  3.346   -3.804  1.00 37.66 ? 107 HIS D CA  1 
ATOM   579  C  C   . HIS A 1 88  ? -2.408  3.329   -2.433  1.00 37.47 ? 107 HIS D C   1 
ATOM   580  O  O   . HIS A 1 88  ? -2.170  2.268   -1.864  1.00 37.34 ? 107 HIS D O   1 
ATOM   581  C  CB  . HIS A 1 88  ? -2.048  2.946   -4.885  1.00 37.57 ? 107 HIS D CB  1 
ATOM   582  C  CG  . HIS A 1 88  ? -2.697  2.336   -6.074  1.00 37.46 ? 107 HIS D CG  1 
ATOM   583  N  ND1 . HIS A 1 88  ? -3.033  3.057   -7.186  1.00 37.39 ? 107 HIS D ND1 1 
ATOM   584  C  CD2 . HIS A 1 88  ? -3.168  1.096   -6.273  1.00 37.35 ? 107 HIS D CD2 1 
ATOM   585  C  CE1 . HIS A 1 88  ? -3.659  2.277   -8.031  1.00 37.34 ? 107 HIS D CE1 1 
ATOM   586  N  NE2 . HIS A 1 88  ? -3.779  1.084   -7.492  1.00 37.34 ? 107 HIS D NE2 1 
ATOM   587  N  N   . ILE A 1 89  ? -2.156  4.529   -1.923  1.00 37.31 ? 108 ILE D N   1 
ATOM   588  C  CA  . ILE A 1 89  ? -1.568  4.708   -0.588  1.00 37.16 ? 108 ILE D CA  1 
ATOM   589  C  C   . ILE A 1 89  ? -2.624  4.983   0.503   1.00 37.13 ? 108 ILE D C   1 
ATOM   590  O  O   . ILE A 1 89  ? -2.439  4.589   1.658   1.00 37.16 ? 108 ILE D O   1 
ATOM   591  C  CB  . ILE A 1 89  ? -0.414  5.763   -0.600  1.00 37.05 ? 108 ILE D CB  1 
ATOM   592  C  CG1 . ILE A 1 89  ? 0.511   5.614   0.617   1.00 37.04 ? 108 ILE D CG1 1 
ATOM   593  C  CG2 . ILE A 1 89  ? -0.925  7.194   -0.742  1.00 36.99 ? 108 ILE D CG2 1 
ATOM   594  C  CD1 . ILE A 1 89  ? 1.719   4.736   0.374   1.00 37.03 ? 108 ILE D CD1 1 
ATOM   595  N  N   . THR A 1 90  ? -3.724  5.638   0.121   1.00 37.00 ? 109 THR D N   1 
ATOM   596  C  CA  . THR A 1 90  ? -4.808  6.001   1.054   1.00 37.00 ? 109 THR D CA  1 
ATOM   597  C  C   . THR A 1 90  ? -5.660  4.838   1.612   1.00 36.85 ? 109 THR D C   1 
ATOM   598  O  O   . THR A 1 90  ? -6.203  4.978   2.714   1.00 36.81 ? 109 THR D O   1 
ATOM   599  C  CB  . THR A 1 90  ? -5.738  7.115   0.503   1.00 37.10 ? 109 THR D CB  1 
ATOM   600  O  OG1 . THR A 1 90  ? -6.121  6.817   -0.845  1.00 37.28 ? 109 THR D OG1 1 
ATOM   601  C  CG2 . THR A 1 90  ? -5.049  8.479   0.553   1.00 37.08 ? 109 THR D CG2 1 
ATOM   602  N  N   . PRO A 1 91  ? -5.799  3.706   0.866   1.00 36.79 ? 110 PRO D N   1 
ATOM   603  C  CA  . PRO A 1 91  ? -6.394  2.526   1.521   1.00 36.71 ? 110 PRO D CA  1 
ATOM   604  C  C   . PRO A 1 91  ? -5.557  1.974   2.680   1.00 36.71 ? 110 PRO D C   1 
ATOM   605  O  O   . PRO A 1 91  ? -6.128  1.488   3.657   1.00 36.76 ? 110 PRO D O   1 
ATOM   606  C  CB  . PRO A 1 91  ? -6.474  1.502   0.389   1.00 36.72 ? 110 PRO D CB  1 
ATOM   607  C  CG  . PRO A 1 91  ? -6.611  2.326   -0.839  1.00 36.72 ? 110 PRO D CG  1 
ATOM   608  C  CD  . PRO A 1 91  ? -5.716  3.506   -0.596  1.00 36.78 ? 110 PRO D CD  1 
ATOM   609  N  N   . TYR A 1 92  ? -4.230  2.056   2.562   1.00 36.64 ? 111 TYR D N   1 
ATOM   610  C  CA  . TYR A 1 92  ? -3.312  1.684   3.644   1.00 36.59 ? 111 TYR D CA  1 
ATOM   611  C  C   . TYR A 1 92  ? -3.381  2.662   4.820   1.00 36.73 ? 111 TYR D C   1 
ATOM   612  O  O   . TYR A 1 92  ? -3.249  2.252   5.977   1.00 36.76 ? 111 TYR D O   1 
ATOM   613  C  CB  . TYR A 1 92  ? -1.869  1.586   3.134   1.00 36.45 ? 111 TYR D CB  1 
ATOM   614  C  CG  . TYR A 1 92  ? -1.581  0.401   2.235   1.00 36.33 ? 111 TYR D CG  1 
ATOM   615  C  CD1 . TYR A 1 92  ? -1.570  -0.907  2.742   1.00 36.29 ? 111 TYR D CD1 1 
ATOM   616  C  CD2 . TYR A 1 92  ? -1.290  0.587   0.878   1.00 36.26 ? 111 TYR D CD2 1 
ATOM   617  C  CE1 . TYR A 1 92  ? -1.295  -1.994  1.919   1.00 36.26 ? 111 TYR D CE1 1 
ATOM   618  C  CE2 . TYR A 1 92  ? -1.012  -0.494  0.047   1.00 36.21 ? 111 TYR D CE2 1 
ATOM   619  C  CZ  . TYR A 1 92  ? -1.015  -1.780  0.572   1.00 36.22 ? 111 TYR D CZ  1 
ATOM   620  O  OH  . TYR A 1 92  ? -0.741  -2.854  -0.243  1.00 36.08 ? 111 TYR D OH  1 
ATOM   621  N  N   . ASP A 1 93  ? -3.579  3.946   4.510   1.00 36.94 ? 112 ASP D N   1 
ATOM   622  C  CA  . ASP A 1 93  ? -3.753  4.998   5.519   1.00 37.11 ? 112 ASP D CA  1 
ATOM   623  C  C   . ASP A 1 93  ? -5.076  4.849   6.269   1.00 37.22 ? 112 ASP D C   1 
ATOM   624  O  O   . ASP A 1 93  ? -5.133  5.075   7.482   1.00 37.37 ? 112 ASP D O   1 
ATOM   625  C  CB  . ASP A 1 93  ? -3.637  6.392   4.884   1.00 37.15 ? 112 ASP D CB  1 
ATOM   626  C  CG  . ASP A 1 93  ? -3.705  7.520   5.910   1.00 37.16 ? 112 ASP D CG  1 
ATOM   627  O  OD1 . ASP A 1 93  ? -2.871  7.551   6.842   1.00 37.17 ? 112 ASP D OD1 1 
ATOM   628  O  OD2 . ASP A 1 93  ? -4.594  8.386   5.776   1.00 37.17 ? 112 ASP D OD2 1 
ATOM   629  N  N   . GLN A 1 94  ? -6.127  4.474   5.537   1.00 37.22 ? 113 GLN D N   1 
ATOM   630  C  CA  . GLN A 1 94  ? -7.423  4.133   6.125   1.00 37.21 ? 113 GLN D CA  1 
ATOM   631  C  C   . GLN A 1 94  ? -7.346  2.872   6.982   1.00 37.10 ? 113 GLN D C   1 
ATOM   632  O  O   . GLN A 1 94  ? -7.992  2.798   8.028   1.00 37.21 ? 113 GLN D O   1 
ATOM   633  C  CB  . GLN A 1 94  ? -8.496  3.971   5.044   1.00 37.37 ? 113 GLN D CB  1 
ATOM   634  C  CG  . GLN A 1 94  ? -9.365  5.205   4.824   1.00 37.53 ? 113 GLN D CG  1 
ATOM   635  C  CD  . GLN A 1 94  ? -10.332 5.486   5.970   1.00 37.64 ? 113 GLN D CD  1 
ATOM   636  O  OE1 . GLN A 1 94  ? -10.803 4.573   6.653   1.00 37.68 ? 113 GLN D OE1 1 
ATOM   637  N  NE2 . GLN A 1 94  ? -10.636 6.762   6.178   1.00 37.69 ? 113 GLN D NE2 1 
ATOM   638  N  N   . ALA A 1 95  ? -6.546  1.902   6.534   1.00 36.95 ? 114 ALA D N   1 
ATOM   639  C  CA  . ALA A 1 95  ? -6.345  0.634   7.239   1.00 36.83 ? 114 ALA D CA  1 
ATOM   640  C  C   . ALA A 1 95  ? -5.730  0.808   8.634   1.00 36.72 ? 114 ALA D C   1 
ATOM   641  O  O   . ALA A 1 95  ? -6.171  0.159   9.586   1.00 36.58 ? 114 ALA D O   1 
ATOM   642  C  CB  . ALA A 1 95  ? -5.512  -0.319  6.393   1.00 36.83 ? 114 ALA D CB  1 
ATOM   643  N  N   . VAL A 1 96  ? -4.731  1.689   8.742   1.00 36.68 ? 115 VAL D N   1 
ATOM   644  C  CA  . VAL A 1 96  ? -4.095  2.045   10.024  1.00 36.74 ? 115 VAL D CA  1 
ATOM   645  C  C   . VAL A 1 96  ? -5.093  2.775   10.936  1.00 36.83 ? 115 VAL D C   1 
ATOM   646  O  O   . VAL A 1 96  ? -5.122  2.542   12.149  1.00 36.87 ? 115 VAL D O   1 
ATOM   647  C  CB  . VAL A 1 96  ? -2.800  2.880   9.817   1.00 36.70 ? 115 VAL D CB  1 
ATOM   648  C  CG1 . VAL A 1 96  ? -2.210  3.350   11.143  1.00 36.67 ? 115 VAL D CG1 1 
ATOM   649  C  CG2 . VAL A 1 96  ? -1.755  2.074   9.062   1.00 36.64 ? 115 VAL D CG2 1 
ATOM   650  N  N   . GLN A 1 97  ? -5.909  3.642   10.335  1.00 37.00 ? 116 GLN D N   1 
ATOM   651  C  CA  . GLN A 1 97  ? -6.972  4.362   11.039  1.00 37.16 ? 116 GLN D CA  1 
ATOM   652  C  C   . GLN A 1 97  ? -8.073  3.425   11.558  1.00 37.11 ? 116 GLN D C   1 
ATOM   653  O  O   . GLN A 1 97  ? -8.656  3.672   12.620  1.00 37.13 ? 116 GLN D O   1 
ATOM   654  C  CB  . GLN A 1 97  ? -7.558  5.456   10.133  1.00 37.38 ? 116 GLN D CB  1 
ATOM   655  C  CG  . GLN A 1 97  ? -8.444  6.490   10.826  1.00 37.65 ? 116 GLN D CG  1 
ATOM   656  C  CD  . GLN A 1 97  ? -7.831  7.061   12.097  1.00 37.83 ? 116 GLN D CD  1 
ATOM   657  O  OE1 . GLN A 1 97  ? -6.716  7.587   12.091  1.00 37.87 ? 116 GLN D OE1 1 
ATOM   658  N  NE2 . GLN A 1 97  ? -8.570  6.963   13.196  1.00 37.89 ? 116 GLN D NE2 1 
ATOM   659  N  N   . ASP A 1 98  ? -8.330  2.348   10.813  1.00 37.06 ? 117 ASP D N   1 
ATOM   660  C  CA  . ASP A 1 98  ? -9.354  1.355   11.158  1.00 37.02 ? 117 ASP D CA  1 
ATOM   661  C  C   . ASP A 1 98  ? -8.820  0.168   11.981  1.00 36.95 ? 117 ASP D C   1 
ATOM   662  O  O   . ASP A 1 98  ? -9.481  -0.873  12.062  1.00 36.93 ? 117 ASP D O   1 
ATOM   663  C  CB  . ASP A 1 98  ? -10.040 0.831   9.883   1.00 37.03 ? 117 ASP D CB  1 
ATOM   664  C  CG  . ASP A 1 98  ? -10.782 1.914   9.107   1.00 37.04 ? 117 ASP D CG  1 
ATOM   665  O  OD1 . ASP A 1 98  ? -11.342 2.850   9.723   1.00 37.03 ? 117 ASP D OD1 1 
ATOM   666  O  OD2 . ASP A 1 98  ? -10.814 1.816   7.862   1.00 37.03 ? 117 ASP D OD2 1 
ATOM   667  N  N   . SER A 1 99  ? -7.646  0.330   12.597  1.00 36.97 ? 118 SER D N   1 
ATOM   668  C  CA  . SER A 1 99  ? -6.969  -0.753  13.337  1.00 37.05 ? 118 SER D CA  1 
ATOM   669  C  C   . SER A 1 99  ? -7.747  -1.305  14.540  1.00 37.19 ? 118 SER D C   1 
ATOM   670  O  O   . SER A 1 99  ? -7.594  -2.479  14.892  1.00 37.25 ? 118 SER D O   1 
ATOM   671  C  CB  . SER A 1 99  ? -5.565  -0.324  13.772  1.00 37.01 ? 118 SER D CB  1 
ATOM   672  O  OG  . SER A 1 99  ? -4.703  -0.196  12.655  1.00 36.93 ? 118 SER D OG  1 
ATOM   673  N  N   . ASP A 1 100 ? -8.569  -0.455  15.157  1.00 37.28 ? 119 ASP D N   1 
ATOM   674  C  CA  . ASP A 1 100 ? -9.437  -0.853  16.271  1.00 37.37 ? 119 ASP D CA  1 
ATOM   675  C  C   . ASP A 1 100 ? -10.797 -1.356  15.784  1.00 37.38 ? 119 ASP D C   1 
ATOM   676  O  O   . ASP A 1 100 ? -11.476 -2.111  16.488  1.00 37.32 ? 119 ASP D O   1 
ATOM   677  C  CB  . ASP A 1 100 ? -9.626  0.310   17.250  1.00 37.55 ? 119 ASP D CB  1 
ATOM   678  C  CG  . ASP A 1 100 ? -8.312  0.823   17.817  1.00 37.75 ? 119 ASP D CG  1 
ATOM   679  O  OD1 . ASP A 1 100 ? -7.603  0.051   18.503  1.00 37.81 ? 119 ASP D OD1 1 
ATOM   680  O  OD2 . ASP A 1 100 ? -7.992  2.008   17.588  1.00 37.86 ? 119 ASP D OD2 1 
ATOM   681  N  N   . ASN A 1 101 ? -11.180 -0.926  14.582  1.00 37.41 ? 120 ASN D N   1 
ATOM   682  C  CA  . ASN A 1 101 ? -12.431 -1.328  13.944  1.00 37.45 ? 120 ASN D CA  1 
ATOM   683  C  C   . ASN A 1 101 ? -12.145 -2.387  12.881  1.00 37.48 ? 120 ASN D C   1 
ATOM   684  O  O   . ASN A 1 101 ? -12.157 -2.095  11.679  1.00 37.48 ? 120 ASN D O   1 
ATOM   685  C  CB  . ASN A 1 101 ? -13.132 -0.111  13.327  1.00 37.52 ? 120 ASN D CB  1 
ATOM   686  C  CG  . ASN A 1 101 ? -13.395 0.992   14.334  1.00 37.51 ? 120 ASN D CG  1 
ATOM   687  O  OD1 . ASN A 1 101 ? -14.211 0.840   15.243  1.00 37.63 ? 120 ASN D OD1 1 
ATOM   688  N  ND2 . ASN A 1 101 ? -12.708 2.118   14.169  1.00 37.46 ? 120 ASN D ND2 1 
ATOM   689  N  N   . VAL A 1 102 ? -11.890 -3.614  13.342  1.00 37.49 ? 121 VAL D N   1 
ATOM   690  C  CA  . VAL A 1 102 ? -11.501 -4.748  12.481  1.00 37.46 ? 121 VAL D CA  1 
ATOM   691  C  C   . VAL A 1 102 ? -12.535 -5.017  11.375  1.00 37.52 ? 121 VAL D C   1 
ATOM   692  O  O   . VAL A 1 102 ? -12.160 -5.271  10.229  1.00 37.55 ? 121 VAL D O   1 
ATOM   693  C  CB  . VAL A 1 102 ? -11.211 -6.035  13.307  1.00 37.43 ? 121 VAL D CB  1 
ATOM   694  C  CG1 . VAL A 1 102 ? -10.605 -7.131  12.438  1.00 37.38 ? 121 VAL D CG1 1 
ATOM   695  C  CG2 . VAL A 1 102 ? -10.272 -5.737  14.470  1.00 37.38 ? 121 VAL D CG2 1 
ATOM   696  N  N   . ASP A 1 103 ? -13.820 -4.925  11.723  1.00 37.49 ? 122 ASP D N   1 
ATOM   697  C  CA  . ASP A 1 103 ? -14.925 -5.133  10.779  1.00 37.49 ? 122 ASP D CA  1 
ATOM   698  C  C   . ASP A 1 103 ? -15.014 -4.080  9.666   1.00 37.39 ? 122 ASP D C   1 
ATOM   699  O  O   . ASP A 1 103 ? -15.327 -4.421  8.521   1.00 37.36 ? 122 ASP D O   1 
ATOM   700  C  CB  . ASP A 1 103 ? -16.256 -5.247  11.528  1.00 37.66 ? 122 ASP D CB  1 
ATOM   701  C  CG  . ASP A 1 103 ? -16.405 -6.576  12.248  1.00 37.82 ? 122 ASP D CG  1 
ATOM   702  O  OD1 . ASP A 1 103 ? -16.681 -7.594  11.577  1.00 37.87 ? 122 ASP D OD1 1 
ATOM   703  O  OD2 . ASP A 1 103 ? -16.253 -6.602  13.488  1.00 37.84 ? 122 ASP D OD2 1 
ATOM   704  N  N   . ILE A 1 104 ? -14.745 -2.817  10.006  1.00 37.27 ? 123 ILE D N   1 
ATOM   705  C  CA  . ILE A 1 104 ? -14.668 -1.723  9.019   1.00 37.20 ? 123 ILE D CA  1 
ATOM   706  C  C   . ILE A 1 104 ? -13.383 -1.864  8.189   1.00 37.14 ? 123 ILE D C   1 
ATOM   707  O  O   . ILE A 1 104 ? -13.399 -1.667  6.968   1.00 37.16 ? 123 ILE D O   1 
ATOM   708  C  CB  . ILE A 1 104 ? -14.779 -0.317  9.679   1.00 37.27 ? 123 ILE D CB  1 
ATOM   709  C  CG1 . ILE A 1 104 ? -16.078 -0.206  10.499  1.00 37.25 ? 123 ILE D CG1 1 
ATOM   710  C  CG2 . ILE A 1 104 ? -14.722 0.792   8.626   1.00 37.29 ? 123 ILE D CG2 1 
ATOM   711  C  CD1 . ILE A 1 104 ? -16.155 0.976   11.450  1.00 37.23 ? 123 ILE D CD1 1 
ATOM   712  N  N   . LEU A 1 105 ? -12.288 -2.217  8.870   1.00 37.02 ? 124 LEU D N   1 
ATOM   713  C  CA  . LEU A 1 105 ? -10.989 -2.517  8.253   1.00 36.91 ? 124 LEU D CA  1 
ATOM   714  C  C   . LEU A 1 105 ? -11.080 -3.623  7.195   1.00 36.94 ? 124 LEU D C   1 
ATOM   715  O  O   . LEU A 1 105 ? -10.502 -3.495  6.113   1.00 36.95 ? 124 LEU D O   1 
ATOM   716  C  CB  . LEU A 1 105 ? -9.966  -2.879  9.347   1.00 36.83 ? 124 LEU D CB  1 
ATOM   717  C  CG  . LEU A 1 105 ? -8.635  -3.607  9.110   1.00 36.77 ? 124 LEU D CG  1 
ATOM   718  C  CD1 . LEU A 1 105 ? -7.625  -2.741  8.375   1.00 36.77 ? 124 LEU D CD1 1 
ATOM   719  C  CD2 . LEU A 1 105 ? -8.064  -4.063  10.443  1.00 36.67 ? 124 LEU D CD2 1 
ATOM   720  N  N   . LEU A 1 106 ? -11.813 -4.693  7.519   1.00 37.00 ? 125 LEU D N   1 
ATOM   721  C  CA  . LEU A 1 106 ? -12.037 -5.821  6.610   1.00 37.05 ? 125 LEU D CA  1 
ATOM   722  C  C   . LEU A 1 106 ? -12.882 -5.440  5.394   1.00 37.05 ? 125 LEU D C   1 
ATOM   723  O  O   . LEU A 1 106 ? -12.573 -5.856  4.277   1.00 36.93 ? 125 LEU D O   1 
ATOM   724  C  CB  . LEU A 1 106 ? -12.683 -7.004  7.347   1.00 37.06 ? 125 LEU D CB  1 
ATOM   725  C  CG  . LEU A 1 106 ? -11.840 -7.852  8.307   1.00 37.09 ? 125 LEU D CG  1 
ATOM   726  C  CD1 . LEU A 1 106 ? -12.735 -8.547  9.321   1.00 37.17 ? 125 LEU D CD1 1 
ATOM   727  C  CD2 . LEU A 1 106 ? -10.980 -8.869  7.572   1.00 37.12 ? 125 LEU D CD2 1 
ATOM   728  N  N   . THR A 1 107 ? -13.935 -4.650  5.625   1.00 37.19 ? 126 THR D N   1 
ATOM   729  C  CA  . THR A 1 107 ? -14.835 -4.164  4.570   1.00 37.31 ? 126 THR D CA  1 
ATOM   730  C  C   . THR A 1 107 ? -14.094 -3.297  3.545   1.00 37.42 ? 126 THR D C   1 
ATOM   731  O  O   . THR A 1 107 ? -14.253 -3.488  2.334   1.00 37.45 ? 126 THR D O   1 
ATOM   732  C  CB  . THR A 1 107 ? -16.029 -3.376  5.164   1.00 37.27 ? 126 THR D CB  1 
ATOM   733  O  OG1 . THR A 1 107 ? -16.686 -4.169  6.160   1.00 37.26 ? 126 THR D OG1 1 
ATOM   734  C  CG2 . THR A 1 107 ? -17.039 -2.992  4.081   1.00 37.28 ? 126 THR D CG2 1 
ATOM   735  N  N   . ASN A 1 108 ? -13.281 -2.366  4.047   1.00 37.61 ? 127 ASN D N   1 
ATOM   736  C  CA  . ASN A 1 108 ? -12.528 -1.425  3.215   1.00 37.81 ? 127 ASN D CA  1 
ATOM   737  C  C   . ASN A 1 108 ? -11.454 -2.101  2.360   1.00 37.91 ? 127 ASN D C   1 
ATOM   738  O  O   . ASN A 1 108 ? -11.302 -1.762  1.184   1.00 37.98 ? 127 ASN D O   1 
ATOM   739  C  CB  . ASN A 1 108 ? -11.918 -0.308  4.073   1.00 37.89 ? 127 ASN D CB  1 
ATOM   740  C  CG  . ASN A 1 108 ? -12.968 0.608   4.690   1.00 37.97 ? 127 ASN D CG  1 
ATOM   741  O  OD1 . ASN A 1 108 ? -14.071 0.772   4.161   1.00 38.10 ? 127 ASN D OD1 1 
ATOM   742  N  ND2 . ASN A 1 108 ? -12.619 1.221   5.814   1.00 38.04 ? 127 ASN D ND2 1 
ATOM   743  N  N   . LEU A 1 109 ? -10.730 -3.055  2.951   1.00 38.06 ? 128 LEU D N   1 
ATOM   744  C  CA  . LEU A 1 109 ? -9.697  -3.819  2.238   1.00 38.30 ? 128 LEU D CA  1 
ATOM   745  C  C   . LEU A 1 109 ? -10.277 -4.785  1.199   1.00 38.64 ? 128 LEU D C   1 
ATOM   746  O  O   . LEU A 1 109 ? -9.688  -4.967  0.130   1.00 38.74 ? 128 LEU D O   1 
ATOM   747  C  CB  . LEU A 1 109 ? -8.776  -4.566  3.216   1.00 38.11 ? 128 LEU D CB  1 
ATOM   748  C  CG  . LEU A 1 109 ? -7.779  -3.788  4.090   1.00 37.97 ? 128 LEU D CG  1 
ATOM   749  C  CD1 . LEU A 1 109 ? -7.157  -4.721  5.118   1.00 37.91 ? 128 LEU D CD1 1 
ATOM   750  C  CD2 . LEU A 1 109 ? -6.692  -3.092  3.276   1.00 37.90 ? 128 LEU D CD2 1 
ATOM   751  N  N   . LYS A 1 110 ? -11.422 -5.394  1.520   1.00 39.02 ? 129 LYS D N   1 
ATOM   752  C  CA  . LYS A 1 110 ? -12.141 -6.273  0.587   1.00 39.39 ? 129 LYS D CA  1 
ATOM   753  C  C   . LYS A 1 110 ? -12.745 -5.505  -0.588  1.00 39.71 ? 129 LYS D C   1 
ATOM   754  O  O   . LYS A 1 110 ? -12.792 -6.024  -1.707  1.00 39.85 ? 129 LYS D O   1 
ATOM   755  C  CB  . LYS A 1 110 ? -13.225 -7.084  1.303   1.00 39.45 ? 129 LYS D CB  1 
ATOM   756  C  CG  . LYS A 1 110 ? -12.706 -8.307  2.042   1.00 39.53 ? 129 LYS D CG  1 
ATOM   757  C  CD  . LYS A 1 110 ? -13.809 -8.970  2.850   1.00 39.63 ? 129 LYS D CD  1 
ATOM   758  C  CE  . LYS A 1 110 ? -13.252 -10.051 3.763   1.00 39.70 ? 129 LYS D CE  1 
ATOM   759  N  NZ  . LYS A 1 110 ? -14.323 -10.712 4.558   1.00 39.78 ? 129 LYS D NZ  1 
ATOM   760  N  N   . ARG A 1 111 ? -13.208 -4.280  -0.327  1.00 40.06 ? 130 ARG D N   1 
ATOM   761  C  CA  . ARG A 1 111 ? -13.716 -3.389  -1.377  1.00 40.44 ? 130 ARG D CA  1 
ATOM   762  C  C   . ARG A 1 111 ? -12.601 -2.970  -2.339  1.00 40.37 ? 130 ARG D C   1 
ATOM   763  O  O   . ARG A 1 111 ? -12.834 -2.884  -3.544  1.00 40.39 ? 130 ARG D O   1 
ATOM   764  C  CB  . ARG A 1 111 ? -14.419 -2.163  -0.779  1.00 40.93 ? 130 ARG D CB  1 
ATOM   765  C  CG  . ARG A 1 111 ? -15.126 -1.272  -1.799  1.00 41.42 ? 130 ARG D CG  1 
ATOM   766  C  CD  . ARG A 1 111 ? -15.941 -0.153  -1.162  1.00 41.75 ? 130 ARG D CD  1 
ATOM   767  N  NE  . ARG A 1 111 ? -15.123 0.791   -0.394  1.00 42.12 ? 130 ARG D NE  1 
ATOM   768  C  CZ  . ARG A 1 111 ? -15.086 0.859   0.937   1.00 42.39 ? 130 ARG D CZ  1 
ATOM   769  N  NH1 . ARG A 1 111 ? -15.823 0.043   1.686   1.00 42.49 ? 130 ARG D NH1 1 
ATOM   770  N  NH2 . ARG A 1 111 ? -14.305 1.755   1.528   1.00 42.45 ? 130 ARG D NH2 1 
ATOM   771  N  N   . VAL A 1 112 ? -11.405 -2.724  -1.797  1.00 40.27 ? 131 VAL D N   1 
ATOM   772  C  CA  . VAL A 1 112 ? -10.208 -2.402  -2.592  1.00 40.18 ? 131 VAL D CA  1 
ATOM   773  C  C   . VAL A 1 112 ? -9.891  -3.522  -3.592  1.00 40.27 ? 131 VAL D C   1 
ATOM   774  O  O   . VAL A 1 112 ? -9.732  -3.257  -4.785  1.00 40.37 ? 131 VAL D O   1 
ATOM   775  C  CB  . VAL A 1 112 ? -8.992  -2.052  -1.690  1.00 40.09 ? 131 VAL D CB  1 
ATOM   776  C  CG1 . VAL A 1 112 ? -7.677  -2.125  -2.456  1.00 40.04 ? 131 VAL D CG1 1 
ATOM   777  C  CG2 . VAL A 1 112 ? -9.160  -0.664  -1.092  1.00 40.06 ? 131 VAL D CG2 1 
ATOM   778  N  N   . GLY A 1 113 ? -9.837  -4.763  -3.102  1.00 40.25 ? 132 GLY D N   1 
ATOM   779  C  CA  . GLY A 1 113 ? -9.610  -5.939  -3.947  1.00 40.23 ? 132 GLY D CA  1 
ATOM   780  C  C   . GLY A 1 113 ? -10.711 -6.209  -4.957  1.00 40.30 ? 132 GLY D C   1 
ATOM   781  O  O   . GLY A 1 113 ? -10.472 -6.836  -5.991  1.00 40.37 ? 132 GLY D O   1 
ATOM   782  N  N   . ARG A 1 114 ? -11.914 -5.727  -4.647  1.00 40.36 ? 133 ARG D N   1 
ATOM   783  C  CA  . ARG A 1 114 ? -13.082 -5.840  -5.518  1.00 40.37 ? 133 ARG D CA  1 
ATOM   784  C  C   . ARG A 1 114 ? -13.006 -4.901  -6.727  1.00 40.38 ? 133 ARG D C   1 
ATOM   785  O  O   . ARG A 1 114 ? -13.533 -5.231  -7.795  1.00 40.42 ? 133 ARG D O   1 
ATOM   786  C  CB  . ARG A 1 114 ? -14.345 -5.548  -4.711  1.00 40.43 ? 133 ARG D CB  1 
ATOM   787  C  CG  . ARG A 1 114 ? -15.627 -6.165  -5.245  1.00 40.55 ? 133 ARG D CG  1 
ATOM   788  C  CD  . ARG A 1 114 ? -16.816 -5.717  -4.407  1.00 40.73 ? 133 ARG D CD  1 
ATOM   789  N  NE  . ARG A 1 114 ? -16.677 -6.120  -3.004  1.00 40.86 ? 133 ARG D NE  1 
ATOM   790  C  CZ  . ARG A 1 114 ? -16.963 -5.349  -1.954  1.00 40.89 ? 133 ARG D CZ  1 
ATOM   791  N  NH1 . ARG A 1 114 ? -16.797 -5.826  -0.730  1.00 40.93 ? 133 ARG D NH1 1 
ATOM   792  N  NH2 . ARG A 1 114 ? -17.408 -4.107  -2.116  1.00 40.88 ? 133 ARG D NH2 1 
ATOM   793  N  N   . GLN A 1 115 ? -12.356 -3.744  -6.550  1.00 40.35 ? 134 GLN D N   1 
ATOM   794  C  CA  . GLN A 1 115 ? -12.208 -2.719  -7.606  1.00 40.39 ? 134 GLN D CA  1 
ATOM   795  C  C   . GLN A 1 115 ? -11.444 -3.233  -8.828  1.00 40.32 ? 134 GLN D C   1 
ATOM   796  O  O   . GLN A 1 115 ? -11.674 -2.773  -9.951  1.00 40.37 ? 134 GLN D O   1 
ATOM   797  C  CB  . GLN A 1 115 ? -11.493 -1.458  -7.080  1.00 40.47 ? 134 GLN D CB  1 
ATOM   798  C  CG  . GLN A 1 115 ? -11.967 -0.888  -5.746  1.00 40.66 ? 134 GLN D CG  1 
ATOM   799  C  CD  . GLN A 1 115 ? -13.241 -0.063  -5.834  1.00 40.81 ? 134 GLN D CD  1 
ATOM   800  O  OE1 . GLN A 1 115 ? -14.297 -0.554  -6.240  1.00 41.00 ? 134 GLN D OE1 1 
ATOM   801  N  NE2 . GLN A 1 115 ? -13.150 1.198   -5.428  1.00 40.75 ? 134 GLN D NE2 1 
ATOM   802  N  N   . HIS A 1 116 ? -10.548 -4.189  -8.590  1.00 40.28 ? 135 HIS D N   1 
ATOM   803  C  CA  . HIS A 1 116 ? -9.618  -4.704  -9.597  1.00 40.19 ? 135 HIS D CA  1 
ATOM   804  C  C   . HIS A 1 116 ? -10.211 -5.766  -10.534 1.00 40.35 ? 135 HIS D C   1 
ATOM   805  O  O   . HIS A 1 116 ? -9.557  -6.174  -11.500 1.00 40.41 ? 135 HIS D O   1 
ATOM   806  C  CB  . HIS A 1 116 ? -8.356  -5.229  -8.908  1.00 39.95 ? 135 HIS D CB  1 
ATOM   807  C  CG  . HIS A 1 116 ? -7.621  -4.183  -8.130  1.00 39.81 ? 135 HIS D CG  1 
ATOM   808  N  ND1 . HIS A 1 116 ? -7.939  -3.862  -6.828  1.00 39.73 ? 135 HIS D ND1 1 
ATOM   809  C  CD2 . HIS A 1 116 ? -6.595  -3.372  -8.478  1.00 39.70 ? 135 HIS D CD2 1 
ATOM   810  C  CE1 . HIS A 1 116 ? -7.133  -2.904  -6.404  1.00 39.67 ? 135 HIS D CE1 1 
ATOM   811  N  NE2 . HIS A 1 116 ? -6.307  -2.592  -7.386  1.00 39.61 ? 135 HIS D NE2 1 
ATOM   812  N  N   . LYS A 1 117 ? -11.440 -6.198  -10.244 1.00 40.52 ? 136 LYS D N   1 
ATOM   813  C  CA  . LYS A 1 117 ? -12.171 -7.159  -11.082 1.00 40.62 ? 136 LYS D CA  1 
ATOM   814  C  C   . LYS A 1 117 ? -12.524 -6.586  -12.454 1.00 40.82 ? 136 LYS D C   1 
ATOM   815  O  O   . LYS A 1 117 ? -12.487 -7.302  -13.459 1.00 40.88 ? 136 LYS D O   1 
ATOM   816  C  CB  . LYS A 1 117 ? -13.450 -7.622  -10.387 1.00 40.55 ? 136 LYS D CB  1 
ATOM   817  C  CG  . LYS A 1 117 ? -13.244 -8.577  -9.227  1.00 40.50 ? 136 LYS D CG  1 
ATOM   818  C  CD  . LYS A 1 117 ? -14.522 -9.353  -8.985  1.00 40.43 ? 136 LYS D CD  1 
ATOM   819  C  CE  . LYS A 1 117 ? -14.562 -9.954  -7.594  1.00 40.43 ? 136 LYS D CE  1 
ATOM   820  N  NZ  . LYS A 1 117 ? -15.826 -10.717 -7.422  1.00 40.48 ? 136 LYS D NZ  1 
ATOM   821  N  N   . THR A 1 118 ? -12.870 -5.297  -12.474 1.00 41.03 ? 137 THR D N   1 
ATOM   822  C  CA  . THR A 1 118 ? -13.206 -4.564  -13.703 1.00 41.20 ? 137 THR D CA  1 
ATOM   823  C  C   . THR A 1 118 ? -11.989 -4.347  -14.610 1.00 41.30 ? 137 THR D C   1 
ATOM   824  O  O   . THR A 1 118 ? -12.139 -4.175  -15.826 1.00 41.56 ? 137 THR D O   1 
ATOM   825  C  CB  . THR A 1 118 ? -13.860 -3.197  -13.399 1.00 41.23 ? 137 THR D CB  1 
ATOM   826  O  OG1 . THR A 1 118 ? -13.052 -2.466  -12.468 1.00 41.24 ? 137 THR D OG1 1 
ATOM   827  C  CG2 . THR A 1 118 ? -15.265 -3.376  -12.823 1.00 41.24 ? 137 THR D CG2 1 
ATOM   828  N  N   . VAL A 1 119 ? -10.797 -4.357  -14.009 1.00 41.10 ? 138 VAL D N   1 
ATOM   829  C  CA  . VAL A 1 119 ? -9.527  -4.205  -14.730 1.00 40.79 ? 138 VAL D CA  1 
ATOM   830  C  C   . VAL A 1 119 ? -9.248  -5.481  -15.542 1.00 40.61 ? 138 VAL D C   1 
ATOM   831  O  O   . VAL A 1 119 ? -9.181  -6.574  -14.964 1.00 40.63 ? 138 VAL D O   1 
ATOM   832  C  CB  . VAL A 1 119 ? -8.345  -3.883  -13.775 1.00 40.70 ? 138 VAL D CB  1 
ATOM   833  C  CG1 . VAL A 1 119 ? -7.084  -3.544  -14.560 1.00 40.63 ? 138 VAL D CG1 1 
ATOM   834  C  CG2 . VAL A 1 119 ? -8.691  -2.730  -12.840 1.00 40.69 ? 138 VAL D CG2 1 
ATOM   835  N  N   . PRO A 1 120 ? -9.105  -5.346  -16.884 1.00 40.44 ? 139 PRO D N   1 
ATOM   836  C  CA  . PRO A 1 120 ? -8.882  -6.495  -17.771 1.00 40.17 ? 139 PRO D CA  1 
ATOM   837  C  C   . PRO A 1 120 ? -7.540  -7.184  -17.532 1.00 39.81 ? 139 PRO D C   1 
ATOM   838  O  O   . PRO A 1 120 ? -6.497  -6.522  -17.484 1.00 39.86 ? 139 PRO D O   1 
ATOM   839  C  CB  . PRO A 1 120 ? -8.929  -5.878  -19.177 1.00 40.30 ? 139 PRO D CB  1 
ATOM   840  C  CG  . PRO A 1 120 ? -9.643  -4.581  -19.010 1.00 40.43 ? 139 PRO D CG  1 
ATOM   841  C  CD  . PRO A 1 120 ? -9.228  -4.094  -17.657 1.00 40.44 ? 139 PRO D CD  1 
ATOM   842  N  N   . GLY A 1 121 ? -7.591  -8.505  -17.367 1.00 39.40 ? 140 GLY D N   1 
ATOM   843  C  CA  . GLY A 1 121 ? -6.403  -9.335  -17.166 1.00 38.91 ? 140 GLY D CA  1 
ATOM   844  C  C   . GLY A 1 121 ? -5.706  -9.175  -15.827 1.00 38.54 ? 140 GLY D C   1 
ATOM   845  O  O   . GLY A 1 121 ? -4.507  -9.455  -15.716 1.00 38.59 ? 140 GLY D O   1 
ATOM   846  N  N   . PHE A 1 122 ? -6.443  -8.727  -14.810 1.00 38.08 ? 141 PHE D N   1 
ATOM   847  C  CA  . PHE A 1 122 ? -5.889  -8.580  -13.465 1.00 37.67 ? 141 PHE D CA  1 
ATOM   848  C  C   . PHE A 1 122 ? -5.830  -9.929  -12.754 1.00 37.54 ? 141 PHE D C   1 
ATOM   849  O  O   . PHE A 1 122 ? -6.794  -10.703 -12.784 1.00 37.59 ? 141 PHE D O   1 
ATOM   850  C  CB  . PHE A 1 122 ? -6.679  -7.561  -12.635 1.00 37.54 ? 141 PHE D CB  1 
ATOM   851  C  CG  . PHE A 1 122 ? -5.894  -6.979  -11.490 1.00 37.36 ? 141 PHE D CG  1 
ATOM   852  C  CD1 . PHE A 1 122 ? -5.842  -7.628  -10.255 1.00 37.23 ? 141 PHE D CD1 1 
ATOM   853  C  CD2 . PHE A 1 122 ? -5.196  -5.780  -11.645 1.00 37.30 ? 141 PHE D CD2 1 
ATOM   854  C  CE1 . PHE A 1 122 ? -5.105  -7.098  -9.203  1.00 37.19 ? 141 PHE D CE1 1 
ATOM   855  C  CE2 . PHE A 1 122 ? -4.464  -5.242  -10.593 1.00 37.20 ? 141 PHE D CE2 1 
ATOM   856  C  CZ  . PHE A 1 122 ? -4.417  -5.902  -9.370  1.00 37.20 ? 141 PHE D CZ  1 
ATOM   857  N  N   . GLN A 1 123 ? -4.689  -10.191 -12.117 1.00 37.27 ? 142 GLN D N   1 
ATOM   858  C  CA  . GLN A 1 123 ? -4.430  -11.457 -11.425 1.00 37.00 ? 142 GLN D CA  1 
ATOM   859  C  C   . GLN A 1 123 ? -4.382  -11.263 -9.909  1.00 36.84 ? 142 GLN D C   1 
ATOM   860  O  O   . GLN A 1 123 ? -4.027  -10.184 -9.429  1.00 36.76 ? 142 GLN D O   1 
ATOM   861  C  CB  . GLN A 1 123 ? -3.113  -12.080 -11.913 1.00 37.02 ? 142 GLN D CB  1 
ATOM   862  C  CG  . GLN A 1 123 ? -2.997  -12.270 -13.424 1.00 37.07 ? 142 GLN D CG  1 
ATOM   863  C  CD  . GLN A 1 123 ? -3.878  -13.384 -13.963 1.00 37.10 ? 142 GLN D CD  1 
ATOM   864  O  OE1 . GLN A 1 123 ? -3.722  -14.550 -13.598 1.00 37.19 ? 142 GLN D OE1 1 
ATOM   865  N  NE2 . GLN A 1 123 ? -4.803  -13.027 -14.847 1.00 37.07 ? 142 GLN D NE2 1 
ATOM   866  N  N   . GLU A 1 124 ? -4.732  -12.317 -9.168  1.00 36.76 ? 143 GLU D N   1 
ATOM   867  C  CA  . GLU A 1 124 ? -4.726  -12.306 -7.697  1.00 36.71 ? 143 GLU D CA  1 
ATOM   868  C  C   . GLU A 1 124 ? -3.321  -12.108 -7.105  1.00 36.67 ? 143 GLU D C   1 
ATOM   869  O  O   . GLU A 1 124 ? -3.172  -11.504 -6.039  1.00 36.62 ? 143 GLU D O   1 
ATOM   870  C  CB  . GLU A 1 124 ? -5.348  -13.597 -7.153  1.00 36.71 ? 143 GLU D CB  1 
ATOM   871  C  CG  . GLU A 1 124 ? -5.888  -13.492 -5.730  1.00 36.83 ? 143 GLU D CG  1 
ATOM   872  C  CD  . GLU A 1 124 ? -6.111  -14.843 -5.069  1.00 36.91 ? 143 GLU D CD  1 
ATOM   873  O  OE1 . GLU A 1 124 ? -6.741  -15.732 -5.687  1.00 36.95 ? 143 GLU D OE1 1 
ATOM   874  O  OE2 . GLU A 1 124 ? -5.666  -15.016 -3.916  1.00 36.86 ? 143 GLU D OE2 1 
ATOM   875  N  N   . SER A 1 125 ? -2.309  -12.613 -7.814  1.00 36.64 ? 144 SER D N   1 
ATOM   876  C  CA  . SER A 1 125 ? -0.903  -12.534 -7.394  1.00 36.59 ? 144 SER D CA  1 
ATOM   877  C  C   . SER A 1 125 ? -0.278  -11.136 -7.525  1.00 36.59 ? 144 SER D C   1 
ATOM   878  O  O   . SER A 1 125 ? 0.813   -10.893 -6.994  1.00 36.53 ? 144 SER D O   1 
ATOM   879  C  CB  . SER A 1 125 ? -0.067  -13.560 -8.167  1.00 36.52 ? 144 SER D CB  1 
ATOM   880  O  OG  . SER A 1 125 ? -0.133  -13.325 -9.564  1.00 36.51 ? 144 SER D OG  1 
ATOM   881  N  N   . TYR A 1 126 ? -0.972  -10.236 -8.227  1.00 36.59 ? 145 TYR D N   1 
ATOM   882  C  CA  . TYR A 1 126 ? -0.521  -8.856  -8.458  1.00 36.57 ? 145 TYR D CA  1 
ATOM   883  C  C   . TYR A 1 126 ? -0.415  -8.031  -7.172  1.00 36.68 ? 145 TYR D C   1 
ATOM   884  O  O   . TYR A 1 126 ? 0.498   -7.213  -7.039  1.00 36.69 ? 145 TYR D O   1 
ATOM   885  C  CB  . TYR A 1 126 ? -1.451  -8.145  -9.454  1.00 36.51 ? 145 TYR D CB  1 
ATOM   886  C  CG  . TYR A 1 126 ? -1.299  -8.520  -10.928 1.00 36.54 ? 145 TYR D CG  1 
ATOM   887  C  CD1 . TYR A 1 126 ? -0.384  -9.499  -11.355 1.00 36.53 ? 145 TYR D CD1 1 
ATOM   888  C  CD2 . TYR A 1 126 ? -2.103  -7.905  -11.898 1.00 36.58 ? 145 TYR D CD2 1 
ATOM   889  C  CE1 . TYR A 1 126 ? -0.262  -9.832  -12.701 1.00 36.57 ? 145 TYR D CE1 1 
ATOM   890  C  CE2 . TYR A 1 126 ? -1.993  -8.238  -13.245 1.00 36.62 ? 145 TYR D CE2 1 
ATOM   891  C  CZ  . TYR A 1 126 ? -1.072  -9.199  -13.641 1.00 36.65 ? 145 TYR D CZ  1 
ATOM   892  O  OH  . TYR A 1 126 ? -0.959  -9.524  -14.973 1.00 36.71 ? 145 TYR D OH  1 
ATOM   893  N  N   . PHE A 1 127 ? -1.341  -8.260  -6.237  1.00 36.78 ? 146 PHE D N   1 
ATOM   894  C  CA  . PHE A 1 127 ? -1.417  -7.516  -4.969  1.00 36.88 ? 146 PHE D CA  1 
ATOM   895  C  C   . PHE A 1 127 ? -0.180  -7.657  -4.075  1.00 37.05 ? 146 PHE D C   1 
ATOM   896  O  O   . PHE A 1 127 ? 0.200   -6.703  -3.387  1.00 37.00 ? 146 PHE D O   1 
ATOM   897  C  CB  . PHE A 1 127 ? -2.667  -7.914  -4.172  1.00 36.82 ? 146 PHE D CB  1 
ATOM   898  C  CG  . PHE A 1 127 ? -3.972  -7.557  -4.838  1.00 36.72 ? 146 PHE D CG  1 
ATOM   899  C  CD1 . PHE A 1 127 ? -4.239  -6.249  -5.259  1.00 36.69 ? 146 PHE D CD1 1 
ATOM   900  C  CD2 . PHE A 1 127 ? -4.958  -8.531  -5.014  1.00 36.67 ? 146 PHE D CD2 1 
ATOM   901  C  CE1 . PHE A 1 127 ? -5.453  -5.929  -5.860  1.00 36.69 ? 146 PHE D CE1 1 
ATOM   902  C  CE2 . PHE A 1 127 ? -6.174  -8.216  -5.612  1.00 36.70 ? 146 PHE D CE2 1 
ATOM   903  C  CZ  . PHE A 1 127 ? -6.423  -6.913  -6.032  1.00 36.70 ? 146 PHE D CZ  1 
ATOM   904  N  N   . GLU A 1 128 ? 0.432   -8.844  -4.092  1.00 37.24 ? 147 GLU D N   1 
ATOM   905  C  CA  . GLU A 1 128 ? 1.629   -9.151  -3.292  1.00 37.37 ? 147 GLU D CA  1 
ATOM   906  C  C   . GLU A 1 128 ? 2.881   -8.401  -3.766  1.00 37.15 ? 147 GLU D C   1 
ATOM   907  O  O   . GLU A 1 128 ? 3.847   -8.260  -3.011  1.00 37.20 ? 147 GLU D O   1 
ATOM   908  C  CB  . GLU A 1 128 ? 1.890   -10.663 -3.271  1.00 37.76 ? 147 GLU D CB  1 
ATOM   909  C  CG  . GLU A 1 128 ? 2.626   -11.152 -2.025  1.00 38.23 ? 147 GLU D CG  1 
ATOM   910  C  CD  . GLU A 1 128 ? 3.254   -12.528 -2.180  1.00 38.63 ? 147 GLU D CD  1 
ATOM   911  O  OE1 . GLU A 1 128 ? 2.683   -13.393 -2.881  1.00 38.69 ? 147 GLU D OE1 1 
ATOM   912  O  OE2 . GLU A 1 128 ? 4.330   -12.751 -1.583  1.00 38.85 ? 147 GLU D OE2 1 
ATOM   913  N  N   . ARG A 1 129 ? 2.859   -7.928  -5.014  1.00 36.89 ? 148 ARG D N   1 
ATOM   914  C  CA  . ARG A 1 129 ? 3.950   -7.125  -5.577  1.00 36.77 ? 148 ARG D CA  1 
ATOM   915  C  C   . ARG A 1 129 ? 4.073   -5.755  -4.897  1.00 36.74 ? 148 ARG D C   1 
ATOM   916  O  O   . ARG A 1 129 ? 5.161   -5.174  -4.862  1.00 36.75 ? 148 ARG D O   1 
ATOM   917  C  CB  . ARG A 1 129 ? 3.777   -6.950  -7.092  1.00 36.61 ? 148 ARG D CB  1 
ATOM   918  C  CG  . ARG A 1 129 ? 3.800   -8.245  -7.891  1.00 36.42 ? 148 ARG D CG  1 
ATOM   919  C  CD  . ARG A 1 129 ? 3.542   -7.988  -9.367  1.00 36.35 ? 148 ARG D CD  1 
ATOM   920  N  NE  . ARG A 1 129 ? 3.486   -9.230  -10.137 1.00 36.26 ? 148 ARG D NE  1 
ATOM   921  C  CZ  . ARG A 1 129 ? 3.573   -9.315  -11.464 1.00 36.20 ? 148 ARG D CZ  1 
ATOM   922  N  NH1 . ARG A 1 129 ? 3.732   -8.229  -12.213 1.00 36.15 ? 148 ARG D NH1 1 
ATOM   923  N  NH2 . ARG A 1 129 ? 3.509   -10.503 -12.049 1.00 36.19 ? 148 ARG D NH2 1 
ATOM   924  N  N   . MET A 1 130 ? 2.958   -5.266  -4.349  1.00 36.77 ? 149 MET D N   1 
ATOM   925  C  CA  . MET A 1 130 ? 2.868   -3.942  -3.721  1.00 36.77 ? 149 MET D CA  1 
ATOM   926  C  C   . MET A 1 130 ? 3.505   -3.848  -2.326  1.00 36.91 ? 149 MET D C   1 
ATOM   927  O  O   . MET A 1 130 ? 4.029   -2.790  -1.966  1.00 36.99 ? 149 MET D O   1 
ATOM   928  C  CB  . MET A 1 130 ? 1.404   -3.475  -3.679  1.00 36.70 ? 149 MET D CB  1 
ATOM   929  C  CG  . MET A 1 130 ? 1.203   -1.984  -3.419  1.00 36.54 ? 149 MET D CG  1 
ATOM   930  S  SD  . MET A 1 130 ? 1.752   -0.911  -4.763  1.00 36.48 ? 149 MET D SD  1 
ATOM   931  C  CE  . MET A 1 130 ? 0.328   -0.960  -5.847  1.00 36.42 ? 149 MET D CE  1 
ATOM   932  N  N   . GLU A 1 131 ? 3.453   -4.933  -1.547  1.00 37.04 ? 150 GLU D N   1 
ATOM   933  C  CA  . GLU A 1 131 ? 3.997   -4.936  -0.170  1.00 37.17 ? 150 GLU D CA  1 
ATOM   934  C  C   . GLU A 1 131 ? 5.521   -4.767  -0.097  1.00 37.35 ? 150 GLU D C   1 
ATOM   935  O  O   . GLU A 1 131 ? 6.044   -4.219  0.877   1.00 37.47 ? 150 GLU D O   1 
ATOM   936  C  CB  . GLU A 1 131 ? 3.517   -6.147  0.649   1.00 37.12 ? 150 GLU D CB  1 
ATOM   937  C  CG  . GLU A 1 131 ? 3.815   -7.528  0.092   1.00 37.06 ? 150 GLU D CG  1 
ATOM   938  C  CD  . GLU A 1 131 ? 3.184   -8.625  0.927   1.00 37.04 ? 150 GLU D CD  1 
ATOM   939  O  OE1 . GLU A 1 131 ? 2.090   -9.098  0.559   1.00 36.96 ? 150 GLU D OE1 1 
ATOM   940  O  OE2 . GLU A 1 131 ? 3.769   -9.000  1.965   1.00 37.09 ? 150 GLU D OE2 1 
ATOM   941  N  N   . LYS A 1 132 ? 6.206   -5.244  -1.136  1.00 37.54 ? 151 LYS D N   1 
ATOM   942  C  CA  . LYS A 1 132 ? 7.632   -5.006  -1.369  1.00 37.63 ? 151 LYS D CA  1 
ATOM   943  C  C   . LYS A 1 132 ? 7.899   -3.522  -1.676  1.00 37.56 ? 151 LYS D C   1 
ATOM   944  O  O   . LYS A 1 132 ? 8.952   -2.982  -1.319  1.00 37.61 ? 151 LYS D O   1 
ATOM   945  C  CB  . LYS A 1 132 ? 8.089   -5.890  -2.536  1.00 37.78 ? 151 LYS D CB  1 
ATOM   946  C  CG  . LYS A 1 132 ? 9.537   -5.733  -2.999  1.00 37.85 ? 151 LYS D CG  1 
ATOM   947  C  CD  . LYS A 1 132 ? 9.656   -5.742  -4.524  1.00 37.92 ? 151 LYS D CD  1 
ATOM   948  C  CE  . LYS A 1 132 ? 9.564   -7.137  -5.136  1.00 38.05 ? 151 LYS D CE  1 
ATOM   949  N  NZ  . LYS A 1 132 ? 8.163   -7.582  -5.385  1.00 37.97 ? 151 LYS D NZ  1 
ATOM   950  N  N   . CYS A 1 133 ? 6.939   -2.882  -2.341  1.00 37.39 ? 152 CYS D N   1 
ATOM   951  C  CA  . CYS A 1 133 ? 7.047   -1.480  -2.743  1.00 37.20 ? 152 CYS D CA  1 
ATOM   952  C  C   . CYS A 1 133 ? 6.655   -0.512  -1.629  1.00 37.23 ? 152 CYS D C   1 
ATOM   953  O  O   . CYS A 1 133 ? 7.171   0.609   -1.574  1.00 37.24 ? 152 CYS D O   1 
ATOM   954  C  CB  . CYS A 1 133 ? 6.208   -1.222  -3.993  1.00 36.98 ? 152 CYS D CB  1 
ATOM   955  S  SG  . CYS A 1 133 ? 6.632   -2.299  -5.380  1.00 36.72 ? 152 CYS D SG  1 
ATOM   956  N  N   . LEU A 1 134 ? 5.743   -0.943  -0.754  1.00 37.25 ? 153 LEU D N   1 
ATOM   957  C  CA  . LEU A 1 134 ? 5.334   -0.139  0.402   1.00 37.28 ? 153 LEU D CA  1 
ATOM   958  C  C   . LEU A 1 134 ? 6.424   -0.070  1.474   1.00 37.36 ? 153 LEU D C   1 
ATOM   959  O  O   . LEU A 1 134 ? 6.643   0.999   2.053   1.00 37.45 ? 153 LEU D O   1 
ATOM   960  C  CB  . LEU A 1 134 ? 3.995   -0.618  0.992   1.00 37.19 ? 153 LEU D CB  1 
ATOM   961  C  CG  . LEU A 1 134 ? 3.368   0.146   2.177   1.00 37.17 ? 153 LEU D CG  1 
ATOM   962  C  CD1 . LEU A 1 134 ? 3.199   1.640   1.921   1.00 37.13 ? 153 LEU D CD1 1 
ATOM   963  C  CD2 . LEU A 1 134 ? 2.032   -0.462  2.563   1.00 37.16 ? 153 LEU D CD2 1 
ATOM   964  N  N   . VAL A 1 135 ? 7.102   -1.195  1.725   1.00 37.37 ? 154 VAL D N   1 
ATOM   965  C  CA  . VAL A 1 135 ? 8.250   -1.221  2.654   1.00 37.41 ? 154 VAL D CA  1 
ATOM   966  C  C   . VAL A 1 135 ? 9.413   -0.353  2.152   1.00 37.47 ? 154 VAL D C   1 
ATOM   967  O  O   . VAL A 1 135 ? 10.137  0.227   2.961   1.00 37.63 ? 154 VAL D O   1 
ATOM   968  C  CB  . VAL A 1 135 ? 8.729   -2.653  3.053   1.00 37.39 ? 154 VAL D CB  1 
ATOM   969  C  CG1 . VAL A 1 135 ? 7.658   -3.391  3.844   1.00 37.34 ? 154 VAL D CG1 1 
ATOM   970  C  CG2 . VAL A 1 135 ? 9.183   -3.479  1.853   1.00 37.44 ? 154 VAL D CG2 1 
ATOM   971  N  N   . PHE A 1 136 ? 9.566   -0.265  0.827   1.00 37.50 ? 155 PHE D N   1 
ATOM   972  C  CA  . PHE A 1 136 ? 10.522  0.645   0.186   1.00 37.51 ? 155 PHE D CA  1 
ATOM   973  C  C   . PHE A 1 136 ? 10.145  2.107   0.440   1.00 37.58 ? 155 PHE D C   1 
ATOM   974  O  O   . PHE A 1 136 ? 11.012  2.923   0.769   1.00 37.59 ? 155 PHE D O   1 
ATOM   975  C  CB  . PHE A 1 136 ? 10.618  0.363   -1.324  1.00 37.39 ? 155 PHE D CB  1 
ATOM   976  C  CG  . PHE A 1 136 ? 11.514  1.321   -2.071  1.00 37.33 ? 155 PHE D CG  1 
ATOM   977  C  CD1 . PHE A 1 136 ? 12.902  1.169   -2.042  1.00 37.30 ? 155 PHE D CD1 1 
ATOM   978  C  CD2 . PHE A 1 136 ? 10.971  2.379   -2.810  1.00 37.28 ? 155 PHE D CD2 1 
ATOM   979  C  CE1 . PHE A 1 136 ? 13.729  2.052   -2.727  1.00 37.28 ? 155 PHE D CE1 1 
ATOM   980  C  CE2 . PHE A 1 136 ? 11.795  3.265   -3.498  1.00 37.21 ? 155 PHE D CE2 1 
ATOM   981  C  CZ  . PHE A 1 136 ? 13.176  3.101   -3.457  1.00 37.25 ? 155 PHE D CZ  1 
ATOM   982  N  N   . ALA A 1 137 ? 8.856   2.417   0.277   1.00 37.71 ? 156 ALA D N   1 
ATOM   983  C  CA  . ALA A 1 137 ? 8.308   3.755   0.514   1.00 37.86 ? 156 ALA D CA  1 
ATOM   984  C  C   . ALA A 1 137 ? 8.434   4.175   1.979   1.00 38.08 ? 156 ALA D C   1 
ATOM   985  O  O   . ALA A 1 137 ? 8.704   5.341   2.268   1.00 37.93 ? 156 ALA D O   1 
ATOM   986  C  CB  . ALA A 1 137 ? 6.857   3.823   0.060   1.00 37.70 ? 156 ALA D CB  1 
ATOM   987  N  N   . LEU A 1 138 ? 8.240   3.213   2.884   1.00 38.46 ? 157 LEU D N   1 
ATOM   988  C  CA  . LEU A 1 138 ? 8.404   3.423   4.326   1.00 38.79 ? 157 LEU D CA  1 
ATOM   989  C  C   . LEU A 1 138 ? 9.870   3.616   4.724   1.00 39.16 ? 157 LEU D C   1 
ATOM   990  O  O   . LEU A 1 138 ? 10.164  4.410   5.617   1.00 39.17 ? 157 LEU D O   1 
ATOM   991  C  CB  . LEU A 1 138 ? 7.783   2.269   5.122   1.00 38.60 ? 157 LEU D CB  1 
ATOM   992  C  CG  . LEU A 1 138 ? 6.254   2.160   5.198   1.00 38.50 ? 157 LEU D CG  1 
ATOM   993  C  CD1 . LEU A 1 138 ? 5.839   0.710   5.383   1.00 38.47 ? 157 LEU D CD1 1 
ATOM   994  C  CD2 . LEU A 1 138 ? 5.670   3.027   6.304   1.00 38.45 ? 157 LEU D CD2 1 
ATOM   995  N  N   . GLN A 1 139 ? 10.772  2.892   4.058   1.00 39.69 ? 158 GLN D N   1 
ATOM   996  C  CA  . GLN A 1 139 ? 12.221  2.988   4.296   1.00 40.21 ? 158 GLN D CA  1 
ATOM   997  C  C   . GLN A 1 139 ? 12.799  4.361   3.953   1.00 40.55 ? 158 GLN D C   1 
ATOM   998  O  O   . GLN A 1 139 ? 13.574  4.917   4.732   1.00 40.58 ? 158 GLN D O   1 
ATOM   999  C  CB  . GLN A 1 139 ? 12.976  1.907   3.516   1.00 40.33 ? 158 GLN D CB  1 
ATOM   1000 C  CG  . GLN A 1 139 ? 13.120  0.582   4.249   1.00 40.59 ? 158 GLN D CG  1 
ATOM   1001 C  CD  . GLN A 1 139 ? 13.466  -0.574  3.326   1.00 40.80 ? 158 GLN D CD  1 
ATOM   1002 O  OE1 . GLN A 1 139 ? 14.352  -0.471  2.473   1.00 40.91 ? 158 GLN D OE1 1 
ATOM   1003 N  NE2 . GLN A 1 139 ? 12.771  -1.692  3.499   1.00 40.92 ? 158 GLN D NE2 1 
ATOM   1004 N  N   . THR A 1 140 ? 12.421  4.891   2.790   1.00 40.85 ? 159 THR D N   1 
ATOM   1005 C  CA  . THR A 1 140 ? 12.935  6.176   2.300   1.00 41.08 ? 159 THR D CA  1 
ATOM   1006 C  C   . THR A 1 140 ? 12.304  7.386   2.992   1.00 41.17 ? 159 THR D C   1 
ATOM   1007 O  O   . THR A 1 140 ? 12.977  8.401   3.197   1.00 41.31 ? 159 THR D O   1 
ATOM   1008 C  CB  . THR A 1 140 ? 12.813  6.315   0.766   1.00 41.16 ? 159 THR D CB  1 
ATOM   1009 O  OG1 . THR A 1 140 ? 11.508  5.899   0.340   1.00 41.28 ? 159 THR D OG1 1 
ATOM   1010 C  CG2 . THR A 1 140 ? 13.869  5.468   0.059   1.00 41.13 ? 159 THR D CG2 1 
ATOM   1011 N  N   . THR A 1 141 ? 11.023  7.274   3.349   1.00 41.21 ? 160 THR D N   1 
ATOM   1012 C  CA  . THR A 1 141 ? 10.294  8.363   4.011   1.00 41.39 ? 160 THR D CA  1 
ATOM   1013 C  C   . THR A 1 141 ? 10.638  8.456   5.506   1.00 41.67 ? 160 THR D C   1 
ATOM   1014 O  O   . THR A 1 141 ? 10.998  9.535   5.985   1.00 41.78 ? 160 THR D O   1 
ATOM   1015 C  CB  . THR A 1 141 ? 8.765   8.265   3.792   1.00 41.33 ? 160 THR D CB  1 
ATOM   1016 O  OG1 . THR A 1 141 ? 8.489   8.053   2.401   1.00 41.28 ? 160 THR D OG1 1 
ATOM   1017 C  CG2 . THR A 1 141 ? 8.055   9.540   4.247   1.00 41.24 ? 160 THR D CG2 1 
ATOM   1018 N  N   . LEU A 1 142 ? 10.525  7.337   6.228   1.00 41.99 ? 161 LEU D N   1 
ATOM   1019 C  CA  . LEU A 1 142 ? 10.843  7.293   7.665   1.00 42.41 ? 161 LEU D CA  1 
ATOM   1020 C  C   . LEU A 1 142 ? 12.345  7.409   7.939   1.00 42.91 ? 161 LEU D C   1 
ATOM   1021 O  O   . LEU A 1 142 ? 12.747  8.028   8.930   1.00 43.00 ? 161 LEU D O   1 
ATOM   1022 C  CB  . LEU A 1 142 ? 10.272  6.034   8.334   1.00 42.23 ? 161 LEU D CB  1 
ATOM   1023 C  CG  . LEU A 1 142 ? 8.754   5.870   8.493   1.00 42.11 ? 161 LEU D CG  1 
ATOM   1024 C  CD1 . LEU A 1 142 ? 8.393   4.403   8.673   1.00 42.04 ? 161 LEU D CD1 1 
ATOM   1025 C  CD2 . LEU A 1 142 ? 8.203   6.702   9.645   1.00 42.07 ? 161 LEU D CD2 1 
ATOM   1026 N  N   . ALA A 1 143 ? 13.153  6.822   7.049   1.00 43.45 ? 162 ALA D N   1 
ATOM   1027 C  CA  . ALA A 1 143 ? 14.629  6.818   7.117   1.00 43.92 ? 162 ALA D CA  1 
ATOM   1028 C  C   . ALA A 1 143 ? 15.198  6.253   8.430   1.00 44.24 ? 162 ALA D C   1 
ATOM   1029 O  O   . ALA A 1 143 ? 15.298  5.031   8.583   1.00 44.21 ? 162 ALA D O   1 
ATOM   1030 C  CB  . ALA A 1 143 ? 15.210  8.196   6.778   1.00 43.87 ? 162 ALA D CB  1 
ATOM   1031 N  N   . ASP A 1 144 ? 15.558  7.138   9.364   1.00 44.75 ? 163 ASP D N   1 
ATOM   1032 C  CA  . ASP A 1 144 ? 16.060  6.743   10.685  1.00 45.18 ? 163 ASP D CA  1 
ATOM   1033 C  C   . ASP A 1 144 ? 14.932  6.363   11.654  1.00 45.26 ? 163 ASP D C   1 
ATOM   1034 O  O   . ASP A 1 144 ? 15.187  5.771   12.708  1.00 45.20 ? 163 ASP D O   1 
ATOM   1035 C  CB  . ASP A 1 144 ? 16.967  7.835   11.280  1.00 45.37 ? 163 ASP D CB  1 
ATOM   1036 C  CG  . ASP A 1 144 ? 16.256  9.173   11.451  1.00 45.56 ? 163 ASP D CG  1 
ATOM   1037 O  OD1 . ASP A 1 144 ? 15.744  9.724   10.451  1.00 45.58 ? 163 ASP D OD1 1 
ATOM   1038 O  OD2 . ASP A 1 144 ? 16.226  9.681   12.592  1.00 45.68 ? 163 ASP D OD2 1 
ATOM   1039 N  N   . ALA A 1 145 ? 13.696  6.709   11.287  1.00 45.36 ? 164 ALA D N   1 
ATOM   1040 C  CA  . ALA A 1 145 ? 12.502  6.299   12.032  1.00 45.54 ? 164 ALA D CA  1 
ATOM   1041 C  C   . ALA A 1 145 ? 12.031  4.890   11.649  1.00 45.68 ? 164 ALA D C   1 
ATOM   1042 O  O   . ALA A 1 145 ? 11.247  4.276   12.384  1.00 45.72 ? 164 ALA D O   1 
ATOM   1043 C  CB  . ALA A 1 145 ? 11.380  7.315   11.854  1.00 45.48 ? 164 ALA D CB  1 
ATOM   1044 N  N   . TYR A 1 146 ? 12.505  4.385   10.506  1.00 45.82 ? 165 TYR D N   1 
ATOM   1045 C  CA  . TYR A 1 146 ? 12.280  2.992   10.116  1.00 45.98 ? 165 TYR D CA  1 
ATOM   1046 C  C   . TYR A 1 146 ? 13.215  2.090   10.926  1.00 46.03 ? 165 TYR D C   1 
ATOM   1047 O  O   . TYR A 1 146 ? 14.335  1.774   10.501  1.00 46.01 ? 165 TYR D O   1 
ATOM   1048 C  CB  . TYR A 1 146 ? 12.454  2.790   8.603   1.00 46.03 ? 165 TYR D CB  1 
ATOM   1049 C  CG  . TYR A 1 146 ? 11.926  1.460   8.099   1.00 46.06 ? 165 TYR D CG  1 
ATOM   1050 C  CD1 . TYR A 1 146 ? 10.572  1.299   7.776   1.00 46.12 ? 165 TYR D CD1 1 
ATOM   1051 C  CD2 . TYR A 1 146 ? 12.779  0.358   7.944   1.00 46.11 ? 165 TYR D CD2 1 
ATOM   1052 C  CE1 . TYR A 1 146 ? 10.082  0.081   7.317   1.00 46.19 ? 165 TYR D CE1 1 
ATOM   1053 C  CE2 . TYR A 1 146 ? 12.298  -0.864  7.485   1.00 46.16 ? 165 TYR D CE2 1 
ATOM   1054 C  CZ  . TYR A 1 146 ? 10.951  -0.998  7.173   1.00 46.20 ? 165 TYR D CZ  1 
ATOM   1055 O  OH  . TYR A 1 146 ? 10.469  -2.204  6.717   1.00 46.12 ? 165 TYR D OH  1 
ATOM   1056 N  N   . THR A 1 147 ? 12.733  1.696   12.103  1.00 46.15 ? 166 THR D N   1 
ATOM   1057 C  CA  . THR A 1 147 ? 13.532  0.976   13.098  1.00 46.30 ? 166 THR D CA  1 
ATOM   1058 C  C   . THR A 1 147 ? 13.522  -0.540  12.874  1.00 46.32 ? 166 THR D C   1 
ATOM   1059 O  O   . THR A 1 147 ? 12.823  -1.043  11.988  1.00 46.37 ? 166 THR D O   1 
ATOM   1060 C  CB  . THR A 1 147 ? 13.070  1.297   14.543  1.00 46.32 ? 166 THR D CB  1 
ATOM   1061 O  OG1 . THR A 1 147 ? 11.718  0.859   14.731  1.00 46.37 ? 166 THR D OG1 1 
ATOM   1062 C  CG2 . THR A 1 147 ? 13.162  2.792   14.834  1.00 46.38 ? 166 THR D CG2 1 
ATOM   1063 N  N   . GLU A 1 148 ? 14.322  -1.245  13.678  1.00 46.47 ? 167 GLU D N   1 
ATOM   1064 C  CA  . GLU A 1 148 ? 14.368  -2.708  13.721  1.00 46.47 ? 167 GLU D CA  1 
ATOM   1065 C  C   . GLU A 1 148 ? 13.012  -3.299  14.127  1.00 46.13 ? 167 GLU D C   1 
ATOM   1066 O  O   . GLU A 1 148 ? 12.567  -4.297  13.551  1.00 46.17 ? 167 GLU D O   1 
ATOM   1067 C  CB  . GLU A 1 148 ? 15.460  -3.155  14.699  1.00 46.88 ? 167 GLU D CB  1 
ATOM   1068 C  CG  . GLU A 1 148 ? 15.821  -4.635  14.651  1.00 47.42 ? 167 GLU D CG  1 
ATOM   1069 C  CD  . GLU A 1 148 ? 16.674  -5.074  15.832  1.00 47.75 ? 167 GLU D CD  1 
ATOM   1070 O  OE1 . GLU A 1 148 ? 17.652  -4.372  16.172  1.00 48.07 ? 167 GLU D OE1 1 
ATOM   1071 O  OE2 . GLU A 1 148 ? 16.368  -6.133  16.419  1.00 47.71 ? 167 GLU D OE2 1 
ATOM   1072 N  N   . ASN A 1 149 ? 12.379  -2.669  15.119  1.00 45.60 ? 168 ASN D N   1 
ATOM   1073 C  CA  . ASN A 1 149 ? 11.057  -3.053  15.616  1.00 44.97 ? 168 ASN D CA  1 
ATOM   1074 C  C   . ASN A 1 149 ? 9.959   -2.784  14.582  1.00 44.54 ? 168 ASN D C   1 
ATOM   1075 O  O   . ASN A 1 149 ? 9.053   -3.604  14.412  1.00 44.38 ? 168 ASN D O   1 
ATOM   1076 C  CB  . ASN A 1 149 ? 10.757  -2.318  16.933  1.00 44.96 ? 168 ASN D CB  1 
ATOM   1077 C  CG  . ASN A 1 149 ? 9.441   -2.741  17.566  1.00 44.85 ? 168 ASN D CG  1 
ATOM   1078 O  OD1 . ASN A 1 149 ? 9.164   -3.929  17.738  1.00 44.90 ? 168 ASN D OD1 1 
ATOM   1079 N  ND2 . ASN A 1 149 ? 8.627   -1.758  17.933  1.00 44.80 ? 168 ASN D ND2 1 
ATOM   1080 N  N   . MET A 1 150 ? 10.060  -1.640  13.900  1.00 44.09 ? 169 MET D N   1 
ATOM   1081 C  CA  . MET A 1 150 ? 9.108   -1.230  12.861  1.00 43.74 ? 169 MET D CA  1 
ATOM   1082 C  C   . MET A 1 150 ? 9.134   -2.110  11.612  1.00 43.77 ? 169 MET D C   1 
ATOM   1083 O  O   . MET A 1 150 ? 8.080   -2.397  11.039  1.00 43.64 ? 169 MET D O   1 
ATOM   1084 C  CB  . MET A 1 150 ? 9.322   0.241   12.483  1.00 43.47 ? 169 MET D CB  1 
ATOM   1085 C  CG  . MET A 1 150 ? 8.272   1.230   12.987  1.00 43.13 ? 169 MET D CG  1 
ATOM   1086 S  SD  . MET A 1 150 ? 7.329   0.827   14.477  1.00 42.78 ? 169 MET D SD  1 
ATOM   1087 C  CE  . MET A 1 150 ? 5.825   0.167   13.759  1.00 42.62 ? 169 MET D CE  1 
ATOM   1088 N  N   . GLU A 1 151 ? 10.335  -2.534  11.206  1.00 43.88 ? 170 GLU D N   1 
ATOM   1089 C  CA  . GLU A 1 151 ? 10.528  -3.441  10.065  1.00 43.98 ? 170 GLU D CA  1 
ATOM   1090 C  C   . GLU A 1 151 ? 9.777   -4.764  10.256  1.00 43.72 ? 170 GLU D C   1 
ATOM   1091 O  O   . GLU A 1 151 ? 9.164   -5.272  9.316   1.00 43.76 ? 170 GLU D O   1 
ATOM   1092 C  CB  . GLU A 1 151 ? 12.023  -3.698  9.824   1.00 44.40 ? 170 GLU D CB  1 
ATOM   1093 C  CG  . GLU A 1 151 ? 12.343  -4.419  8.518   1.00 44.84 ? 170 GLU D CG  1 
ATOM   1094 C  CD  . GLU A 1 151 ? 13.829  -4.669  8.312   1.00 45.20 ? 170 GLU D CD  1 
ATOM   1095 O  OE1 . GLU A 1 151 ? 14.476  -5.258  9.205   1.00 45.39 ? 170 GLU D OE1 1 
ATOM   1096 O  OE2 . GLU A 1 151 ? 14.348  -4.287  7.243   1.00 45.36 ? 170 GLU D OE2 1 
ATOM   1097 N  N   . ARG A 1 152 ? 9.834   -5.293  11.480  1.00 43.32 ? 171 ARG D N   1 
ATOM   1098 C  CA  . ARG A 1 152 ? 9.125   -6.511  11.876  1.00 42.90 ? 171 ARG D CA  1 
ATOM   1099 C  C   . ARG A 1 152 ? 7.601   -6.322  11.859  1.00 42.67 ? 171 ARG D C   1 
ATOM   1100 O  O   . ARG A 1 152 ? 6.882   -7.163  11.310  1.00 42.63 ? 171 ARG D O   1 
ATOM   1101 C  CB  . ARG A 1 152 ? 9.613   -6.969  13.258  1.00 42.83 ? 171 ARG D CB  1 
ATOM   1102 C  CG  . ARG A 1 152 ? 8.963   -8.237  13.803  1.00 42.73 ? 171 ARG D CG  1 
ATOM   1103 C  CD  . ARG A 1 152 ? 9.276   -8.449  15.281  1.00 42.64 ? 171 ARG D CD  1 
ATOM   1104 N  NE  . ARG A 1 152 ? 8.857   -7.323  16.125  1.00 42.47 ? 171 ARG D NE  1 
ATOM   1105 C  CZ  . ARG A 1 152 ? 7.638   -7.155  16.637  1.00 42.39 ? 171 ARG D CZ  1 
ATOM   1106 N  NH1 . ARG A 1 152 ? 6.670   -8.036  16.411  1.00 42.48 ? 171 ARG D NH1 1 
ATOM   1107 N  NH2 . ARG A 1 152 ? 7.384   -6.089  17.385  1.00 42.23 ? 171 ARG D NH2 1 
ATOM   1108 N  N   . ILE A 1 153 ? 7.129   -5.220  12.452  1.00 42.34 ? 172 ILE D N   1 
ATOM   1109 C  CA  . ILE A 1 153 ? 5.691   -4.905  12.560  1.00 41.95 ? 172 ILE D CA  1 
ATOM   1110 C  C   . ILE A 1 153 ? 5.045   -4.696  11.183  1.00 41.75 ? 172 ILE D C   1 
ATOM   1111 O  O   . ILE A 1 153 ? 3.998   -5.289  10.899  1.00 41.78 ? 172 ILE D O   1 
ATOM   1112 C  CB  . ILE A 1 153 ? 5.428   -3.710  13.526  1.00 41.94 ? 172 ILE D CB  1 
ATOM   1113 C  CG1 . ILE A 1 153 ? 5.748   -4.117  14.974  1.00 41.96 ? 172 ILE D CG1 1 
ATOM   1114 C  CG2 . ILE A 1 153 ? 3.982   -3.218  13.436  1.00 41.90 ? 172 ILE D CG2 1 
ATOM   1115 C  CD1 . ILE A 1 153 ? 6.058   -2.965  15.909  1.00 41.92 ? 172 ILE D CD1 1 
ATOM   1116 N  N   . TYR A 1 154 ? 5.679   -3.876  10.340  1.00 41.46 ? 173 TYR D N   1 
ATOM   1117 C  CA  . TYR A 1 154 ? 5.203   -3.617  8.974   1.00 41.22 ? 173 TYR D CA  1 
ATOM   1118 C  C   . TYR A 1 154 ? 5.164   -4.879  8.103   1.00 41.05 ? 173 TYR D C   1 
ATOM   1119 O  O   . TYR A 1 154 ? 4.221   -5.065  7.332   1.00 40.96 ? 173 TYR D O   1 
ATOM   1120 C  CB  . TYR A 1 154 ? 6.024   -2.511  8.288   1.00 41.23 ? 173 TYR D CB  1 
ATOM   1121 C  CG  . TYR A 1 154 ? 5.680   -1.093  8.718   1.00 41.25 ? 173 TYR D CG  1 
ATOM   1122 C  CD1 . TYR A 1 154 ? 4.380   -0.585  8.568   1.00 41.24 ? 173 TYR D CD1 1 
ATOM   1123 C  CD2 . TYR A 1 154 ? 6.661   -0.245  9.246   1.00 41.27 ? 173 TYR D CD2 1 
ATOM   1124 C  CE1 . TYR A 1 154 ? 4.068   0.714   8.955   1.00 41.26 ? 173 TYR D CE1 1 
ATOM   1125 C  CE2 . TYR A 1 154 ? 6.359   1.056   9.635   1.00 41.21 ? 173 TYR D CE2 1 
ATOM   1126 C  CZ  . TYR A 1 154 ? 5.062   1.530   9.489   1.00 41.20 ? 173 TYR D CZ  1 
ATOM   1127 O  OH  . TYR A 1 154 ? 4.758   2.817   9.869   1.00 41.13 ? 173 TYR D OH  1 
ATOM   1128 N  N   . LYS A 1 155 ? 6.177   -5.739  8.251   1.00 40.80 ? 174 LYS D N   1 
ATOM   1129 C  CA  . LYS A 1 155 ? 6.269   -7.020  7.533   1.00 40.51 ? 174 LYS D CA  1 
ATOM   1130 C  C   . LYS A 1 155 ? 5.046   -7.918  7.761   1.00 40.02 ? 174 LYS D C   1 
ATOM   1131 O  O   . LYS A 1 155 ? 4.503   -8.476  6.806   1.00 40.01 ? 174 LYS D O   1 
ATOM   1132 C  CB  . LYS A 1 155 ? 7.557   -7.761  7.920   1.00 40.96 ? 174 LYS D CB  1 
ATOM   1133 C  CG  . LYS A 1 155 ? 7.871   -9.003  7.090   1.00 41.35 ? 174 LYS D CG  1 
ATOM   1134 C  CD  . LYS A 1 155 ? 9.029   -9.808  7.670   1.00 41.67 ? 174 LYS D CD  1 
ATOM   1135 C  CE  . LYS A 1 155 ? 8.569   -10.894 8.637   1.00 41.79 ? 174 LYS D CE  1 
ATOM   1136 N  NZ  . LYS A 1 155 ? 8.212   -10.380 9.990   1.00 41.83 ? 174 LYS D NZ  1 
ATOM   1137 N  N   . ILE A 1 156 ? 4.624   -8.041  9.021   1.00 39.37 ? 175 ILE D N   1 
ATOM   1138 C  CA  . ILE A 1 156 ? 3.452   -8.844  9.400   1.00 38.76 ? 175 ILE D CA  1 
ATOM   1139 C  C   . ILE A 1 156 ? 2.152   -8.156  8.959   1.00 38.33 ? 175 ILE D C   1 
ATOM   1140 O  O   . ILE A 1 156 ? 1.247   -8.813  8.432   1.00 38.41 ? 175 ILE D O   1 
ATOM   1141 C  CB  . ILE A 1 156 ? 3.427   -9.166  10.924  1.00 38.72 ? 175 ILE D CB  1 
ATOM   1142 C  CG1 . ILE A 1 156 ? 4.753   -9.800  11.376  1.00 38.68 ? 175 ILE D CG1 1 
ATOM   1143 C  CG2 . ILE A 1 156 ? 2.265   -10.096 11.274  1.00 38.72 ? 175 ILE D CG2 1 
ATOM   1144 C  CD1 . ILE A 1 156 ? 5.077   -9.616  12.846  1.00 38.65 ? 175 ILE D CD1 1 
ATOM   1145 N  N   . TRP A 1 157 ? 2.083   -6.837  9.156   1.00 37.68 ? 176 TRP D N   1 
ATOM   1146 C  CA  . TRP A 1 157 ? 0.864   -6.059  8.910   1.00 37.22 ? 176 TRP D CA  1 
ATOM   1147 C  C   . TRP A 1 157 ? 0.502   -5.885  7.428   1.00 37.17 ? 176 TRP D C   1 
ATOM   1148 O  O   . TRP A 1 157 ? -0.660  -6.086  7.059   1.00 37.13 ? 176 TRP D O   1 
ATOM   1149 C  CB  . TRP A 1 157 ? 0.926   -4.700  9.619   1.00 36.98 ? 176 TRP D CB  1 
ATOM   1150 C  CG  . TRP A 1 157 ? -0.340  -3.903  9.482   1.00 36.75 ? 176 TRP D CG  1 
ATOM   1151 C  CD1 . TRP A 1 157 ? -1.466  -4.019  10.245  1.00 36.69 ? 176 TRP D CD1 1 
ATOM   1152 C  CD2 . TRP A 1 157 ? -0.612  -2.881  8.517   1.00 36.61 ? 176 TRP D CD2 1 
ATOM   1153 N  NE1 . TRP A 1 157 ? -2.422  -3.131  9.817   1.00 36.57 ? 176 TRP D NE1 1 
ATOM   1154 C  CE2 . TRP A 1 157 ? -1.926  -2.419  8.757   1.00 36.52 ? 176 TRP D CE2 1 
ATOM   1155 C  CE3 . TRP A 1 157 ? 0.128   -2.308  7.468   1.00 36.56 ? 176 TRP D CE3 1 
ATOM   1156 C  CZ2 . TRP A 1 157 ? -2.520  -1.405  7.992   1.00 36.44 ? 176 TRP D CZ2 1 
ATOM   1157 C  CZ3 . TRP A 1 157 ? -0.464  -1.298  6.702   1.00 36.49 ? 176 TRP D CZ3 1 
ATOM   1158 C  CH2 . TRP A 1 157 ? -1.777  -0.862  6.969   1.00 36.45 ? 176 TRP D CH2 1 
ATOM   1159 N  N   . ILE A 1 158 ? 1.477   -5.505  6.599   1.00 37.12 ? 177 ILE D N   1 
ATOM   1160 C  CA  . ILE A 1 158 ? 1.240   -5.286  5.156   1.00 36.99 ? 177 ILE D CA  1 
ATOM   1161 C  C   . ILE A 1 158 ? 0.937   -6.611  4.435   1.00 37.01 ? 177 ILE D C   1 
ATOM   1162 O  O   . ILE A 1 158 ? 0.127   -6.644  3.501   1.00 37.09 ? 177 ILE D O   1 
ATOM   1163 C  CB  . ILE A 1 158 ? 2.384   -4.502  4.453   1.00 36.93 ? 177 ILE D CB  1 
ATOM   1164 C  CG1 . ILE A 1 158 ? 2.719   -3.210  5.211   1.00 36.92 ? 177 ILE D CG1 1 
ATOM   1165 C  CG2 . ILE A 1 158 ? 1.971   -4.113  3.038   1.00 36.93 ? 177 ILE D CG2 1 
ATOM   1166 C  CD1 . ILE A 1 158 ? 4.108   -2.660  4.954   1.00 36.90 ? 177 ILE D CD1 1 
ATOM   1167 N  N   . SER A 1 159 ? 1.573   -7.692  4.891   1.00 37.03 ? 178 SER D N   1 
ATOM   1168 C  CA  . SER A 1 159 ? 1.290   -9.049  4.412   1.00 37.07 ? 178 SER D CA  1 
ATOM   1169 C  C   . SER A 1 159 ? -0.151  -9.479  4.713   1.00 37.09 ? 178 SER D C   1 
ATOM   1170 O  O   . SER A 1 159 ? -0.769  -10.195 3.919   1.00 37.13 ? 178 SER D O   1 
ATOM   1171 C  CB  . SER A 1 159 ? 2.278   -10.046 5.021   1.00 37.12 ? 178 SER D CB  1 
ATOM   1172 O  OG  . SER A 1 159 ? 2.143   -11.330 4.443   1.00 37.24 ? 178 SER D OG  1 
ATOM   1173 N  N   . TRP A 1 160 ? -0.670  -9.029  5.858   1.00 37.12 ? 179 TRP D N   1 
ATOM   1174 C  CA  . TRP A 1 160 ? -2.048  -9.296  6.278   1.00 37.12 ? 179 TRP D CA  1 
ATOM   1175 C  C   . TRP A 1 160 ? -3.077  -8.494  5.476   1.00 37.06 ? 179 TRP D C   1 
ATOM   1176 O  O   . TRP A 1 160 ? -4.148  -9.017  5.159   1.00 37.03 ? 179 TRP D O   1 
ATOM   1177 C  CB  . TRP A 1 160 ? -2.214  -9.032  7.780   1.00 37.18 ? 179 TRP D CB  1 
ATOM   1178 C  CG  . TRP A 1 160 ? -3.574  -9.385  8.323   1.00 37.28 ? 179 TRP D CG  1 
ATOM   1179 C  CD1 . TRP A 1 160 ? -3.980  -10.605 8.784   1.00 37.30 ? 179 TRP D CD1 1 
ATOM   1180 C  CD2 . TRP A 1 160 ? -4.699  -8.507  8.471   1.00 37.33 ? 179 TRP D CD2 1 
ATOM   1181 N  NE1 . TRP A 1 160 ? -5.286  -10.544 9.207   1.00 37.38 ? 179 TRP D NE1 1 
ATOM   1182 C  CE2 . TRP A 1 160 ? -5.754  -9.270  9.026   1.00 37.38 ? 179 TRP D CE2 1 
ATOM   1183 C  CE3 . TRP A 1 160 ? -4.920  -7.148  8.186   1.00 37.31 ? 179 TRP D CE3 1 
ATOM   1184 C  CZ2 . TRP A 1 160 ? -7.018  -8.721  9.303   1.00 37.45 ? 179 TRP D CZ2 1 
ATOM   1185 C  CZ3 . TRP A 1 160 ? -6.178  -6.600  8.463   1.00 37.36 ? 179 TRP D CZ3 1 
ATOM   1186 C  CH2 . TRP A 1 160 ? -7.210  -7.390  9.017   1.00 37.45 ? 179 TRP D CH2 1 
ATOM   1187 N  N   . THR A 1 161 ? -2.756  -7.234  5.167   1.00 37.06 ? 180 THR D N   1 
ATOM   1188 C  CA  . THR A 1 161 ? -3.639  -6.368  4.366   1.00 37.11 ? 180 THR D CA  1 
ATOM   1189 C  C   . THR A 1 161 ? -3.815  -6.917  2.950   1.00 37.24 ? 180 THR D C   1 
ATOM   1190 O  O   . THR A 1 161 ? -4.925  -6.899  2.414   1.00 37.32 ? 180 THR D O   1 
ATOM   1191 C  CB  . THR A 1 161 ? -3.152  -4.900  4.296   1.00 37.00 ? 180 THR D CB  1 
ATOM   1192 O  OG1 . THR A 1 161 ? -1.814  -4.852  3.787   1.00 36.97 ? 180 THR D OG1 1 
ATOM   1193 C  CG2 . THR A 1 161 ? -3.205  -4.234  5.669   1.00 36.96 ? 180 THR D CG2 1 
ATOM   1194 N  N   . THR A 1 162 ? -2.718  -7.417  2.375   1.00 37.33 ? 181 THR D N   1 
ATOM   1195 C  CA  . THR A 1 162 ? -2.702  -8.083  1.066   1.00 37.39 ? 181 THR D CA  1 
ATOM   1196 C  C   . THR A 1 162 ? -3.639  -9.298  1.037   1.00 37.50 ? 181 THR D C   1 
ATOM   1197 O  O   . THR A 1 162 ? -4.377  -9.483  0.065   1.00 37.61 ? 181 THR D O   1 
ATOM   1198 C  CB  . THR A 1 162 ? -1.266  -8.504  0.666   1.00 37.34 ? 181 THR D CB  1 
ATOM   1199 O  OG1 . THR A 1 162 ? -0.370  -7.399  0.841   1.00 37.39 ? 181 THR D OG1 1 
ATOM   1200 C  CG2 . THR A 1 162 ? -1.203  -8.966  -0.788  1.00 37.34 ? 181 THR D CG2 1 
ATOM   1201 N  N   . GLU A 1 163 ? -3.608  -10.099 2.106   1.00 37.60 ? 182 GLU D N   1 
ATOM   1202 C  CA  . GLU A 1 163 ? -4.490  -11.264 2.274   1.00 37.76 ? 182 GLU D CA  1 
ATOM   1203 C  C   . GLU A 1 163 ? -5.973  -10.899 2.207   1.00 37.76 ? 182 GLU D C   1 
ATOM   1204 O  O   . GLU A 1 163 ? -6.766  -11.625 1.599   1.00 37.86 ? 182 GLU D O   1 
ATOM   1205 C  CB  . GLU A 1 163 ? -4.210  -11.976 3.601   1.00 38.00 ? 182 GLU D CB  1 
ATOM   1206 C  CG  . GLU A 1 163 ? -2.964  -12.845 3.625   1.00 38.21 ? 182 GLU D CG  1 
ATOM   1207 C  CD  . GLU A 1 163 ? -2.848  -13.647 4.908   1.00 38.41 ? 182 GLU D CD  1 
ATOM   1208 O  OE1 . GLU A 1 163 ? -3.650  -14.586 5.106   1.00 38.45 ? 182 GLU D OE1 1 
ATOM   1209 O  OE2 . GLU A 1 163 ? -1.952  -13.339 5.722   1.00 38.47 ? 182 GLU D OE2 1 
ATOM   1210 N  N   . LYS A 1 164 ? -6.330  -9.775  2.827   1.00 37.72 ? 183 LYS D N   1 
ATOM   1211 C  CA  . LYS A 1 164 ? -7.716  -9.299  2.880   1.00 37.59 ? 183 LYS D CA  1 
ATOM   1212 C  C   . LYS A 1 164 ? -8.140  -8.588  1.597   1.00 37.48 ? 183 LYS D C   1 
ATOM   1213 O  O   . LYS A 1 164 ? -9.328  -8.579  1.255   1.00 37.42 ? 183 LYS D O   1 
ATOM   1214 C  CB  . LYS A 1 164 ? -7.949  -8.408  4.113   1.00 37.55 ? 183 LYS D CB  1 
ATOM   1215 C  CG  . LYS A 1 164 ? -7.530  -9.029  5.446   1.00 37.54 ? 183 LYS D CG  1 
ATOM   1216 C  CD  . LYS A 1 164 ? -8.213  -10.366 5.712   1.00 37.61 ? 183 LYS D CD  1 
ATOM   1217 C  CE  . LYS A 1 164 ? -7.329  -11.285 6.538   1.00 37.76 ? 183 LYS D CE  1 
ATOM   1218 N  NZ  . LYS A 1 164 ? -7.973  -12.605 6.786   1.00 37.82 ? 183 LYS D NZ  1 
ATOM   1219 N  N   . ILE A 1 165 ? -7.168  -7.992  0.903   1.00 37.43 ? 184 ILE D N   1 
ATOM   1220 C  CA  . ILE A 1 165 ? -7.375  -7.424  -0.434  1.00 37.43 ? 184 ILE D CA  1 
ATOM   1221 C  C   . ILE A 1 165 ? -7.609  -8.565  -1.444  1.00 37.58 ? 184 ILE D C   1 
ATOM   1222 O  O   . ILE A 1 165 ? -8.516  -8.480  -2.278  1.00 37.59 ? 184 ILE D O   1 
ATOM   1223 C  CB  . ILE A 1 165 ? -6.219  -6.468  -0.843  1.00 37.27 ? 184 ILE D CB  1 
ATOM   1224 C  CG1 . ILE A 1 165 ? -6.264  -5.183  -0.003  1.00 37.18 ? 184 ILE D CG1 1 
ATOM   1225 C  CG2 . ILE A 1 165 ? -6.301  -6.084  -2.315  1.00 37.29 ? 184 ILE D CG2 1 
ATOM   1226 C  CD1 . ILE A 1 165 ? -4.948  -4.436  0.105   1.00 37.10 ? 184 ILE D CD1 1 
ATOM   1227 N  N   . ARG A 1 166 ? -6.810  -9.630  -1.333  1.00 37.71 ? 185 ARG D N   1 
ATOM   1228 C  CA  . ARG A 1 166 ? -6.981  -10.859 -2.123  1.00 37.91 ? 185 ARG D CA  1 
ATOM   1229 C  C   . ARG A 1 166 ? -8.355  -11.506 -1.927  1.00 38.23 ? 185 ARG D C   1 
ATOM   1230 O  O   . ARG A 1 166 ? -8.959  -11.978 -2.894  1.00 38.23 ? 185 ARG D O   1 
ATOM   1231 C  CB  . ARG A 1 166 ? -5.890  -11.876 -1.784  1.00 37.79 ? 185 ARG D CB  1 
ATOM   1232 C  CG  . ARG A 1 166 ? -4.569  -11.667 -2.508  1.00 37.69 ? 185 ARG D CG  1 
ATOM   1233 C  CD  . ARG A 1 166 ? -3.483  -12.560 -1.927  1.00 37.66 ? 185 ARG D CD  1 
ATOM   1234 N  NE  . ARG A 1 166 ? -3.748  -13.982 -2.158  1.00 37.66 ? 185 ARG D NE  1 
ATOM   1235 C  CZ  . ARG A 1 166 ? -3.217  -14.986 -1.459  1.00 37.67 ? 185 ARG D CZ  1 
ATOM   1236 N  NH1 . ARG A 1 166 ? -3.537  -16.235 -1.766  1.00 37.62 ? 185 ARG D NH1 1 
ATOM   1237 N  NH2 . ARG A 1 166 ? -2.377  -14.756 -0.455  1.00 37.65 ? 185 ARG D NH2 1 
ATOM   1238 N  N   . GLU A 1 167 ? -8.827  -11.517 -0.676  1.00 38.65 ? 186 GLU D N   1 
ATOM   1239 C  CA  . GLU A 1 167 ? -10.147 -12.047 -0.307  1.00 39.09 ? 186 GLU D CA  1 
ATOM   1240 C  C   . GLU A 1 167 ? -11.302 -11.347 -1.020  1.00 39.28 ? 186 GLU D C   1 
ATOM   1241 O  O   . GLU A 1 167 ? -12.274 -11.998 -1.405  1.00 39.34 ? 186 GLU D O   1 
ATOM   1242 C  CB  . GLU A 1 167 ? -10.353 -11.982 1.209   1.00 39.31 ? 186 GLU D CB  1 
ATOM   1243 C  CG  . GLU A 1 167 ? -9.765  -13.159 1.975   1.00 39.54 ? 186 GLU D CG  1 
ATOM   1244 C  CD  . GLU A 1 167 ? -9.991  -13.070 3.476   1.00 39.76 ? 186 GLU D CD  1 
ATOM   1245 O  OE1 . GLU A 1 167 ? -11.115 -12.727 3.907   1.00 39.84 ? 186 GLU D OE1 1 
ATOM   1246 O  OE2 . GLU A 1 167 ? -9.040  -13.360 4.232   1.00 39.84 ? 186 GLU D OE2 1 
ATOM   1247 N  N   . GLY A 1 168 ? -11.184 -10.030 -1.189  1.00 39.42 ? 187 GLY D N   1 
ATOM   1248 C  CA  . GLY A 1 168 ? -12.162 -9.235  -1.933  1.00 39.79 ? 187 GLY D CA  1 
ATOM   1249 C  C   . GLY A 1 168 ? -12.171 -9.520  -3.425  1.00 40.10 ? 187 GLY D C   1 
ATOM   1250 O  O   . GLY A 1 168 ? -13.209 -9.386  -4.080  1.00 40.17 ? 187 GLY D O   1 
ATOM   1251 N  N   . PHE A 1 169 ? -11.010 -9.913  -3.953  1.00 40.37 ? 188 PHE D N   1 
ATOM   1252 C  CA  . PHE A 1 169 ? -10.844 -10.255 -5.369  1.00 40.63 ? 188 PHE D CA  1 
ATOM   1253 C  C   . PHE A 1 169 ? -11.383 -11.651 -5.710  1.00 41.06 ? 188 PHE D C   1 
ATOM   1254 O  O   . PHE A 1 169 ? -11.933 -11.850 -6.797  1.00 41.18 ? 188 PHE D O   1 
ATOM   1255 C  CB  . PHE A 1 169 ? -9.370  -10.123 -5.780  1.00 40.39 ? 188 PHE D CB  1 
ATOM   1256 C  CG  . PHE A 1 169 ? -9.139  -10.167 -7.270  1.00 40.22 ? 188 PHE D CG  1 
ATOM   1257 C  CD1 . PHE A 1 169 ? -9.362  -9.037  -8.064  1.00 40.12 ? 188 PHE D CD1 1 
ATOM   1258 C  CD2 . PHE A 1 169 ? -8.682  -11.336 -7.883  1.00 40.06 ? 188 PHE D CD2 1 
ATOM   1259 C  CE1 . PHE A 1 169 ? -9.146  -9.077  -9.438  1.00 39.99 ? 188 PHE D CE1 1 
ATOM   1260 C  CE2 . PHE A 1 169 ? -8.463  -11.381 -9.257  1.00 40.00 ? 188 PHE D CE2 1 
ATOM   1261 C  CZ  . PHE A 1 169 ? -8.696  -10.250 -10.035 1.00 39.98 ? 188 PHE D CZ  1 
ATOM   1262 N  N   . ARG A 1 170 ? -11.214 -12.605 -4.790  1.00 41.51 ? 189 ARG D N   1 
ATOM   1263 C  CA  . ARG A 1 170 ? -11.710 -13.980 -4.964  1.00 41.99 ? 189 ARG D CA  1 
ATOM   1264 C  C   . ARG A 1 170 ? -13.234 -14.051 -4.851  1.00 42.55 ? 189 ARG D C   1 
ATOM   1265 O  O   . ARG A 1 170 ? -13.895 -14.685 -5.679  1.00 42.65 ? 189 ARG D O   1 
ATOM   1266 C  CB  . ARG A 1 170 ? -11.096 -14.940 -3.933  1.00 41.85 ? 189 ARG D CB  1 
ATOM   1267 C  CG  . ARG A 1 170 ? -9.584  -15.072 -3.944  1.00 41.61 ? 189 ARG D CG  1 
ATOM   1268 C  CD  . ARG A 1 170 ? -9.166  -16.301 -3.151  1.00 41.50 ? 189 ARG D CD  1 
ATOM   1269 N  NE  . ARG A 1 170 ? -8.182  -15.988 -2.114  1.00 41.38 ? 189 ARG D NE  1 
ATOM   1270 C  CZ  . ARG A 1 170 ? -8.474  -15.732 -0.838  1.00 41.25 ? 189 ARG D CZ  1 
ATOM   1271 N  NH1 . ARG A 1 170 ? -7.497  -15.462 0.016   1.00 41.16 ? 189 ARG D NH1 1 
ATOM   1272 N  NH2 . ARG A 1 170 ? -9.731  -15.744 -0.407  1.00 41.20 ? 189 ARG D NH2 1 
ATOM   1273 N  N   . GLU A 1 171 ? -13.763 -13.401 -3.810  1.00 43.26 ? 190 GLU D N   1 
ATOM   1274 C  CA  . GLU A 1 171 ? -15.187 -13.390 -3.457  1.00 43.95 ? 190 GLU D CA  1 
ATOM   1275 C  C   . GLU A 1 171 ? -16.060 -12.810 -4.574  1.00 44.07 ? 190 GLU D C   1 
ATOM   1276 O  O   . GLU A 1 171 ? -15.870 -11.674 -5.004  1.00 44.18 ? 190 GLU D O   1 
ATOM   1277 C  CB  . GLU A 1 171 ? -15.371 -12.616 -2.139  1.00 44.45 ? 190 GLU D CB  1 
ATOM   1278 C  CG  . GLU A 1 171 ? -16.768 -12.088 -1.838  1.00 45.05 ? 190 GLU D CG  1 
ATOM   1279 C  CD  . GLU A 1 171 ? -16.744 -10.822 -0.998  1.00 45.48 ? 190 GLU D CD  1 
ATOM   1280 O  OE1 . GLU A 1 171 ? -16.251 -10.867 0.151   1.00 45.67 ? 190 GLU D OE1 1 
ATOM   1281 O  OE2 . GLU A 1 171 ? -17.227 -9.778  -1.486  1.00 45.63 ? 190 GLU D OE2 1 
ATOM   1282 O  OXT . GLU A 1 171 ? -16.974 -13.469 -5.069  1.00 44.14 ? 190 GLU D OXT 1 
HETATM 1283 C  CHA . HEM B 2 .   ? -7.792  0.750   -8.911  1.00 35.81 ? 201 HEM D CHA 1 
HETATM 1284 C  CHB . HEM B 2 .   ? -5.870  0.505   -4.463  1.00 35.54 ? 201 HEM D CHB 1 
HETATM 1285 C  CHC . HEM B 2 .   ? -2.789  -2.875  -6.158  1.00 35.34 ? 201 HEM D CHC 1 
HETATM 1286 C  CHD . HEM B 2 .   ? -3.756  -1.298  -10.621 1.00 35.57 ? 201 HEM D CHD 1 
HETATM 1287 C  C1A . HEM B 2 .   ? -7.612  0.889   -7.554  1.00 35.85 ? 201 HEM D C1A 1 
HETATM 1288 C  C2A . HEM B 2 .   ? -8.509  1.535   -6.668  1.00 35.99 ? 201 HEM D C2A 1 
HETATM 1289 C  C3A . HEM B 2 .   ? -7.972  1.471   -5.414  1.00 35.85 ? 201 HEM D C3A 1 
HETATM 1290 C  C4A . HEM B 2 .   ? -6.738  0.782   -5.517  1.00 35.70 ? 201 HEM D C4A 1 
HETATM 1291 C  CMA . HEM B 2 .   ? -8.585  2.027   -4.144  1.00 35.84 ? 201 HEM D CMA 1 
HETATM 1292 C  CAA . HEM B 2 .   ? -9.820  2.187   -7.050  1.00 36.32 ? 201 HEM D CAA 1 
HETATM 1293 C  CBA . HEM B 2 .   ? -9.501  3.603   -7.545  1.00 36.78 ? 201 HEM D CBA 1 
HETATM 1294 C  CGA . HEM B 2 .   ? -10.726 4.475   -7.520  1.00 37.10 ? 201 HEM D CGA 1 
HETATM 1295 O  O1A . HEM B 2 .   ? -10.871 5.310   -6.600  1.00 37.29 ? 201 HEM D O1A 1 
HETATM 1296 O  O2A . HEM B 2 .   ? -11.592 4.372   -8.419  1.00 37.30 ? 201 HEM D O2A 1 
HETATM 1297 C  C1B . HEM B 2 .   ? -4.889  -0.505  -4.504  1.00 35.40 ? 201 HEM D C1B 1 
HETATM 1298 C  C2B . HEM B 2 .   ? -4.212  -1.042  -3.362  1.00 35.34 ? 201 HEM D C2B 1 
HETATM 1299 C  C3B . HEM B 2 .   ? -3.341  -1.996  -3.823  1.00 35.34 ? 201 HEM D C3B 1 
HETATM 1300 C  C4B . HEM B 2 .   ? -3.504  -2.026  -5.297  1.00 35.35 ? 201 HEM D C4B 1 
HETATM 1301 C  CMB . HEM B 2 .   ? -4.400  -0.646  -1.912  1.00 35.32 ? 201 HEM D CMB 1 
HETATM 1302 C  CAB . HEM B 2 .   ? -2.417  -2.833  -3.028  1.00 35.32 ? 201 HEM D CAB 1 
HETATM 1303 C  CBB . HEM B 2 .   ? -2.695  -4.116  -2.806  1.00 35.35 ? 201 HEM D CBB 1 
HETATM 1304 C  C1C . HEM B 2 .   ? -2.717  -2.721  -7.547  1.00 35.40 ? 201 HEM D C1C 1 
HETATM 1305 C  C2C . HEM B 2 .   ? -1.815  -3.362  -8.422  1.00 35.40 ? 201 HEM D C2C 1 
HETATM 1306 C  C3C . HEM B 2 .   ? -2.095  -2.905  -9.707  1.00 35.44 ? 201 HEM D C3C 1 
HETATM 1307 C  C4C . HEM B 2 .   ? -3.176  -1.987  -9.596  1.00 35.43 ? 201 HEM D C4C 1 
HETATM 1308 C  CMC . HEM B 2 .   ? -0.747  -4.362  -8.043  1.00 35.31 ? 201 HEM D CMC 1 
HETATM 1309 C  CAC . HEM B 2 .   ? -1.415  -3.302  -10.959 1.00 35.44 ? 201 HEM D CAC 1 
HETATM 1310 C  CBC . HEM B 2 .   ? -0.648  -2.431  -11.605 1.00 35.48 ? 201 HEM D CBC 1 
HETATM 1311 C  C1D . HEM B 2 .   ? -4.986  -0.662  -10.476 1.00 35.70 ? 201 HEM D C1D 1 
HETATM 1312 C  C2D . HEM B 2 .   ? -5.740  -0.234  -11.664 1.00 35.75 ? 201 HEM D C2D 1 
HETATM 1313 C  C3D . HEM B 2 .   ? -6.869  0.345   -11.197 1.00 35.90 ? 201 HEM D C3D 1 
HETATM 1314 C  C4D . HEM B 2 .   ? -6.785  0.251   -9.724  1.00 35.80 ? 201 HEM D C4D 1 
HETATM 1315 C  CMD . HEM B 2 .   ? -5.307  -0.417  -13.109 1.00 35.73 ? 201 HEM D CMD 1 
HETATM 1316 C  CAD . HEM B 2 .   ? -8.003  0.958   -12.001 1.00 36.19 ? 201 HEM D CAD 1 
HETATM 1317 C  CBD . HEM B 2 .   ? -7.555  2.245   -12.705 1.00 36.60 ? 201 HEM D CBD 1 
HETATM 1318 C  CGD . HEM B 2 .   ? -8.630  3.298   -12.647 1.00 36.86 ? 201 HEM D CGD 1 
HETATM 1319 O  O1D . HEM B 2 .   ? -8.548  4.221   -11.805 1.00 37.00 ? 201 HEM D O1D 1 
HETATM 1320 O  O2D . HEM B 2 .   ? -9.597  3.256   -13.441 1.00 37.05 ? 201 HEM D O2D 1 
HETATM 1321 N  NA  . HEM B 2 .   ? -6.530  0.452   -6.839  1.00 35.72 ? 201 HEM D NA  1 
HETATM 1322 N  NB  . HEM B 2 .   ? -4.437  -1.115  -5.602  1.00 35.42 ? 201 HEM D NB  1 
HETATM 1323 N  NC  . HEM B 2 .   ? -3.507  -1.879  -8.282  1.00 35.43 ? 201 HEM D NC  1 
HETATM 1324 N  ND  . HEM B 2 .   ? -5.638  -0.348  -9.337  1.00 35.69 ? 201 HEM D ND  1 
HETATM 1325 FE FE  . HEM B 2 .   ? -5.084  -0.711  -7.558  1.00 35.48 ? 201 HEM D FE  1 
HETATM 1326 CL CL  . CL  C 3 .   ? -16.058 -2.287  13.737  1.00 42.39 ? 202 CL  D CL  1 
HETATM 1327 O  O   . HOH D 4 .   ? 6.080   -2.403  19.567  1.00 27.44 ? 301 HOH D O   1 
HETATM 1328 O  O   . HOH D 4 .   ? -4.834  -2.165  10.697  1.00 33.08 ? 302 HOH D O   1 
HETATM 1329 O  O   . HOH D 4 .   ? -5.156  -14.415 1.087   1.00 41.49 ? 303 HOH D O   1 
HETATM 1330 O  O   . HOH D 4 .   ? -14.363 3.466   5.830   1.00 27.28 ? 304 HOH D O   1 
HETATM 1331 O  O   . HOH D 4 .   ? 9.675   3.127   -14.562 1.00 30.89 ? 305 HOH D O   1 
HETATM 1332 O  O   . HOH D 4 .   ? 0.374   -12.046 6.984   1.00 38.95 ? 306 HOH D O   1 
HETATM 1333 O  O   . HOH D 4 .   ? 7.047   -8.873  -13.485 1.00 30.42 ? 307 HOH D O   1 
HETATM 1334 O  O   . HOH D 4 .   ? -11.979 1.102   -0.221  1.00 36.83 ? 308 HOH D O   1 
HETATM 1335 O  O   . HOH D 4 .   ? -8.770  0.260   3.009   1.00 33.27 ? 309 HOH D O   1 
HETATM 1336 O  O   . HOH D 4 .   ? 2.424   -8.574  16.211  1.00 36.25 ? 310 HOH D O   1 
HETATM 1337 O  O   . HOH D 4 .   ? -6.693  -15.155 3.586   1.00 43.43 ? 311 HOH D O   1 
HETATM 1338 O  O   . HOH D 4 .   ? -13.625 -4.197  16.050  1.00 35.74 ? 312 HOH D O   1 
HETATM 1339 O  O   . HOH D 4 .   ? -6.721  2.739   14.767  1.00 28.13 ? 313 HOH D O   1 
HETATM 1340 O  O   . HOH D 4 .   ? -4.938  1.792   17.303  1.00 37.66 ? 314 HOH D O   1 
HETATM 1341 O  O   . HOH D 4 .   ? -4.497  -13.035 11.979  1.00 35.24 ? 315 HOH D O   1 
HETATM 1342 O  O   . HOH D 4 .   ? 9.553   2.076   16.725  1.00 30.59 ? 316 HOH D O   1 
HETATM 1343 O  O   . HOH D 4 .   ? -1.997  -11.716 17.150  1.00 24.91 ? 317 HOH D O   1 
HETATM 1344 O  O   . HOH D 4 .   ? -10.222 6.757   -12.822 1.00 33.72 ? 318 HOH D O   1 
HETATM 1345 O  O   . HOH D 4 .   ? -17.706 -6.481  2.325   1.00 22.83 ? 319 HOH D O   1 
HETATM 1346 O  O   . HOH D 4 .   ? -16.933 -2.466  -6.625  1.00 29.26 ? 320 HOH D O   1 
HETATM 1347 O  O   . HOH D 4 .   ? -6.003  4.428   -9.714  1.00 31.18 ? 321 HOH D O   1 
HETATM 1348 O  O   . HOH D 4 .   ? -7.419  7.015   -10.405 1.00 27.22 ? 322 HOH D O   1 
HETATM 1349 O  O   . HOH D 4 .   ? 14.495  2.336   -7.182  1.00 42.41 ? 323 HOH D O   1 
HETATM 1350 O  O   . HOH D 4 .   ? -1.781  -14.777 -4.896  1.00 47.78 ? 324 HOH D O   1 
HETATM 1351 O  O   . HOH D 4 .   ? -9.311  5.540   -3.465  1.00 33.45 ? 325 HOH D O   1 
HETATM 1352 O  O   . HOH D 4 .   ? -9.424  4.212   1.534   1.00 38.72 ? 326 HOH D O   1 
HETATM 1353 O  O   . HOH D 4 .   ? -14.000 -12.417 15.720  1.00 34.22 ? 327 HOH D O   1 
HETATM 1354 O  O   . HOH D 4 .   ? -19.537 -1.517  -0.502  1.00 20.26 ? 328 HOH D O   1 
HETATM 1355 O  O   . HOH D 4 .   ? -13.238 4.809   3.386   1.00 24.17 ? 329 HOH D O   1 
HETATM 1356 O  O   . HOH D 4 .   ? 17.251  0.497   0.278   1.00 39.93 ? 330 HOH D O   1 
HETATM 1357 O  O   . HOH D 4 .   ? 8.813   14.867  -23.493 1.00 31.47 ? 331 HOH D O   1 
HETATM 1358 O  O   . HOH D 4 .   ? -10.103 10.247  4.387   1.00 32.71 ? 332 HOH D O   1 
HETATM 1359 O  O   . HOH D 4 .   ? -8.379  -0.399  -16.210 1.00 22.34 ? 333 HOH D O   1 
# 
